data_7TTC
#
_entry.id   7TTC
#
_cell.length_a   1.00
_cell.length_b   1.00
_cell.length_c   1.00
_cell.angle_alpha   90.00
_cell.angle_beta   90.00
_cell.angle_gamma   90.00
#
_symmetry.space_group_name_H-M   'P 1'
#
loop_
_entity.id
_entity.type
_entity.pdbx_description
1 polymer 'Outer membrane protein assembly factor BamB'
2 polymer 'Outer membrane protein assembly factor BamA'
3 polymer 'Outer membrane protein assembly factor BamE'
4 polymer 'Outer membrane protein assembly factor BamD'
5 polymer 'Outer membrane protein assembly factor BamC'
6 polymer 'Serine protease EspP'
7 non-polymer 2,3-dideoxy-6-O-[2-deoxy-4-O-phosphono-2-(tetradecanoylamino)-alpha-L-gulopyranosyl]-1-O-phosphono-beta-D-threo-hexopyranose
#
loop_
_entity_poly.entity_id
_entity_poly.type
_entity_poly.pdbx_seq_one_letter_code
_entity_poly.pdbx_strand_id
1 'polypeptide(L)'
;CSLFNSEEDVVKMSPLPTVENQFTPTTAWSTSVGSGIGNFYSNLHPALADNVVYAADRAGLVKALNADDGKEIWSVSLAE
KDGWFSKEPALLSGGVTVSGGHVYIGSEKAQVYALNTSDGTVAWQTKVAGEALSRPVVSDGLVLIHTSNGQLQALNEADG
AVKWTVNLDMPSLSLRGESAPTTAFGAAVVGGDNGRVSAVLMEQGQMIWQQRISQATGSTEIDRLSDVDTTPVVVNGVVF
ALAYNGNLTALDLRSGQIMWKRELGSVNDFIVDGNRIYLVDQNDRVMALTIDGGVTLWTQSDLLHRLLTSPVLYNGNLVV
GDSEGYLHWINVEDGRFVAQQKVDSSGFQTEPVAADGKLLIQAKDGTVYSITR
;
B
2 'polypeptide(L)'
;AHHHHHHHHGGEGFVVKDIHFEGLQRVAVGAALLSMPVRTGDTVNDEDISNTIRALFATGNFEDVRVLRDGDTLLVQVKE
RPTIASITFSGNKSVKDDMLKQNLEASGVRVGESLDRTTIADIEKGLEDFYYSVGKYSASVKAVVTPLPRNRVDLKLVFQ
EGVSAEIQQINIVGNHAFTTDELISHFQLRDEVPWWNVVGDRKYQKQKLAGDLETLRSYYLDRGYARFNIDSTQVSLTPD
KKGIYVTVNITEGDQYKLSGVEVSGNLAGHSAEIEQLTKIEPGELYNGTKVTKMEDDIKKLLGRYGYAYPRVQSMPEIND
ADKTVKLRVNVDAGNRFYVRKIRFEGNDTSKDAVLRREMRQMEGAWLGSDLVDQGKERLNRLGFFETVDTDTQRVPGSPD
QVDVVYKVKERNTGCFNFGIGYGTESGVSFQAGVQQDNWLGTGYAVGINGTKNDYQTYAELSVTNPYFTVDGVSLGGRLF
YNDFQADDADLSDYTNKSYGTDVTLGFPINEYNSLRAGLGYVHNSLSNMQPQVAMWRYLYSMGEHPSTSDQDNSFKTDDF
TFNYGWTYNKLDRGYFPTDGSRVNLTGKVTIPGSDNEYYKVTLDTATYVPIDDDHKWVVLGRTRWGYGDGLGGKEMPFYE
NFYAGGSSTVRGFQSNTIGPKAVYFPHQASNYDPDYDYECATQDGAKDLCKSDDAVGGNAMAVASLEFITPTPFISDKYA
NSVRTSFFWDMGTVWDTNWDSSQYSGYPDYSDPSNIRMSAGIALQWMSPLGPLVFSYAQPFKKYDGDKAEQFQFNIGKTW
;
A
3 'polypeptide(L)'
;CSTLERVVYRPDINQGNYLTANDVSKIRVGMTQQQVAYALGTPLMSDPFGTNTWFYVFRQQPGHEGVTQQTLTLTFNSSG
VLTNIDNKPALSGN
;
E
4 'polypeptide(L)'
;CSGSKEEVPDNPPNEIYATAQQKLQDGNWRQAITQLEALDNRYPFGPYSQQVQLDLIYAYYKNADLPLAQAAIDRFIRLN
PTHPNIDYVMYMRGLTNMALDDSALQGFFGVDRSDRDPQHARAAFSDFSKLVRGYPNSQYTTDATKRLVFLKDRLAKYEY
SVAEYYTERGAWVAVVNRVEGMLRDYPDTQATRDALPLMENAYRQMQMNAQAEKVAKIIAANSSNT
;
D
5 'polypeptide(L)'
;CSSDSRYKRQVSGDEAYLEAAPLAELHAPAGMILPVTSGDYAIPVTNGSGAVGKALDIRPPAQPLALVSGARTQFTGDTA
SLLVENGRGNTLWPQVVSVLQAKNYTITQRDDAGQTLTTDWVQWNRLDEDEQYRGRYQISVKPQGYQQAVTVKLLNLEQA
GKPVADAASMQRYSTEMMNVISAGLDKSATDAANAAQNRASTTMDVQSAADDTGLPMLVVRGPFNVVWQRLPAALEKVGM
KVTDSTRSQGNMAVTYKPLSDSDWQELGASDPGLASGDYKLQVGDLDNRSSLQFIDPKGHTLTQSQNDALVAVFQAAFSK
;
C
6 'polypeptide(L)'
;NLNKRMGDLRDINGEAGAWARIMSGTGSASGGFSDNYTHVQVGVDKKHELDGLDLFTGFTVTHTDSSASADVFSGKTKSV
GAGLYASAMFDSGAYIDLIGKYVHHDNEYTATFAGLGTRDYSTHSWYAGAEAGYRYHVTEDAWIEPQAELVYGSVSGKQF
AWKDQGMHLSMKDKDYNPLIGRTGVDVGKSFSGKDWKVTARAGLGYQFDLLANGETVLRDASGEKRIKGEKDSRMLMSVG
LNAEIRDNVRFGLEFEKSAFGKYNVDNAVNANFRYCF
;
P
#
# COMPACT_ATOMS: atom_id res chain seq x y z
N VAL A 11 -32.40 27.09 10.23
CA VAL A 11 -32.06 25.88 9.49
C VAL A 11 -33.14 25.55 8.48
N LYS A 12 -34.35 25.32 8.99
CA LYS A 12 -35.47 24.95 8.15
C LYS A 12 -36.24 26.19 7.68
N MET A 13 -36.83 26.08 6.50
CA MET A 13 -37.62 27.17 5.96
C MET A 13 -38.92 27.34 6.75
N SER A 14 -39.33 28.59 6.94
CA SER A 14 -40.61 28.86 7.57
C SER A 14 -41.74 28.31 6.71
N PRO A 15 -42.86 27.93 7.31
CA PRO A 15 -43.99 27.45 6.52
C PRO A 15 -44.66 28.59 5.77
N LEU A 16 -45.44 28.21 4.77
CA LEU A 16 -46.22 29.19 4.02
C LEU A 16 -47.15 29.95 4.97
N PRO A 17 -47.15 31.28 4.93
CA PRO A 17 -48.04 32.04 5.82
C PRO A 17 -49.50 31.66 5.60
N THR A 18 -50.27 31.81 6.67
CA THR A 18 -51.70 31.53 6.66
C THR A 18 -52.53 32.76 6.35
N VAL A 19 -51.88 33.86 5.96
CA VAL A 19 -52.58 35.12 5.73
C VAL A 19 -53.47 34.99 4.51
N GLU A 20 -54.73 35.40 4.66
CA GLU A 20 -55.67 35.38 3.55
C GLU A 20 -55.29 36.41 2.50
N ASN A 21 -55.41 36.02 1.23
CA ASN A 21 -55.04 36.89 0.11
C ASN A 21 -56.11 37.96 -0.06
N GLN A 22 -55.72 39.21 0.18
CA GLN A 22 -56.63 40.35 0.13
C GLN A 22 -56.78 40.93 -1.26
N PHE A 23 -56.05 40.40 -2.24
CA PHE A 23 -56.07 40.90 -3.60
C PHE A 23 -56.64 39.85 -4.53
N THR A 24 -56.87 40.24 -5.78
CA THR A 24 -57.34 39.36 -6.85
C THR A 24 -56.36 39.33 -8.02
N PRO A 25 -55.10 38.99 -7.78
CA PRO A 25 -54.14 38.91 -8.89
C PRO A 25 -54.40 37.69 -9.75
N THR A 26 -53.94 37.77 -10.99
CA THR A 26 -53.96 36.60 -11.86
C THR A 26 -52.89 36.73 -12.94
N THR A 27 -52.48 35.58 -13.45
CA THR A 27 -51.50 35.52 -14.53
C THR A 27 -52.20 35.86 -15.83
N ALA A 28 -51.69 36.85 -16.56
CA ALA A 28 -52.32 37.23 -17.81
C ALA A 28 -52.08 36.19 -18.89
N TRP A 29 -50.86 35.66 -18.98
CA TRP A 29 -50.66 34.50 -19.85
C TRP A 29 -49.37 33.79 -19.44
N SER A 30 -49.20 32.57 -19.92
CA SER A 30 -47.98 31.83 -19.63
C SER A 30 -47.67 30.89 -20.78
N THR A 31 -46.40 30.50 -20.86
CA THR A 31 -46.01 29.49 -21.84
C THR A 31 -44.69 28.87 -21.42
N SER A 32 -44.50 27.61 -21.80
CA SER A 32 -43.24 26.93 -21.55
C SER A 32 -42.14 27.49 -22.45
N VAL A 33 -40.92 27.49 -21.94
CA VAL A 33 -39.77 27.91 -22.72
C VAL A 33 -38.60 26.96 -22.47
N GLY A 34 -38.36 26.08 -23.43
CA GLY A 34 -37.24 25.17 -23.41
C GLY A 34 -37.28 24.20 -22.24
N SER A 35 -36.09 23.88 -21.72
CA SER A 35 -35.97 22.91 -20.64
C SER A 35 -36.05 23.52 -19.25
N GLY A 36 -35.67 24.78 -19.09
CA GLY A 36 -35.65 25.42 -17.80
C GLY A 36 -34.25 25.51 -17.21
N ILE A 37 -34.09 26.48 -16.31
CA ILE A 37 -32.80 26.70 -15.65
C ILE A 37 -32.54 25.61 -14.62
N GLY A 38 -33.57 25.23 -13.88
CA GLY A 38 -33.43 24.19 -12.88
C GLY A 38 -32.48 24.56 -11.76
N ASN A 39 -31.57 23.65 -11.44
CA ASN A 39 -30.66 23.86 -10.30
C ASN A 39 -29.49 24.79 -10.59
N PHE A 40 -29.31 25.25 -11.81
CA PHE A 40 -28.16 26.10 -12.11
C PHE A 40 -28.48 27.54 -11.76
N TYR A 41 -27.65 28.17 -10.94
CA TYR A 41 -27.86 29.56 -10.57
C TYR A 41 -27.33 30.47 -11.67
N SER A 42 -28.19 31.34 -12.18
CA SER A 42 -27.83 32.22 -13.29
C SER A 42 -28.78 33.42 -13.28
N ASN A 43 -28.49 34.39 -14.14
CA ASN A 43 -29.31 35.57 -14.29
C ASN A 43 -30.08 35.59 -15.61
N LEU A 44 -30.62 34.45 -16.03
CA LEU A 44 -31.34 34.36 -17.31
C LEU A 44 -32.79 34.82 -17.15
N HIS A 45 -32.92 36.02 -16.70
CA HIS A 45 -34.24 36.62 -16.59
C HIS A 45 -34.74 37.07 -17.95
N PRO A 46 -36.06 37.16 -18.10
CA PRO A 46 -36.64 37.69 -19.34
C PRO A 46 -36.49 39.20 -19.43
N ALA A 47 -36.77 39.71 -20.63
CA ALA A 47 -36.75 41.13 -20.90
C ALA A 47 -37.92 41.48 -21.81
N LEU A 48 -38.40 42.71 -21.67
CA LEU A 48 -39.51 43.22 -22.47
C LEU A 48 -39.14 44.56 -23.08
N ALA A 49 -39.40 44.70 -24.37
CA ALA A 49 -39.20 45.98 -25.03
C ALA A 49 -40.19 46.11 -26.18
N ASP A 50 -40.77 47.29 -26.29
CA ASP A 50 -41.65 47.63 -27.41
C ASP A 50 -42.72 46.57 -27.65
N ASN A 51 -43.32 46.09 -26.55
CA ASN A 51 -44.34 45.05 -26.56
C ASN A 51 -43.86 43.69 -27.04
N VAL A 52 -42.56 43.43 -27.09
CA VAL A 52 -42.04 42.11 -27.43
C VAL A 52 -41.25 41.58 -26.25
N VAL A 53 -41.62 40.38 -25.82
CA VAL A 53 -40.95 39.68 -24.74
C VAL A 53 -39.84 38.81 -25.31
N TYR A 54 -38.64 38.93 -24.75
CA TYR A 54 -37.49 38.14 -25.14
C TYR A 54 -37.13 37.27 -23.95
N ALA A 55 -36.82 36.00 -24.24
CA ALA A 55 -36.56 35.04 -23.19
C ALA A 55 -35.56 34.03 -23.71
N ALA A 56 -34.90 33.34 -22.78
CA ALA A 56 -33.99 32.29 -23.18
C ALA A 56 -33.94 31.22 -22.11
N ASP A 57 -33.51 30.03 -22.54
CA ASP A 57 -33.29 28.89 -21.66
C ASP A 57 -31.83 28.50 -21.65
N ARG A 58 -31.35 28.13 -20.46
CA ARG A 58 -29.95 27.78 -20.29
C ARG A 58 -29.49 26.79 -21.34
N ALA A 59 -30.37 25.88 -21.75
CA ALA A 59 -29.96 24.91 -22.75
C ALA A 59 -29.55 25.56 -24.07
N GLY A 60 -30.00 26.78 -24.34
CA GLY A 60 -29.64 27.43 -25.59
C GLY A 60 -30.78 27.95 -26.44
N LEU A 61 -32.01 27.62 -26.07
CA LEU A 61 -33.17 28.13 -26.78
C LEU A 61 -33.38 29.60 -26.48
N VAL A 62 -33.59 30.40 -27.52
CA VAL A 62 -33.89 31.82 -27.40
C VAL A 62 -35.19 32.09 -28.12
N LYS A 63 -36.12 32.77 -27.45
CA LYS A 63 -37.43 33.04 -27.98
C LYS A 63 -37.71 34.54 -27.93
N ALA A 64 -38.60 34.98 -28.83
CA ALA A 64 -39.24 36.28 -28.78
C ALA A 64 -40.70 36.09 -29.10
N LEU A 65 -41.55 36.74 -28.31
CA LEU A 65 -42.99 36.60 -28.40
C LEU A 65 -43.67 37.96 -28.32
N ASN A 66 -44.86 38.03 -28.93
CA ASN A 66 -45.71 39.20 -28.79
C ASN A 66 -46.21 39.30 -27.35
N ALA A 67 -46.55 40.53 -26.94
CA ALA A 67 -47.01 40.79 -25.57
C ALA A 67 -48.52 40.53 -25.48
N ASP A 68 -48.86 39.26 -25.67
CA ASP A 68 -50.24 38.81 -25.61
C ASP A 68 -50.32 37.35 -25.18
N GLU A 72 -44.88 34.28 -29.77
CA GLU A 72 -44.39 33.08 -30.43
C GLU A 72 -43.88 33.43 -31.83
N ILE A 73 -43.57 34.72 -32.02
CA ILE A 73 -43.19 35.22 -33.34
C ILE A 73 -41.82 34.71 -33.76
N TRP A 74 -40.93 34.40 -32.82
CA TRP A 74 -39.57 34.03 -33.18
C TRP A 74 -38.96 33.09 -32.15
N SER A 75 -38.21 32.10 -32.63
CA SER A 75 -37.36 31.33 -31.74
C SER A 75 -36.23 30.71 -32.55
N VAL A 76 -35.05 30.63 -31.93
CA VAL A 76 -33.90 29.95 -32.51
C VAL A 76 -33.17 29.16 -31.43
N SER A 77 -32.36 28.20 -31.85
CA SER A 77 -31.44 27.50 -30.97
C SER A 77 -30.02 27.80 -31.43
N LEU A 78 -29.21 28.38 -30.55
CA LEU A 78 -27.86 28.76 -30.92
C LEU A 78 -26.85 27.64 -30.69
N ALA A 79 -27.29 26.51 -30.16
CA ALA A 79 -26.40 25.38 -29.90
C ALA A 79 -26.09 24.64 -31.20
N GLU A 80 -24.95 23.96 -31.22
CA GLU A 80 -24.58 23.12 -32.34
C GLU A 80 -25.53 21.94 -32.47
N PRO A 89 -24.77 21.74 -25.48
CA PRO A 89 -25.55 22.94 -25.15
C PRO A 89 -24.71 24.22 -25.11
N ALA A 90 -25.37 25.36 -25.24
CA ALA A 90 -24.69 26.65 -25.18
C ALA A 90 -24.38 27.12 -23.76
N LEU A 91 -25.08 26.59 -22.76
CA LEU A 91 -24.91 27.04 -21.37
C LEU A 91 -25.07 28.56 -21.27
N LEU A 92 -26.16 29.07 -21.84
CA LEU A 92 -26.36 30.51 -21.91
C LEU A 92 -26.58 31.08 -20.52
N SER A 93 -26.12 32.31 -20.33
CA SER A 93 -26.22 33.00 -19.05
C SER A 93 -26.13 34.50 -19.32
N GLY A 94 -26.17 35.27 -18.24
CA GLY A 94 -26.08 36.70 -18.34
C GLY A 94 -27.40 37.36 -18.63
N GLY A 95 -28.43 36.58 -18.92
CA GLY A 95 -29.74 37.11 -19.22
C GLY A 95 -29.80 37.77 -20.57
N VAL A 96 -30.91 38.48 -20.76
CA VAL A 96 -31.19 39.16 -22.02
C VAL A 96 -31.43 40.63 -21.72
N THR A 97 -30.71 41.49 -22.43
CA THR A 97 -30.94 42.92 -22.36
C THR A 97 -31.18 43.41 -23.77
N VAL A 98 -32.03 44.41 -23.90
CA VAL A 98 -32.41 44.93 -25.20
C VAL A 98 -32.26 46.44 -25.19
N SER A 99 -31.57 46.97 -26.20
CA SER A 99 -31.40 48.41 -26.35
C SER A 99 -31.33 48.71 -27.83
N GLY A 100 -32.31 49.45 -28.31
CA GLY A 100 -32.38 49.81 -29.72
C GLY A 100 -32.46 48.60 -30.62
N GLY A 101 -31.45 48.44 -31.47
CA GLY A 101 -31.36 47.36 -32.44
C GLY A 101 -30.68 46.07 -32.04
N HIS A 102 -30.13 45.94 -30.84
CA HIS A 102 -29.33 44.76 -30.50
C HIS A 102 -29.82 44.02 -29.26
N VAL A 103 -29.63 42.70 -29.30
CA VAL A 103 -29.90 41.80 -28.17
C VAL A 103 -28.58 41.12 -27.80
N TYR A 104 -28.25 41.15 -26.52
CA TYR A 104 -26.98 40.64 -26.02
C TYR A 104 -27.19 39.50 -25.05
N ILE A 105 -26.60 38.33 -25.33
CA ILE A 105 -26.77 37.18 -24.46
C ILE A 105 -25.39 36.63 -24.11
N GLY A 106 -25.10 36.47 -22.81
CA GLY A 106 -23.83 35.93 -22.40
C GLY A 106 -23.87 34.42 -22.32
N SER A 107 -22.76 33.85 -21.87
CA SER A 107 -22.69 32.41 -21.72
C SER A 107 -21.61 32.08 -20.71
N GLU A 108 -21.65 30.84 -20.22
CA GLU A 108 -20.53 30.35 -19.42
C GLU A 108 -19.39 29.87 -20.28
N LYS A 109 -19.54 29.96 -21.60
CA LYS A 109 -18.43 29.77 -22.51
C LYS A 109 -17.88 31.14 -22.86
N ALA A 110 -16.89 31.16 -23.71
CA ALA A 110 -16.22 32.41 -24.06
C ALA A 110 -16.99 33.26 -25.06
N GLN A 111 -18.15 32.82 -25.53
CA GLN A 111 -18.86 33.54 -26.57
C GLN A 111 -19.97 34.42 -25.99
N VAL A 112 -20.13 35.60 -26.59
CA VAL A 112 -21.22 36.52 -26.33
C VAL A 112 -21.96 36.69 -27.65
N TYR A 113 -23.27 36.52 -27.62
CA TYR A 113 -24.08 36.51 -28.83
C TYR A 113 -24.78 37.84 -29.00
N ALA A 114 -24.69 38.41 -30.19
CA ALA A 114 -25.42 39.62 -30.53
C ALA A 114 -26.38 39.31 -31.66
N LEU A 115 -27.67 39.57 -31.42
CA LEU A 115 -28.76 39.29 -32.34
C LEU A 115 -29.51 40.57 -32.67
N ASN A 116 -30.19 40.57 -33.82
CA ASN A 116 -31.01 41.72 -34.17
C ASN A 116 -32.29 41.70 -33.36
N THR A 117 -32.81 42.89 -33.07
CA THR A 117 -34.02 43.03 -32.27
C THR A 117 -35.32 42.85 -33.06
N SER A 118 -35.35 43.23 -34.33
CA SER A 118 -36.60 43.12 -35.09
C SER A 118 -36.73 41.72 -35.70
N ASP A 119 -35.85 41.40 -36.64
CA ASP A 119 -35.58 40.02 -36.96
C ASP A 119 -34.64 39.42 -35.92
N GLY A 120 -34.91 38.20 -35.50
CA GLY A 120 -34.13 37.58 -34.46
C GLY A 120 -32.90 36.86 -34.96
N THR A 121 -32.56 36.98 -36.24
CA THR A 121 -31.39 36.31 -36.80
C THR A 121 -30.13 36.78 -36.09
N VAL A 122 -29.20 35.84 -35.87
CA VAL A 122 -27.96 36.16 -35.19
C VAL A 122 -27.14 37.14 -36.01
N ALA A 123 -26.66 38.19 -35.35
CA ALA A 123 -25.88 39.23 -36.02
C ALA A 123 -24.40 38.89 -35.98
N TRP A 124 -23.89 38.53 -34.81
CA TRP A 124 -22.50 38.08 -34.71
C TRP A 124 -22.29 37.40 -33.35
N GLN A 125 -21.12 36.81 -33.21
CA GLN A 125 -20.63 36.30 -31.94
C GLN A 125 -19.25 36.87 -31.69
N THR A 126 -18.89 37.06 -30.43
CA THR A 126 -17.53 37.48 -30.14
C THR A 126 -17.02 36.78 -28.89
N LYS A 127 -15.68 36.73 -28.77
CA LYS A 127 -15.03 36.09 -27.63
C LYS A 127 -14.81 37.10 -26.51
N VAL A 128 -14.93 36.63 -25.27
CA VAL A 128 -14.61 37.40 -24.09
C VAL A 128 -13.65 36.59 -23.22
N ALA A 129 -13.09 37.28 -22.22
CA ALA A 129 -12.03 36.72 -21.38
C ALA A 129 -12.52 35.65 -20.41
N GLY A 130 -13.82 35.41 -20.31
CA GLY A 130 -14.31 34.42 -19.37
C GLY A 130 -15.82 34.38 -19.38
N GLU A 131 -16.37 33.59 -18.46
CA GLU A 131 -17.82 33.44 -18.40
C GLU A 131 -18.48 34.81 -18.31
N ALA A 132 -19.50 35.03 -19.13
CA ALA A 132 -20.25 36.27 -19.10
C ALA A 132 -21.42 36.16 -18.13
N LEU A 133 -21.10 36.03 -16.85
CA LEU A 133 -22.14 35.72 -15.89
C LEU A 133 -22.95 36.95 -15.54
N SER A 134 -22.36 38.12 -15.67
CA SER A 134 -23.06 39.34 -15.34
C SER A 134 -24.05 39.72 -16.43
N ARG A 135 -24.93 40.63 -16.08
CA ARG A 135 -25.86 41.17 -17.03
C ARG A 135 -25.13 41.98 -18.09
N PRO A 136 -25.42 41.78 -19.35
CA PRO A 136 -24.77 42.58 -20.39
C PRO A 136 -25.33 43.99 -20.36
N VAL A 137 -24.53 45.01 -20.05
CA VAL A 137 -25.08 46.36 -19.87
C VAL A 137 -24.69 47.24 -21.04
N VAL A 138 -25.68 47.85 -21.66
CA VAL A 138 -25.49 48.68 -22.85
C VAL A 138 -25.48 50.13 -22.43
N SER A 139 -24.36 50.82 -22.67
CA SER A 139 -24.27 52.20 -22.24
C SER A 139 -23.17 52.92 -23.01
N ASP A 140 -23.50 54.15 -23.43
CA ASP A 140 -22.54 55.06 -24.05
C ASP A 140 -21.78 54.42 -25.21
N GLY A 141 -22.47 53.63 -26.01
CA GLY A 141 -21.85 53.07 -27.19
C GLY A 141 -21.16 51.74 -27.00
N LEU A 142 -21.03 51.25 -25.76
CA LEU A 142 -20.36 49.99 -25.51
C LEU A 142 -21.18 49.07 -24.63
N VAL A 143 -20.81 47.81 -24.65
CA VAL A 143 -21.40 46.78 -23.80
C VAL A 143 -20.40 46.38 -22.75
N LEU A 144 -20.79 46.49 -21.49
CA LEU A 144 -19.98 46.15 -20.34
C LEU A 144 -20.31 44.72 -19.93
N ILE A 145 -19.29 43.86 -19.90
CA ILE A 145 -19.45 42.51 -19.40
C ILE A 145 -18.44 42.28 -18.28
N HIS A 146 -18.95 41.86 -17.12
CA HIS A 146 -18.14 41.54 -15.95
C HIS A 146 -17.97 40.04 -15.82
N THR A 147 -16.78 39.53 -16.08
CA THR A 147 -16.61 38.08 -16.09
C THR A 147 -16.32 37.56 -14.69
N ASN A 149 -13.62 35.58 -14.78
CA ASN A 149 -12.22 35.64 -14.40
C ASN A 149 -11.86 36.98 -13.79
N GLY A 150 -12.86 37.79 -13.50
CA GLY A 150 -12.62 39.02 -12.78
C GLY A 150 -12.20 40.18 -13.65
N GLN A 151 -12.38 40.08 -14.96
CA GLN A 151 -11.98 41.12 -15.88
C GLN A 151 -13.25 41.75 -16.43
N LEU A 152 -13.31 43.07 -16.40
CA LEU A 152 -14.39 43.80 -17.04
C LEU A 152 -13.97 44.22 -18.44
N GLN A 153 -14.77 43.85 -19.44
CA GLN A 153 -14.45 44.13 -20.83
C GLN A 153 -15.55 44.97 -21.46
N ALA A 154 -15.14 45.94 -22.27
CA ALA A 154 -16.07 46.79 -23.00
C ALA A 154 -16.00 46.44 -24.48
N LEU A 155 -17.12 45.99 -25.02
CA LEU A 155 -17.22 45.58 -26.41
C LEU A 155 -17.96 46.63 -27.23
N ASN A 156 -17.60 46.69 -28.51
CA ASN A 156 -18.28 47.58 -29.45
C ASN A 156 -19.76 47.23 -29.56
N GLU A 157 -20.62 48.24 -29.37
CA GLU A 157 -22.05 48.01 -29.45
C GLU A 157 -22.49 47.50 -30.81
N ALA A 158 -21.69 47.75 -31.85
CA ALA A 158 -22.06 47.37 -33.21
C ALA A 158 -21.07 46.39 -33.82
N ASP A 159 -20.25 45.75 -33.00
CA ASP A 159 -19.27 44.81 -33.52
C ASP A 159 -18.83 43.88 -32.40
N GLY A 160 -17.95 42.94 -32.74
CA GLY A 160 -17.29 42.05 -31.83
C GLY A 160 -15.95 42.54 -31.30
N ALA A 161 -15.52 43.73 -31.70
CA ALA A 161 -14.21 44.21 -31.27
C ALA A 161 -14.20 44.52 -29.77
N VAL A 162 -13.05 44.27 -29.16
CA VAL A 162 -12.80 44.64 -27.78
C VAL A 162 -12.25 46.06 -27.74
N LYS A 163 -12.87 46.90 -26.91
CA LYS A 163 -12.43 48.29 -26.80
C LYS A 163 -11.37 48.44 -25.72
N TRP A 164 -11.55 47.79 -24.57
CA TRP A 164 -10.58 47.83 -23.48
C TRP A 164 -11.01 46.81 -22.42
N THR A 165 -10.07 46.53 -21.52
CA THR A 165 -10.34 45.73 -20.34
C THR A 165 -9.76 46.38 -19.10
N VAL A 166 -10.33 46.02 -17.96
CA VAL A 166 -9.84 46.41 -16.64
C VAL A 166 -9.80 45.17 -15.77
N ASN A 167 -8.70 44.96 -15.07
CA ASN A 167 -8.58 43.83 -14.15
C ASN A 167 -8.85 44.24 -12.71
N LEU A 168 -9.60 43.39 -12.01
CA LEU A 168 -9.93 43.56 -10.61
C LEU A 168 -9.33 42.40 -9.82
N ASP A 169 -9.08 42.63 -8.54
CA ASP A 169 -8.62 41.57 -7.66
C ASP A 169 -9.70 40.52 -7.46
N MET A 170 -9.28 39.28 -7.22
CA MET A 170 -10.19 38.21 -6.86
C MET A 170 -9.65 37.44 -5.66
N PRO A 171 -10.54 36.96 -4.77
CA PRO A 171 -10.12 36.09 -3.67
C PRO A 171 -9.25 34.92 -4.10
N GLY A 177 -22.16 34.34 -8.53
CA GLY A 177 -22.16 35.14 -9.73
C GLY A 177 -21.53 36.52 -9.55
N GLU A 178 -21.16 37.16 -10.64
CA GLU A 178 -20.51 38.46 -10.63
C GLU A 178 -21.52 39.57 -10.84
N SER A 179 -21.38 40.63 -10.05
CA SER A 179 -22.25 41.79 -10.14
C SER A 179 -22.06 42.55 -11.44
N ALA A 180 -23.17 43.00 -12.00
CA ALA A 180 -23.25 43.82 -13.20
C ALA A 180 -22.83 45.26 -12.93
N PRO A 181 -22.32 45.94 -13.95
CA PRO A 181 -22.01 47.37 -13.83
C PRO A 181 -23.24 48.25 -13.84
N THR A 182 -23.10 49.43 -13.25
CA THR A 182 -24.08 50.50 -13.41
C THR A 182 -23.36 51.75 -13.88
N THR A 183 -23.96 52.50 -14.80
CA THR A 183 -23.28 53.62 -15.43
C THR A 183 -24.01 54.93 -15.22
N ALA A 184 -23.23 56.01 -15.16
CA ALA A 184 -23.74 57.37 -15.13
C ALA A 184 -22.63 58.33 -15.52
N PHE A 185 -23.00 59.39 -16.24
CA PHE A 185 -22.11 60.50 -16.59
C PHE A 185 -20.84 60.02 -17.28
N GLY A 186 -20.93 58.93 -18.03
CA GLY A 186 -19.75 58.45 -18.73
C GLY A 186 -18.82 57.57 -17.92
N ALA A 187 -19.25 57.08 -16.77
CA ALA A 187 -18.41 56.23 -15.94
C ALA A 187 -19.24 55.09 -15.38
N ALA A 188 -18.58 53.98 -15.09
CA ALA A 188 -19.24 52.82 -14.52
C ALA A 188 -18.77 52.59 -13.10
N VAL A 189 -19.69 52.06 -12.29
CA VAL A 189 -19.41 51.58 -10.96
C VAL A 189 -19.60 50.07 -10.97
N VAL A 190 -18.53 49.37 -10.60
CA VAL A 190 -18.46 47.91 -10.59
C VAL A 190 -17.77 47.47 -9.31
N GLY A 191 -17.85 46.17 -9.05
CA GLY A 191 -17.05 45.58 -8.00
C GLY A 191 -17.33 44.10 -7.92
N GLY A 192 -16.33 43.32 -7.52
CA GLY A 192 -16.49 41.88 -7.43
C GLY A 192 -16.56 41.29 -6.05
N ASP A 193 -16.06 40.06 -5.94
CA ASP A 193 -16.06 39.33 -4.68
C ASP A 193 -15.01 39.85 -3.72
N ASN A 194 -14.13 40.75 -4.16
CA ASN A 194 -13.13 41.31 -3.27
C ASN A 194 -13.77 42.36 -2.38
N GLY A 195 -12.97 42.93 -1.48
CA GLY A 195 -13.49 43.88 -0.52
C GLY A 195 -13.71 45.29 -1.00
N ARG A 196 -13.43 45.60 -2.27
CA ARG A 196 -13.54 46.97 -2.75
C ARG A 196 -14.63 47.10 -3.80
N VAL A 197 -15.05 48.35 -4.00
CA VAL A 197 -15.83 48.79 -5.15
C VAL A 197 -15.04 49.84 -5.90
N SER A 198 -15.11 49.80 -7.23
CA SER A 198 -14.33 50.71 -8.04
C SER A 198 -15.23 51.41 -9.06
N ALA A 199 -14.78 52.60 -9.46
CA ALA A 199 -15.40 53.37 -10.52
C ALA A 199 -14.35 53.65 -11.58
N VAL A 200 -14.74 53.45 -12.85
CA VAL A 200 -13.85 53.59 -14.00
C VAL A 200 -14.52 54.47 -15.05
N LEU A 201 -13.69 55.05 -15.91
CA LEU A 201 -14.17 55.85 -17.03
C LEU A 201 -14.60 54.96 -18.19
N MET A 202 -15.53 55.46 -19.00
CA MET A 202 -15.99 54.77 -20.18
C MET A 202 -15.19 55.08 -21.43
N GLU A 203 -14.39 56.14 -21.42
CA GLU A 203 -13.65 56.51 -22.62
C GLU A 203 -12.54 55.51 -22.90
N GLN A 204 -11.85 55.09 -21.84
CA GLN A 204 -10.70 54.21 -21.93
C GLN A 204 -10.69 53.37 -20.66
N GLY A 205 -9.80 52.38 -20.63
CA GLY A 205 -9.73 51.51 -19.49
C GLY A 205 -8.87 52.16 -18.43
N GLN A 206 -9.37 53.27 -17.89
CA GLN A 206 -8.68 54.04 -16.86
C GLN A 206 -9.49 54.01 -15.57
N MET A 207 -8.83 53.74 -14.46
CA MET A 207 -9.47 53.70 -13.17
C MET A 207 -9.71 55.13 -12.66
N ILE A 208 -10.86 55.33 -12.02
CA ILE A 208 -11.17 56.63 -11.45
C ILE A 208 -10.90 56.56 -9.96
N TRP A 209 -11.54 55.61 -9.27
CA TRP A 209 -11.27 55.50 -7.85
C TRP A 209 -11.66 54.11 -7.37
N GLN A 210 -11.14 53.74 -6.20
CA GLN A 210 -11.53 52.52 -5.51
C GLN A 210 -11.72 52.82 -4.03
N GLN A 211 -12.59 52.06 -3.38
CA GLN A 211 -12.78 52.21 -1.95
C GLN A 211 -13.23 50.90 -1.32
N ARG A 212 -12.91 50.75 -0.03
CA ARG A 212 -13.36 49.61 0.75
C ARG A 212 -14.81 49.80 1.18
N ILE A 213 -15.61 48.76 0.98
CA ILE A 213 -17.01 48.79 1.38
C ILE A 213 -17.37 47.71 2.37
N SER A 214 -16.56 46.67 2.52
CA SER A 214 -16.92 45.51 3.33
C SER A 214 -15.70 44.98 4.07
N GLN A 215 -15.96 44.35 5.21
CA GLN A 215 -14.94 43.63 5.96
C GLN A 215 -15.65 42.58 6.80
N ALA A 216 -14.90 41.54 7.16
CA ALA A 216 -15.41 40.48 8.01
C ALA A 216 -14.31 39.99 8.94
N THR A 217 -14.72 39.18 9.92
CA THR A 217 -13.81 38.58 10.89
C THR A 217 -12.97 37.44 10.31
N GLY A 218 -13.29 36.95 9.11
CA GLY A 218 -12.50 35.88 8.52
C GLY A 218 -12.50 35.93 7.01
N SER A 219 -11.42 35.42 6.43
CA SER A 219 -11.21 35.50 4.98
C SER A 219 -12.30 34.76 4.22
N THR A 220 -12.88 33.71 4.79
CA THR A 220 -13.89 32.93 4.09
C THR A 220 -15.23 33.65 4.01
N GLU A 221 -15.42 34.71 4.80
CA GLU A 221 -16.68 35.44 4.83
C GLU A 221 -16.61 36.79 4.14
N ILE A 222 -15.49 37.12 3.50
CA ILE A 222 -15.32 38.43 2.87
C ILE A 222 -15.84 38.40 1.45
N ASP A 223 -16.69 39.39 1.13
CA ASP A 223 -17.16 39.62 -0.24
C ASP A 223 -16.61 40.95 -0.74
N THR A 231 -25.29 44.22 -6.81
CA THR A 231 -25.18 45.27 -7.81
C THR A 231 -25.26 46.66 -7.18
N PRO A 232 -24.26 47.50 -7.43
CA PRO A 232 -24.34 48.89 -6.96
C PRO A 232 -25.31 49.70 -7.79
N VAL A 233 -25.83 50.75 -7.18
CA VAL A 233 -26.68 51.69 -7.90
C VAL A 233 -26.22 53.11 -7.58
N VAL A 234 -26.58 54.04 -8.45
CA VAL A 234 -26.32 55.45 -8.20
C VAL A 234 -27.61 56.24 -8.33
N VAL A 235 -27.99 56.95 -7.26
CA VAL A 235 -29.21 57.73 -7.24
C VAL A 235 -28.85 59.15 -6.81
N ASN A 236 -29.17 60.13 -7.66
CA ASN A 236 -28.91 61.53 -7.36
C ASN A 236 -27.45 61.77 -6.99
N GLY A 237 -26.54 61.06 -7.66
CA GLY A 237 -25.12 61.21 -7.35
C GLY A 237 -24.61 60.44 -6.17
N VAL A 238 -25.44 59.63 -5.52
CA VAL A 238 -25.03 58.85 -4.35
C VAL A 238 -24.91 57.39 -4.76
N VAL A 239 -23.76 56.80 -4.45
CA VAL A 239 -23.49 55.40 -4.76
C VAL A 239 -23.96 54.55 -3.59
N PHE A 240 -24.82 53.58 -3.86
CA PHE A 240 -25.34 52.68 -2.85
C PHE A 240 -24.80 51.29 -3.15
N ALA A 241 -23.96 50.79 -2.25
CA ALA A 241 -23.26 49.53 -2.39
C ALA A 241 -23.77 48.54 -1.37
N LEU A 242 -23.88 47.29 -1.79
CA LEU A 242 -24.35 46.20 -0.95
C LEU A 242 -23.53 44.95 -1.22
N ALA A 243 -23.24 44.21 -0.16
CA ALA A 243 -22.50 42.96 -0.31
C ALA A 243 -23.03 41.97 0.71
N TYR A 244 -22.65 40.70 0.52
CA TYR A 244 -22.95 39.66 1.50
C TYR A 244 -22.69 40.15 2.91
N ASN A 245 -21.56 40.82 3.09
CA ASN A 245 -21.19 41.31 4.41
C ASN A 245 -22.19 42.36 4.86
N GLY A 246 -22.24 42.59 6.16
CA GLY A 246 -23.13 43.57 6.71
C GLY A 246 -22.50 44.95 6.69
N ASN A 247 -22.27 45.47 5.49
CA ASN A 247 -21.62 46.77 5.32
C ASN A 247 -22.32 47.58 4.23
N LEU A 248 -23.65 47.61 4.27
CA LEU A 248 -24.43 48.49 3.39
C LEU A 248 -23.85 49.89 3.45
N THR A 249 -23.39 50.41 2.30
CA THR A 249 -22.59 51.63 2.31
C THR A 249 -23.11 52.64 1.30
N ALA A 250 -23.05 53.92 1.68
CA ALA A 250 -23.34 55.01 0.76
C ALA A 250 -22.10 55.88 0.59
N LEU A 251 -21.72 56.09 -0.66
CA LEU A 251 -20.49 56.78 -1.04
C LEU A 251 -20.79 57.92 -2.00
N ASP A 252 -19.89 58.91 -2.00
CA ASP A 252 -19.95 59.95 -3.00
C ASP A 252 -19.66 59.37 -4.39
N LEU A 253 -20.36 59.88 -5.40
CA LEU A 253 -20.14 59.39 -6.77
C LEU A 253 -18.77 59.84 -7.27
N ARG A 254 -18.36 61.04 -6.90
CA ARG A 254 -17.20 61.67 -7.52
C ARG A 254 -15.92 61.07 -6.96
N SER A 255 -15.95 60.73 -5.68
CA SER A 255 -14.82 60.13 -4.98
C SER A 255 -15.37 59.10 -4.01
N GLY A 256 -14.48 58.23 -3.54
CA GLY A 256 -14.90 57.12 -2.71
C GLY A 256 -14.99 57.45 -1.23
N GLN A 257 -15.65 58.56 -0.91
CA GLN A 257 -15.89 58.93 0.48
C GLN A 257 -17.23 58.36 0.91
N ILE A 258 -17.22 57.59 1.98
CA ILE A 258 -18.42 56.98 2.56
C ILE A 258 -19.22 58.03 3.33
N MET A 259 -20.52 58.11 3.04
CA MET A 259 -21.40 59.05 3.73
C MET A 259 -21.99 58.42 4.98
N TRP A 260 -22.34 57.13 4.90
CA TRP A 260 -22.81 56.38 6.05
C TRP A 260 -22.69 54.90 5.71
N LYS A 261 -22.70 54.08 6.77
CA LYS A 261 -22.75 52.64 6.63
C LYS A 261 -23.61 51.99 7.69
N ARG A 262 -24.25 50.89 7.29
CA ARG A 262 -25.14 50.11 8.14
C ARG A 262 -24.78 48.64 8.05
N GLU A 263 -25.22 47.90 9.07
CA GLU A 263 -24.93 46.48 9.24
C GLU A 263 -25.64 45.58 8.23
N LEU A 264 -26.57 46.11 7.44
CA LEU A 264 -27.35 45.27 6.55
C LEU A 264 -26.53 44.80 5.36
N GLY A 265 -26.67 43.52 5.02
CA GLY A 265 -25.95 42.94 3.89
C GLY A 265 -26.77 41.85 3.24
N SER A 266 -26.54 41.65 1.95
CA SER A 266 -27.29 40.66 1.17
C SER A 266 -26.65 40.56 -0.21
N VAL A 267 -26.78 39.39 -0.84
CA VAL A 267 -26.35 39.24 -2.24
C VAL A 267 -27.44 39.61 -3.23
N ASN A 268 -28.67 39.78 -2.79
CA ASN A 268 -29.80 40.00 -3.68
C ASN A 268 -29.83 41.43 -4.20
N ASP A 269 -30.45 41.60 -5.36
CA ASP A 269 -30.69 42.94 -5.88
C ASP A 269 -31.68 43.67 -4.97
N PHE A 270 -31.64 44.99 -5.04
CA PHE A 270 -32.44 45.84 -4.17
C PHE A 270 -32.99 47.00 -4.95
N ILE A 271 -33.99 47.67 -4.38
CA ILE A 271 -34.67 48.77 -5.05
C ILE A 271 -34.53 50.04 -4.23
N VAL A 272 -34.15 51.13 -4.89
CA VAL A 272 -34.07 52.43 -4.23
C VAL A 272 -35.05 53.35 -4.95
N ASP A 273 -36.04 53.85 -4.21
CA ASP A 273 -37.03 54.75 -4.81
C ASP A 273 -37.84 55.40 -3.70
N GLY A 274 -38.46 56.53 -4.03
CA GLY A 274 -39.30 57.26 -3.10
C GLY A 274 -38.60 57.72 -1.84
N ASN A 275 -37.30 57.95 -1.89
CA ASN A 275 -36.49 58.24 -0.71
C ASN A 275 -36.45 57.08 0.26
N ARG A 276 -36.75 55.87 -0.21
CA ARG A 276 -36.68 54.68 0.62
C ARG A 276 -35.92 53.58 -0.11
N ILE A 277 -35.24 52.75 0.68
CA ILE A 277 -34.47 51.62 0.21
C ILE A 277 -35.22 50.37 0.61
N TYR A 278 -35.55 49.54 -0.36
CA TYR A 278 -36.29 48.30 -0.18
C TYR A 278 -35.29 47.18 -0.37
N LEU A 279 -35.09 46.39 0.69
CA LEU A 279 -34.06 45.37 0.75
C LEU A 279 -34.67 44.00 1.01
N VAL A 280 -33.97 42.99 0.51
CA VAL A 280 -34.16 41.60 0.93
C VAL A 280 -32.87 41.13 1.59
N ASP A 281 -32.96 40.85 2.88
CA ASP A 281 -31.80 40.56 3.72
C ASP A 281 -31.22 39.19 3.41
N GLN A 282 -29.97 39.01 3.85
CA GLN A 282 -29.28 37.74 3.70
C GLN A 282 -30.09 36.59 4.27
N ASN A 283 -30.88 36.85 5.31
CA ASN A 283 -31.77 35.88 5.91
C ASN A 283 -33.16 35.84 5.29
N ASP A 284 -33.37 36.52 4.16
CA ASP A 284 -34.67 36.61 3.51
C ASP A 284 -35.68 37.43 4.28
N ARG A 285 -35.23 38.27 5.21
CA ARG A 285 -36.09 39.31 5.75
C ARG A 285 -36.39 40.35 4.67
N VAL A 286 -37.60 40.87 4.68
CA VAL A 286 -38.02 41.91 3.74
C VAL A 286 -38.15 43.19 4.55
N MET A 287 -37.50 44.26 4.10
CA MET A 287 -37.53 45.45 4.94
C MET A 287 -37.35 46.72 4.11
N ALA A 288 -37.56 47.85 4.78
CA ALA A 288 -37.28 49.13 4.15
C ALA A 288 -36.64 50.08 5.15
N LEU A 289 -35.75 50.94 4.65
CA LEU A 289 -35.08 51.97 5.44
C LEU A 289 -35.04 53.27 4.65
N THR A 290 -34.73 54.36 5.35
CA THR A 290 -34.57 55.64 4.68
C THR A 290 -33.20 55.74 4.02
N ILE A 291 -33.11 56.64 3.02
CA ILE A 291 -31.89 56.81 2.23
C ILE A 291 -30.71 57.35 3.02
N ASP A 292 -30.93 57.87 4.22
CA ASP A 292 -29.85 58.35 5.05
C ASP A 292 -29.28 57.27 5.96
N GLY A 293 -29.78 56.04 5.85
CA GLY A 293 -29.27 54.98 6.69
C GLY A 293 -29.84 55.04 8.08
N GLY A 294 -30.98 55.71 8.23
CA GLY A 294 -31.61 55.88 9.52
C GLY A 294 -32.36 54.64 9.99
N VAL A 295 -33.20 54.88 11.00
CA VAL A 295 -33.90 53.79 11.67
C VAL A 295 -34.76 53.01 10.69
N THR A 296 -34.79 51.70 10.90
CA THR A 296 -35.63 50.81 10.09
C THR A 296 -37.07 51.26 10.14
N LEU A 297 -37.70 51.35 8.96
CA LEU A 297 -39.07 51.84 8.89
C LEU A 297 -40.05 50.72 9.15
N TRP A 298 -39.82 49.56 8.56
CA TRP A 298 -40.64 48.39 8.79
C TRP A 298 -39.90 47.18 8.27
N THR A 299 -40.26 46.02 8.83
CA THR A 299 -39.82 44.72 8.35
C THR A 299 -41.00 43.76 8.30
N GLN A 300 -40.84 42.72 7.50
CA GLN A 300 -41.70 41.55 7.54
C GLN A 300 -40.79 40.34 7.41
N SER A 301 -40.88 39.46 8.41
CA SER A 301 -39.96 38.34 8.62
C SER A 301 -40.64 36.99 8.46
N ASP A 302 -41.88 36.96 7.99
CA ASP A 302 -42.64 35.71 7.89
C ASP A 302 -42.24 34.87 6.69
N LEU A 303 -41.30 35.32 5.88
CA LEU A 303 -40.79 34.57 4.74
C LEU A 303 -39.35 34.12 4.94
N LEU A 304 -38.83 34.22 6.15
CA LEU A 304 -37.43 33.91 6.43
C LEU A 304 -37.05 32.51 5.97
N HIS A 305 -35.88 32.43 5.34
CA HIS A 305 -35.30 31.21 4.79
C HIS A 305 -36.13 30.59 3.68
N ARG A 306 -37.03 31.36 3.06
CA ARG A 306 -37.79 30.85 1.93
C ARG A 306 -37.09 31.09 0.60
N LEU A 307 -35.89 31.65 0.60
CA LEU A 307 -35.09 31.87 -0.60
C LEU A 307 -35.79 32.85 -1.55
N LEU A 308 -36.09 34.04 -1.03
CA LEU A 308 -36.81 35.01 -1.83
C LEU A 308 -35.97 35.50 -3.01
N THR A 309 -36.66 35.93 -4.06
CA THR A 309 -36.02 36.65 -5.15
C THR A 309 -35.82 38.11 -4.75
N SER A 310 -35.14 38.85 -5.61
CA SER A 310 -35.12 40.29 -5.47
C SER A 310 -36.51 40.89 -5.56
N PRO A 311 -36.71 42.07 -5.00
CA PRO A 311 -38.02 42.74 -5.05
C PRO A 311 -38.25 43.36 -6.41
N VAL A 312 -39.52 43.43 -6.80
CA VAL A 312 -39.93 44.28 -7.91
C VAL A 312 -41.09 45.16 -7.48
N LEU A 313 -41.09 46.42 -7.93
CA LEU A 313 -42.17 47.35 -7.64
C LEU A 313 -43.18 47.32 -8.78
N TYR A 314 -44.40 46.91 -8.46
CA TYR A 314 -45.46 46.70 -9.42
C TYR A 314 -46.78 47.14 -8.82
N ASN A 315 -47.51 47.98 -9.54
CA ASN A 315 -48.82 48.47 -9.11
C ASN A 315 -48.75 49.06 -7.70
N GLY A 316 -47.64 49.72 -7.38
CA GLY A 316 -47.56 50.42 -6.12
C GLY A 316 -47.18 49.52 -4.95
N ASN A 317 -46.87 48.25 -5.21
CA ASN A 317 -46.58 47.27 -4.18
C ASN A 317 -45.28 46.56 -4.51
N LEU A 318 -44.62 46.05 -3.48
CA LEU A 318 -43.43 45.24 -3.67
C LEU A 318 -43.84 43.78 -3.81
N VAL A 319 -43.24 43.10 -4.78
CA VAL A 319 -43.55 41.72 -5.12
C VAL A 319 -42.29 40.91 -4.98
N VAL A 320 -42.39 39.76 -4.30
CA VAL A 320 -41.29 38.82 -4.28
C VAL A 320 -41.79 37.42 -4.59
N GLY A 321 -40.92 36.63 -5.22
CA GLY A 321 -41.18 35.23 -5.47
C GLY A 321 -40.33 34.37 -4.54
N ASP A 322 -40.87 33.22 -4.16
CA ASP A 322 -40.14 32.27 -3.32
C ASP A 322 -39.80 31.00 -4.10
N SER A 323 -39.09 30.12 -3.42
CA SER A 323 -38.63 28.88 -4.05
C SER A 323 -39.75 27.90 -4.34
N GLU A 324 -40.95 28.11 -3.76
CA GLU A 324 -42.06 27.19 -3.89
C GLU A 324 -43.12 27.65 -4.88
N GLY A 325 -42.88 28.71 -5.64
CA GLY A 325 -43.81 29.12 -6.66
C GLY A 325 -44.89 30.07 -6.23
N TYR A 326 -44.74 30.72 -5.07
CA TYR A 326 -45.73 31.66 -4.59
C TYR A 326 -45.22 33.07 -4.82
N LEU A 327 -46.13 33.97 -5.12
CA LEU A 327 -45.87 35.39 -5.17
C LEU A 327 -46.45 36.07 -3.94
N HIS A 328 -45.70 37.01 -3.38
CA HIS A 328 -46.10 37.72 -2.18
C HIS A 328 -46.13 39.21 -2.48
N TRP A 329 -47.21 39.85 -2.09
CA TRP A 329 -47.42 41.29 -2.20
C TRP A 329 -47.23 41.96 -0.85
N ILE A 330 -46.40 43.00 -0.82
CA ILE A 330 -46.08 43.70 0.41
C ILE A 330 -46.19 45.20 0.16
N VAL A 338 -49.52 41.12 2.58
CA VAL A 338 -50.91 41.54 2.50
C VAL A 338 -51.69 40.62 1.56
N ALA A 339 -50.98 39.97 0.63
CA ALA A 339 -51.59 39.02 -0.28
C ALA A 339 -50.54 38.02 -0.73
N GLN A 340 -50.98 36.81 -1.02
CA GLN A 340 -50.14 35.80 -1.65
C GLN A 340 -50.95 35.00 -2.66
N GLN A 341 -50.28 34.56 -3.72
CA GLN A 341 -50.95 33.78 -4.75
C GLN A 341 -49.99 32.72 -5.30
N LYS A 342 -50.53 31.52 -5.53
CA LYS A 342 -49.78 30.45 -6.16
C LYS A 342 -49.80 30.59 -7.68
N VAL A 343 -48.62 30.45 -8.30
CA VAL A 343 -48.49 30.53 -9.75
C VAL A 343 -48.00 29.20 -10.31
N ASP A 344 -46.83 28.75 -9.86
CA ASP A 344 -46.21 27.57 -10.45
C ASP A 344 -45.36 26.89 -9.40
N SER A 345 -45.81 25.72 -8.96
CA SER A 345 -45.22 24.98 -7.84
C SER A 345 -43.77 24.57 -8.06
N SER A 346 -43.23 24.67 -9.27
CA SER A 346 -41.82 24.33 -9.44
C SER A 346 -40.87 25.35 -8.82
N GLY A 347 -41.32 26.55 -8.50
CA GLY A 347 -40.42 27.56 -7.96
C GLY A 347 -39.75 28.43 -8.99
N PHE A 348 -38.82 29.23 -8.49
CA PHE A 348 -38.10 30.21 -9.31
C PHE A 348 -36.59 29.95 -9.28
N THR A 350 -34.08 33.32 -9.96
CA THR A 350 -34.27 34.16 -11.14
C THR A 350 -34.97 35.44 -10.76
N GLU A 351 -34.46 36.55 -11.24
CA GLU A 351 -35.02 37.81 -10.81
C GLU A 351 -36.36 38.09 -11.49
N PRO A 352 -37.31 38.67 -10.77
CA PRO A 352 -38.57 39.10 -11.39
C PRO A 352 -38.32 40.38 -12.16
N VAL A 353 -39.13 40.63 -13.19
CA VAL A 353 -39.03 41.93 -13.83
C VAL A 353 -40.42 42.48 -14.06
N ALA A 354 -40.49 43.80 -14.21
CA ALA A 354 -41.75 44.44 -14.56
C ALA A 354 -41.47 45.71 -15.36
N ALA A 355 -42.38 46.00 -16.28
CA ALA A 355 -42.26 47.22 -17.07
C ALA A 355 -43.61 47.50 -17.72
N ASP A 356 -43.90 48.78 -17.91
CA ASP A 356 -45.07 49.21 -18.66
C ASP A 356 -46.35 48.53 -18.15
N GLY A 357 -46.43 48.33 -16.84
CA GLY A 357 -47.58 47.71 -16.21
C GLY A 357 -47.62 46.20 -16.23
N LYS A 358 -46.64 45.55 -16.83
CA LYS A 358 -46.60 44.09 -16.94
C LYS A 358 -45.62 43.55 -15.92
N LEU A 359 -45.97 42.45 -15.26
CA LEU A 359 -45.05 41.71 -14.43
C LEU A 359 -44.69 40.40 -15.11
N LEU A 360 -43.40 40.19 -15.37
CA LEU A 360 -42.95 38.99 -16.05
C LEU A 360 -42.00 38.24 -15.14
N ILE A 361 -42.28 36.95 -14.94
CA ILE A 361 -41.50 36.10 -14.07
C ILE A 361 -41.27 34.76 -14.76
N GLN A 362 -40.23 34.06 -14.31
CA GLN A 362 -39.92 32.76 -14.88
C GLN A 362 -39.61 31.76 -13.79
N ALA A 363 -40.14 30.56 -13.95
CA ALA A 363 -40.02 29.49 -12.97
C ALA A 363 -38.70 28.74 -13.13
N LYS A 364 -38.26 28.16 -12.02
CA LYS A 364 -37.10 27.27 -12.05
C LYS A 364 -37.39 26.09 -12.97
N THR A 367 -40.17 28.30 -18.47
CA THR A 367 -41.56 28.71 -18.57
C THR A 367 -41.73 30.13 -18.05
N VAL A 368 -42.40 30.97 -18.82
CA VAL A 368 -42.57 32.39 -18.52
C VAL A 368 -44.03 32.68 -18.23
N TYR A 369 -44.26 33.58 -17.26
CA TYR A 369 -45.59 34.00 -16.86
C TYR A 369 -45.64 35.52 -16.93
N SER A 370 -46.81 36.03 -17.29
CA SER A 370 -47.11 37.45 -17.31
C SER A 370 -48.36 37.74 -16.52
N ILE A 371 -48.22 38.62 -15.53
CA ILE A 371 -49.25 38.99 -14.57
C ILE A 371 -49.57 40.47 -14.82
N ILE B 167 -20.04 18.51 -6.45
CA ILE B 167 -19.76 19.64 -7.34
C ILE B 167 -20.82 19.70 -8.42
N GLN B 168 -21.49 20.84 -8.51
CA GLN B 168 -22.57 20.96 -9.48
C GLN B 168 -22.05 21.06 -10.90
N GLN B 169 -20.95 21.77 -11.13
CA GLN B 169 -20.45 21.90 -12.50
C GLN B 169 -18.96 22.17 -12.54
N ILE B 170 -18.26 21.43 -13.39
CA ILE B 170 -16.84 21.64 -13.67
C ILE B 170 -16.72 22.07 -15.12
N ASN B 171 -16.22 23.28 -15.35
CA ASN B 171 -16.14 23.82 -16.70
C ASN B 171 -14.68 24.03 -17.07
N ILE B 172 -14.38 23.89 -18.36
CA ILE B 172 -13.03 24.11 -18.88
C ILE B 172 -13.11 25.15 -19.98
N VAL B 173 -12.44 26.29 -19.76
CA VAL B 173 -12.49 27.44 -20.65
C VAL B 173 -11.24 27.45 -21.52
N GLY B 174 -11.45 27.55 -22.83
CA GLY B 174 -10.37 27.56 -23.79
C GLY B 174 -10.08 26.23 -24.45
N ASN B 175 -10.86 25.20 -24.16
CA ASN B 175 -10.66 23.90 -24.78
C ASN B 175 -11.12 23.91 -26.24
N HIS B 176 -10.23 23.49 -27.14
CA HIS B 176 -10.60 23.33 -28.55
C HIS B 176 -10.18 21.99 -29.16
N ALA B 177 -9.14 21.33 -28.64
CA ALA B 177 -8.67 20.12 -29.29
C ALA B 177 -9.48 18.89 -28.90
N PHE B 178 -10.10 18.91 -27.71
CA PHE B 178 -10.81 17.76 -27.21
C PHE B 178 -12.17 18.17 -26.71
N THR B 179 -13.09 17.20 -26.67
CA THR B 179 -14.39 17.43 -26.07
C THR B 179 -14.27 17.57 -24.55
N THR B 180 -15.04 18.51 -23.99
CA THR B 180 -15.03 18.73 -22.55
C THR B 180 -15.19 17.42 -21.80
N ASP B 181 -16.14 16.59 -22.23
CA ASP B 181 -16.37 15.30 -21.61
C ASP B 181 -15.15 14.40 -21.65
N GLU B 182 -14.30 14.51 -22.67
CA GLU B 182 -13.13 13.66 -22.71
C GLU B 182 -12.12 14.04 -21.63
N LEU B 183 -11.92 15.33 -21.42
CA LEU B 183 -11.01 15.77 -20.36
C LEU B 183 -11.61 15.49 -18.99
N ILE B 184 -12.92 15.71 -18.84
CA ILE B 184 -13.59 15.41 -17.58
C ILE B 184 -13.56 13.92 -17.26
N SER B 185 -13.55 13.06 -18.28
CA SER B 185 -13.54 11.62 -18.05
C SER B 185 -12.32 11.15 -17.24
N HIS B 186 -11.29 11.97 -17.10
CA HIS B 186 -10.11 11.60 -16.33
C HIS B 186 -10.07 12.21 -14.94
N PHE B 187 -11.05 13.03 -14.57
CA PHE B 187 -11.03 13.74 -13.31
C PHE B 187 -11.61 12.88 -12.19
N GLN B 188 -11.05 13.07 -11.00
CA GLN B 188 -11.49 12.35 -9.81
C GLN B 188 -12.60 13.07 -9.05
N LEU B 189 -12.75 14.38 -9.25
CA LEU B 189 -13.82 15.12 -8.58
C LEU B 189 -15.20 14.62 -8.96
N ARG B 190 -15.33 14.01 -10.13
CA ARG B 190 -16.61 13.49 -10.59
C ARG B 190 -17.33 12.70 -9.51
N GLN B 205 -11.53 19.20 -0.99
CA GLN B 205 -11.43 18.79 -2.38
C GLN B 205 -10.09 19.23 -2.98
N LYS B 206 -9.24 19.83 -2.14
CA LYS B 206 -7.99 20.39 -2.62
C LYS B 206 -7.11 19.33 -3.27
N GLN B 207 -7.12 18.12 -2.71
CA GLN B 207 -6.26 17.06 -3.23
C GLN B 207 -6.77 16.53 -4.56
N LYS B 208 -8.09 16.42 -4.70
CA LYS B 208 -8.66 16.01 -5.98
C LYS B 208 -8.49 17.10 -7.02
N LEU B 209 -8.63 18.36 -6.62
CA LEU B 209 -8.44 19.46 -7.55
C LEU B 209 -7.00 19.51 -8.07
N ALA B 210 -6.02 19.35 -7.17
CA ALA B 210 -4.63 19.27 -7.59
C ALA B 210 -4.37 18.05 -8.48
N GLY B 211 -4.97 16.91 -8.14
CA GLY B 211 -4.82 15.75 -9.00
C GLY B 211 -5.39 15.94 -10.39
N ASP B 212 -6.57 16.55 -10.48
CA ASP B 212 -7.16 16.82 -11.78
C ASP B 212 -6.35 17.83 -12.58
N LEU B 213 -5.81 18.85 -11.92
CA LEU B 213 -5.00 19.82 -12.65
C LEU B 213 -3.71 19.19 -13.17
N GLU B 214 -3.08 18.33 -12.38
CA GLU B 214 -1.89 17.64 -12.87
C GLU B 214 -2.24 16.63 -13.96
N THR B 215 -3.37 15.95 -13.84
CA THR B 215 -3.79 15.04 -14.89
C THR B 215 -4.03 15.77 -16.20
N LEU B 216 -4.72 16.91 -16.15
CA LEU B 216 -4.94 17.70 -17.36
C LEU B 216 -3.64 18.17 -17.98
N ARG B 217 -2.73 18.67 -17.14
CA ARG B 217 -1.45 19.15 -17.65
C ARG B 217 -0.68 18.03 -18.31
N SER B 218 -0.63 16.86 -17.68
CA SER B 218 0.09 15.74 -18.29
C SER B 218 -0.62 15.27 -19.55
N TYR B 219 -1.94 15.18 -19.53
CA TYR B 219 -2.68 14.73 -20.69
C TYR B 219 -2.30 15.55 -21.92
N TYR B 220 -2.24 16.88 -21.78
CA TYR B 220 -1.79 17.71 -22.89
C TYR B 220 -0.31 17.57 -23.17
N LEU B 221 0.53 17.49 -22.13
CA LEU B 221 1.97 17.36 -22.34
C LEU B 221 2.36 16.07 -23.02
N ASP B 222 1.51 15.05 -22.99
CA ASP B 222 1.75 13.82 -23.71
C ASP B 222 1.41 13.89 -25.18
N ARG B 223 0.82 14.98 -25.67
CA ARG B 223 0.38 15.06 -27.05
C ARG B 223 1.03 16.20 -27.82
N GLY B 224 2.23 16.62 -27.42
CA GLY B 224 2.98 17.62 -28.15
C GLY B 224 2.73 19.07 -27.78
N TYR B 225 1.79 19.34 -26.88
CA TYR B 225 1.45 20.73 -26.56
C TYR B 225 2.46 21.27 -25.53
N ALA B 226 3.68 21.46 -26.02
CA ALA B 226 4.81 21.85 -25.19
C ALA B 226 4.58 23.17 -24.46
N ARG B 227 3.75 24.04 -25.03
CA ARG B 227 3.47 25.35 -24.46
C ARG B 227 2.20 25.37 -23.62
N PHE B 228 1.61 24.21 -23.34
CA PHE B 228 0.36 24.17 -22.59
C PHE B 228 0.58 24.84 -21.24
N ASN B 229 -0.40 25.64 -20.84
CA ASN B 229 -0.38 26.35 -19.57
C ASN B 229 -1.76 26.34 -18.94
N ILE B 230 -1.81 26.22 -17.63
CA ILE B 230 -3.03 26.45 -16.86
C ILE B 230 -3.01 27.87 -16.34
N ASP B 231 -3.93 28.69 -16.85
CA ASP B 231 -3.90 30.11 -16.65
C ASP B 231 -4.61 30.52 -15.37
N SER B 232 -5.70 29.85 -15.01
CA SER B 232 -6.34 30.22 -13.75
C SER B 232 -7.30 29.14 -13.28
N THR B 233 -7.59 29.15 -11.98
CA THR B 233 -8.61 28.28 -11.39
C THR B 233 -9.57 29.11 -10.55
N GLN B 234 -10.87 28.88 -10.73
CA GLN B 234 -11.92 29.55 -9.97
C GLN B 234 -12.73 28.50 -9.24
N VAL B 235 -12.86 28.64 -7.92
CA VAL B 235 -13.69 27.77 -7.10
C VAL B 235 -14.63 28.65 -6.31
N SER B 236 -15.94 28.41 -6.42
CA SER B 236 -16.87 29.27 -5.70
C SER B 236 -18.11 28.49 -5.28
N LEU B 237 -18.79 28.99 -4.25
CA LEU B 237 -19.98 28.35 -3.73
C LEU B 237 -21.22 29.05 -4.26
N THR B 238 -22.34 28.33 -4.21
CA THR B 238 -23.64 28.92 -4.46
C THR B 238 -24.11 29.73 -3.25
N PRO B 239 -25.13 30.56 -3.43
CA PRO B 239 -25.72 31.24 -2.28
C PRO B 239 -26.09 30.26 -1.17
N ASP B 240 -25.81 30.66 0.07
CA ASP B 240 -26.05 29.85 1.26
C ASP B 240 -25.29 28.52 1.25
N LYS B 241 -24.26 28.40 0.41
CA LYS B 241 -23.44 27.19 0.36
C LYS B 241 -24.25 25.96 -0.04
N LYS B 242 -25.28 26.16 -0.85
CA LYS B 242 -26.07 25.02 -1.31
C LYS B 242 -25.32 24.19 -2.34
N GLY B 243 -24.40 24.81 -3.09
CA GLY B 243 -23.65 24.09 -4.10
C GLY B 243 -22.31 24.76 -4.36
N ILE B 244 -21.56 24.19 -5.29
CA ILE B 244 -20.22 24.65 -5.62
C ILE B 244 -20.00 24.52 -7.12
N TYR B 245 -19.22 25.45 -7.67
CA TYR B 245 -18.80 25.39 -9.06
C TYR B 245 -17.28 25.46 -9.12
N VAL B 246 -16.71 24.79 -10.12
CA VAL B 246 -15.29 24.85 -10.40
C VAL B 246 -15.10 25.13 -11.88
N THR B 247 -14.28 26.12 -12.20
CA THR B 247 -13.92 26.38 -13.58
C THR B 247 -12.41 26.46 -13.66
N VAL B 248 -11.82 25.89 -14.70
CA VAL B 248 -10.41 26.09 -14.96
C VAL B 248 -10.23 26.70 -16.33
N ASN B 249 -9.37 27.71 -16.42
CA ASN B 249 -9.10 28.42 -17.66
C ASN B 249 -7.71 28.04 -18.14
N ILE B 250 -7.62 27.49 -19.36
CA ILE B 250 -6.37 26.99 -19.90
C ILE B 250 -6.12 27.60 -21.27
N THR B 251 -4.85 27.64 -21.66
CA THR B 251 -4.43 28.05 -23.00
C THR B 251 -3.74 26.89 -23.70
N GLU B 252 -4.26 26.50 -24.86
CA GLU B 252 -3.64 25.46 -25.66
C GLU B 252 -2.63 26.07 -26.61
N GLY B 253 -1.66 25.25 -27.01
CA GLY B 253 -0.74 25.57 -28.07
C GLY B 253 -1.00 24.83 -29.36
N ASP B 254 -0.03 24.02 -29.77
CA ASP B 254 -0.15 23.18 -30.95
C ASP B 254 0.64 21.89 -30.72
N GLN B 255 0.64 21.01 -31.72
CA GLN B 255 1.29 19.72 -31.59
C GLN B 255 2.71 19.82 -32.13
N TYR B 256 3.67 19.75 -31.21
CA TYR B 256 5.10 19.79 -31.49
C TYR B 256 5.63 18.40 -31.82
N LYS B 257 6.67 18.34 -32.65
CA LYS B 257 7.39 17.10 -32.90
C LYS B 257 8.80 17.15 -32.32
N LEU B 258 9.29 15.98 -31.91
CA LEU B 258 10.61 15.85 -31.30
C LEU B 258 11.63 15.54 -32.39
N SER B 259 12.55 16.47 -32.62
CA SER B 259 13.52 16.37 -33.71
C SER B 259 14.74 15.52 -33.38
N GLY B 260 15.07 15.34 -32.11
CA GLY B 260 16.23 14.56 -31.74
C GLY B 260 16.54 14.77 -30.27
N VAL B 261 17.43 13.94 -29.76
CA VAL B 261 17.82 14.03 -28.35
C VAL B 261 19.33 14.17 -28.25
N GLU B 262 19.77 15.21 -27.55
CA GLU B 262 21.17 15.51 -27.32
C GLU B 262 21.56 15.15 -25.89
N VAL B 263 22.58 14.31 -25.75
CA VAL B 263 23.03 13.84 -24.44
C VAL B 263 24.47 14.27 -24.24
N SER B 264 24.75 14.97 -23.14
CA SER B 264 26.10 15.40 -22.82
C SER B 264 26.33 15.27 -21.33
N GLY B 265 27.55 15.57 -20.92
CA GLY B 265 27.97 15.49 -19.54
C GLY B 265 28.98 14.39 -19.32
N ASN B 266 29.02 13.92 -18.07
CA ASN B 266 30.07 13.00 -17.62
C ASN B 266 29.57 11.56 -17.65
N LEU B 267 29.83 10.86 -18.75
CA LEU B 267 29.42 9.47 -18.91
C LEU B 267 30.66 8.61 -18.74
N ALA B 268 30.71 7.84 -17.65
CA ALA B 268 31.85 7.00 -17.33
C ALA B 268 31.77 5.71 -18.15
N GLY B 269 31.87 5.88 -19.45
CA GLY B 269 31.51 4.80 -20.34
C GLY B 269 30.01 4.70 -20.45
N HIS B 270 29.54 3.55 -20.90
CA HIS B 270 28.12 3.28 -21.08
C HIS B 270 27.51 4.22 -22.10
N SER B 271 28.30 4.82 -22.98
CA SER B 271 27.73 5.76 -23.93
C SER B 271 26.82 5.06 -24.92
N ALA B 272 27.15 3.83 -25.28
CA ALA B 272 26.35 3.07 -26.23
C ALA B 272 24.99 2.70 -25.67
N GLU B 273 24.93 2.31 -24.40
CA GLU B 273 23.64 1.97 -23.82
C GLU B 273 22.74 3.20 -23.65
N ILE B 274 23.31 4.34 -23.28
CA ILE B 274 22.50 5.55 -23.20
C ILE B 274 22.02 5.95 -24.59
N GLU B 275 22.91 5.88 -25.58
CA GLU B 275 22.51 6.18 -26.95
C GLU B 275 21.40 5.26 -27.43
N GLN B 276 21.45 3.99 -27.04
CA GLN B 276 20.35 3.08 -27.35
C GLN B 276 19.07 3.49 -26.63
N LEU B 277 19.16 3.87 -25.36
CA LEU B 277 17.96 4.37 -24.69
C LEU B 277 17.50 5.68 -25.31
N THR B 278 18.44 6.46 -25.86
CA THR B 278 18.13 7.75 -26.45
C THR B 278 17.37 7.66 -27.77
N LYS B 279 17.37 6.52 -28.47
CA LYS B 279 16.79 6.49 -29.80
C LYS B 279 15.29 6.77 -29.77
N ILE B 280 14.85 7.60 -30.72
CA ILE B 280 13.46 7.97 -30.93
C ILE B 280 13.11 7.78 -32.40
N GLU B 281 11.82 7.70 -32.69
CA GLU B 281 11.34 7.71 -34.07
C GLU B 281 11.35 9.12 -34.65
N PRO B 282 12.00 9.35 -35.78
CA PRO B 282 12.02 10.70 -36.37
C PRO B 282 10.64 11.30 -36.57
N GLY B 283 10.46 12.52 -36.05
CA GLY B 283 9.17 13.20 -36.10
C GLY B 283 8.16 12.75 -35.08
N GLU B 284 8.52 11.88 -34.15
CA GLU B 284 7.57 11.40 -33.16
C GLU B 284 7.04 12.56 -32.33
N LEU B 285 5.73 12.53 -32.09
CA LEU B 285 5.08 13.59 -31.33
C LEU B 285 5.73 13.74 -29.95
N TYR B 286 6.06 14.98 -29.60
CA TYR B 286 6.72 15.26 -28.33
C TYR B 286 5.86 14.80 -27.17
N ASN B 287 6.48 14.11 -26.20
CA ASN B 287 5.75 13.54 -25.08
C ASN B 287 6.55 13.66 -23.79
N GLY B 288 6.03 14.44 -22.85
CA GLY B 288 6.71 14.67 -21.59
C GLY B 288 6.95 13.40 -20.79
N THR B 289 5.98 12.49 -20.80
CA THR B 289 6.14 11.22 -20.13
C THR B 289 7.29 10.42 -20.70
N LYS B 290 7.42 10.38 -22.02
CA LYS B 290 8.55 9.66 -22.61
C LYS B 290 9.89 10.26 -22.19
N VAL B 291 9.96 11.58 -22.05
CA VAL B 291 11.19 12.20 -21.54
C VAL B 291 11.49 11.74 -20.13
N THR B 292 10.47 11.70 -19.27
CA THR B 292 10.70 11.19 -17.93
C THR B 292 11.11 9.71 -17.95
N LYS B 293 10.48 8.92 -18.81
CA LYS B 293 10.86 7.51 -18.91
C LYS B 293 12.31 7.34 -19.32
N MET B 294 12.77 8.09 -20.32
CA MET B 294 14.19 8.01 -20.70
C MET B 294 15.11 8.43 -19.57
N GLU B 295 14.78 9.51 -18.87
CA GLU B 295 15.60 9.91 -17.73
C GLU B 295 15.68 8.83 -16.66
N ASP B 296 14.55 8.21 -16.33
CA ASP B 296 14.59 7.15 -15.33
C ASP B 296 15.36 5.94 -15.83
N ASP B 297 15.20 5.59 -17.10
CA ASP B 297 15.97 4.47 -17.64
C ASP B 297 17.46 4.74 -17.55
N ILE B 298 17.88 5.99 -17.77
CA ILE B 298 19.30 6.28 -17.61
C ILE B 298 19.74 6.11 -16.17
N LYS B 299 18.94 6.57 -15.20
CA LYS B 299 19.35 6.34 -13.82
C LYS B 299 19.42 4.86 -13.48
N LYS B 300 18.46 4.07 -13.93
CA LYS B 300 18.49 2.63 -13.68
C LYS B 300 19.62 1.92 -14.41
N LEU B 301 19.99 2.38 -15.60
CA LEU B 301 21.17 1.84 -16.26
C LEU B 301 22.43 2.11 -15.46
N LEU B 302 22.61 3.33 -14.97
CA LEU B 302 23.84 3.56 -14.23
C LEU B 302 23.81 2.89 -12.87
N GLY B 303 22.65 2.80 -12.25
CA GLY B 303 22.60 2.21 -10.92
C GLY B 303 23.09 0.78 -10.84
N ARG B 304 22.91 -0.01 -11.89
CA ARG B 304 23.37 -1.38 -11.80
C ARG B 304 24.88 -1.52 -11.87
N TYR B 305 25.62 -0.45 -12.17
CA TYR B 305 27.08 -0.53 -12.18
C TYR B 305 27.72 0.13 -10.96
N GLY B 306 26.93 0.51 -9.97
CA GLY B 306 27.46 1.07 -8.74
C GLY B 306 27.43 2.57 -8.61
N TYR B 307 26.86 3.27 -9.58
CA TYR B 307 26.73 4.73 -9.54
C TYR B 307 25.39 5.07 -8.91
N ALA B 308 25.30 4.93 -7.59
CA ALA B 308 24.02 5.04 -6.94
C ALA B 308 23.43 6.44 -6.91
N TYR B 309 24.22 7.51 -7.03
CA TYR B 309 23.73 8.88 -6.91
C TYR B 309 24.15 9.77 -8.08
N PRO B 310 23.73 9.44 -9.28
CA PRO B 310 24.02 10.27 -10.43
C PRO B 310 23.14 11.51 -10.40
N ARG B 311 23.57 12.53 -11.15
CA ARG B 311 22.77 13.72 -11.41
C ARG B 311 22.30 13.69 -12.86
N VAL B 312 21.00 13.60 -13.08
CA VAL B 312 20.45 13.54 -14.43
C VAL B 312 19.37 14.59 -14.53
N GLN B 313 19.48 15.44 -15.55
CA GLN B 313 18.48 16.47 -15.81
C GLN B 313 18.26 16.60 -17.30
N SER B 314 17.08 17.07 -17.69
CA SER B 314 16.78 17.26 -19.10
C SER B 314 15.92 18.50 -19.26
N MET B 315 15.98 19.10 -20.45
CA MET B 315 15.16 20.27 -20.72
C MET B 315 15.00 20.44 -22.21
N PRO B 316 13.85 20.92 -22.67
CA PRO B 316 13.64 21.15 -24.09
C PRO B 316 14.22 22.47 -24.58
N GLU B 317 14.53 22.48 -25.88
CA GLU B 317 14.68 23.68 -26.70
C GLU B 317 13.47 23.71 -27.63
N ILE B 318 12.55 24.62 -27.37
CA ILE B 318 11.27 24.69 -28.07
C ILE B 318 11.40 25.70 -29.20
N ASN B 319 11.17 25.25 -30.42
CA ASN B 319 11.38 26.12 -31.58
C ASN B 319 10.08 26.79 -31.98
N ASP B 320 10.21 27.96 -32.58
CA ASP B 320 9.09 28.76 -33.10
C ASP B 320 8.92 28.63 -34.60
N ALA B 321 10.02 28.71 -35.35
CA ALA B 321 9.96 28.57 -36.80
C ALA B 321 9.31 27.26 -37.22
N ASP B 322 9.43 26.21 -36.41
CA ASP B 322 8.73 24.97 -36.70
C ASP B 322 8.27 24.32 -35.40
N LYS B 323 7.26 23.46 -35.55
CA LYS B 323 6.60 22.80 -34.43
C LYS B 323 7.48 21.65 -33.96
N THR B 324 8.71 21.98 -33.61
CA THR B 324 9.69 20.98 -33.22
C THR B 324 10.29 21.33 -31.87
N VAL B 325 10.77 20.29 -31.20
CA VAL B 325 11.49 20.42 -29.94
C VAL B 325 12.77 19.60 -30.07
N LYS B 326 13.88 20.17 -29.58
CA LYS B 326 15.12 19.43 -29.43
C LYS B 326 15.34 19.21 -27.95
N LEU B 327 15.55 17.97 -27.55
CA LEU B 327 15.66 17.62 -26.15
C LEU B 327 17.13 17.51 -25.76
N ARG B 328 17.53 18.18 -24.67
CA ARG B 328 18.87 18.04 -24.14
C ARG B 328 18.84 17.32 -22.79
N VAL B 329 19.77 16.40 -22.59
CA VAL B 329 19.94 15.69 -21.33
C VAL B 329 21.37 15.89 -20.85
N ASN B 330 21.51 16.27 -19.58
CA ASN B 330 22.79 16.53 -18.94
C ASN B 330 22.95 15.51 -17.82
N VAL B 331 23.94 14.62 -17.97
CA VAL B 331 24.18 13.49 -17.07
C VAL B 331 25.54 13.68 -16.43
N ASP B 332 25.61 13.52 -15.10
CA ASP B 332 26.87 13.45 -14.36
C ASP B 332 26.85 12.24 -13.45
N ALA B 333 27.60 11.21 -13.83
CA ALA B 333 27.62 9.93 -13.12
C ALA B 333 28.06 10.00 -11.66
N GLY B 334 28.77 11.03 -11.25
CA GLY B 334 29.28 11.10 -9.89
C GLY B 334 30.42 10.13 -9.59
N ASN B 335 30.26 9.23 -8.63
CA ASN B 335 31.33 8.29 -8.29
C ASN B 335 30.71 6.95 -7.89
N ARG B 336 31.53 5.89 -7.96
CA ARG B 336 31.08 4.54 -7.60
C ARG B 336 30.99 4.34 -6.10
N PHE B 337 29.94 3.66 -5.65
CA PHE B 337 29.74 3.36 -4.23
C PHE B 337 30.00 1.91 -3.86
N TYR B 338 30.51 1.69 -2.64
CA TYR B 338 30.76 0.36 -2.08
C TYR B 338 29.88 0.10 -0.86
N VAL B 339 29.57 -1.17 -0.62
CA VAL B 339 28.76 -1.57 0.53
C VAL B 339 29.65 -1.93 1.71
N ARG B 340 29.46 -1.25 2.83
CA ARG B 340 30.23 -1.53 4.03
C ARG B 340 29.63 -2.64 4.90
N LYS B 341 28.35 -2.53 5.27
CA LYS B 341 27.66 -3.56 6.05
C LYS B 341 26.24 -3.75 5.58
N ILE B 342 25.75 -4.98 5.75
CA ILE B 342 24.33 -5.30 5.60
C ILE B 342 23.79 -5.69 6.97
N ARG B 343 22.78 -4.99 7.42
CA ARG B 343 22.19 -5.23 8.73
C ARG B 343 20.75 -5.71 8.54
N PHE B 344 20.25 -6.46 9.50
CA PHE B 344 18.86 -6.87 9.52
C PHE B 344 18.19 -6.38 10.80
N GLU B 345 16.99 -5.84 10.66
CA GLU B 345 16.20 -5.40 11.80
C GLU B 345 14.87 -6.12 11.84
N GLY B 346 14.44 -6.51 13.03
CA GLY B 346 13.20 -7.25 13.19
C GLY B 346 13.40 -8.75 13.16
N ASN B 347 14.65 -9.17 13.16
CA ASN B 347 15.07 -10.56 13.15
C ASN B 347 15.04 -11.19 14.54
N ASP B 348 13.86 -11.25 15.16
CA ASP B 348 13.84 -11.62 16.58
C ASP B 348 13.87 -13.11 16.81
N THR B 349 13.34 -13.90 15.88
CA THR B 349 13.30 -15.34 16.03
C THR B 349 14.27 -16.06 15.11
N SER B 350 14.32 -15.68 13.83
CA SER B 350 15.13 -16.39 12.87
C SER B 350 16.60 -16.12 13.10
N LYS B 351 17.43 -17.10 12.78
CA LYS B 351 18.87 -16.89 12.81
C LYS B 351 19.28 -15.89 11.76
N ASP B 352 20.33 -15.13 12.05
CA ASP B 352 20.81 -14.21 11.04
C ASP B 352 21.19 -14.92 9.76
N ALA B 353 21.74 -16.13 9.86
CA ALA B 353 22.09 -16.90 8.67
C ALA B 353 20.88 -17.27 7.83
N VAL B 354 19.70 -17.41 8.44
CA VAL B 354 18.48 -17.75 7.69
C VAL B 354 18.03 -16.61 6.80
N LEU B 355 18.26 -15.38 7.21
CA LEU B 355 17.97 -14.26 6.34
C LEU B 355 19.10 -14.05 5.36
N ARG B 356 20.32 -14.05 5.86
CA ARG B 356 21.50 -13.74 5.06
C ARG B 356 21.76 -14.72 3.93
N ARG B 357 21.45 -15.99 4.10
CA ARG B 357 21.72 -16.93 3.02
C ARG B 357 20.98 -16.57 1.74
N GLU B 358 19.94 -15.76 1.80
CA GLU B 358 19.16 -15.40 0.64
C GLU B 358 19.64 -14.15 -0.08
N MET B 359 20.71 -13.52 0.36
CA MET B 359 21.19 -12.29 -0.26
C MET B 359 21.99 -12.55 -1.52
N ARG B 360 22.00 -11.55 -2.40
CA ARG B 360 22.87 -11.50 -3.56
C ARG B 360 23.91 -10.40 -3.50
N GLN B 361 23.66 -9.32 -2.78
CA GLN B 361 24.69 -8.33 -2.54
C GLN B 361 25.65 -8.80 -1.46
N MET B 362 26.93 -8.75 -1.73
CA MET B 362 27.96 -9.17 -0.80
C MET B 362 28.47 -7.95 -0.05
N GLU B 363 28.88 -8.13 1.19
CA GLU B 363 29.58 -7.05 1.85
C GLU B 363 30.98 -6.90 1.28
N GLY B 364 31.45 -5.66 1.24
CA GLY B 364 32.80 -5.43 0.77
C GLY B 364 32.98 -5.54 -0.71
N ALA B 365 31.97 -5.21 -1.49
CA ALA B 365 32.05 -5.32 -2.93
C ALA B 365 31.28 -4.16 -3.52
N TRP B 366 31.48 -3.90 -4.81
CA TRP B 366 30.82 -2.74 -5.38
C TRP B 366 29.31 -2.90 -5.32
N LEU B 367 28.63 -1.79 -5.12
CA LEU B 367 27.17 -1.81 -5.06
C LEU B 367 26.56 -2.08 -6.43
N GLY B 368 25.50 -2.88 -6.45
CA GLY B 368 24.66 -3.04 -7.61
C GLY B 368 23.21 -2.88 -7.20
N SER B 369 22.51 -1.88 -7.73
CA SER B 369 21.14 -1.63 -7.32
C SER B 369 20.17 -2.75 -7.66
N ASP B 370 20.42 -3.57 -8.68
CA ASP B 370 19.52 -4.70 -8.94
C ASP B 370 19.73 -5.89 -8.01
N LEU B 371 20.94 -6.10 -7.53
CA LEU B 371 21.19 -7.21 -6.63
C LEU B 371 20.46 -7.03 -5.31
N VAL B 372 20.37 -5.81 -4.82
CA VAL B 372 19.64 -5.58 -3.58
C VAL B 372 18.17 -5.91 -3.76
N ASP B 373 17.57 -5.53 -4.88
CA ASP B 373 16.17 -5.89 -5.10
C ASP B 373 15.97 -7.40 -5.29
N GLN B 374 16.90 -8.09 -5.93
CA GLN B 374 16.74 -9.55 -5.99
C GLN B 374 16.76 -10.14 -4.59
N GLY B 375 17.60 -9.61 -3.72
CA GLY B 375 17.56 -10.06 -2.34
C GLY B 375 16.22 -9.81 -1.67
N LYS B 376 15.64 -8.64 -1.89
CA LYS B 376 14.31 -8.39 -1.35
C LYS B 376 13.28 -9.38 -1.86
N GLU B 377 13.30 -9.69 -3.15
CA GLU B 377 12.33 -10.64 -3.68
C GLU B 377 12.51 -12.02 -3.08
N ARG B 378 13.75 -12.49 -2.94
CA ARG B 378 13.94 -13.78 -2.31
C ARG B 378 13.48 -13.80 -0.86
N LEU B 379 13.71 -12.73 -0.10
CA LEU B 379 13.19 -12.75 1.27
C LEU B 379 11.67 -12.81 1.27
N ASN B 380 11.00 -12.14 0.34
CA ASN B 380 9.54 -12.25 0.33
C ASN B 380 9.10 -13.66 -0.03
N ARG B 381 9.71 -14.26 -1.03
CA ARG B 381 9.28 -15.56 -1.50
C ARG B 381 9.33 -16.67 -0.46
N LEU B 382 10.14 -16.55 0.60
CA LEU B 382 10.15 -17.62 1.60
C LEU B 382 8.79 -17.81 2.23
N GLY B 383 8.05 -16.74 2.42
CA GLY B 383 6.81 -16.81 3.15
C GLY B 383 6.87 -16.76 4.67
N PHE B 384 7.98 -16.32 5.25
CA PHE B 384 8.08 -16.25 6.69
C PHE B 384 7.69 -14.89 7.22
N PHE B 385 7.55 -13.87 6.38
CA PHE B 385 7.44 -12.51 6.86
C PHE B 385 6.21 -11.83 6.28
N GLU B 386 5.60 -10.94 7.07
CA GLU B 386 4.51 -10.11 6.55
C GLU B 386 5.01 -9.03 5.63
N THR B 387 6.21 -8.53 5.85
CA THR B 387 6.72 -7.48 5.00
C THR B 387 8.23 -7.46 5.09
N VAL B 388 8.85 -7.05 3.99
CA VAL B 388 10.26 -6.78 3.86
C VAL B 388 10.44 -5.45 3.16
N ASP B 389 11.32 -4.61 3.70
CA ASP B 389 11.59 -3.32 3.10
C ASP B 389 13.08 -3.04 3.25
N THR B 390 13.60 -2.08 2.51
CA THR B 390 15.04 -1.81 2.58
C THR B 390 15.30 -0.33 2.71
N ASP B 391 16.53 -0.02 3.14
CA ASP B 391 17.03 1.34 3.25
C ASP B 391 18.49 1.37 2.88
N THR B 392 18.87 2.16 1.90
CA THR B 392 20.29 2.33 1.59
C THR B 392 20.73 3.66 2.18
N GLN B 393 21.60 3.61 3.17
CA GLN B 393 21.96 4.78 3.95
C GLN B 393 23.40 5.16 3.65
N ARG B 394 23.68 6.44 3.49
CA ARG B 394 25.06 6.84 3.32
C ARG B 394 25.78 6.78 4.66
N VAL B 395 27.05 6.40 4.63
CA VAL B 395 27.91 6.38 5.81
C VAL B 395 28.36 7.80 6.14
N PRO B 396 28.09 8.32 7.34
CA PRO B 396 28.53 9.69 7.63
C PRO B 396 30.03 9.84 7.48
N GLY B 397 30.43 10.92 6.85
CA GLY B 397 31.84 11.22 6.67
C GLY B 397 32.56 10.38 5.64
N SER B 398 31.85 9.81 4.69
CA SER B 398 32.48 8.95 3.69
C SER B 398 31.80 9.22 2.35
N PRO B 399 32.55 9.62 1.32
CA PRO B 399 31.90 9.96 0.04
C PRO B 399 31.51 8.78 -0.83
N ASP B 400 31.87 7.53 -0.52
CA ASP B 400 31.61 6.46 -1.47
C ASP B 400 31.16 5.16 -0.82
N GLN B 401 30.55 5.18 0.36
CA GLN B 401 30.13 3.92 0.98
C GLN B 401 28.72 4.04 1.50
N VAL B 402 27.98 2.93 1.46
CA VAL B 402 26.65 2.86 2.02
C VAL B 402 26.49 1.65 2.91
N ASP B 403 25.49 1.70 3.76
CA ASP B 403 25.02 0.57 4.55
C ASP B 403 23.65 0.18 4.03
N VAL B 404 23.36 -1.10 3.95
CA VAL B 404 22.05 -1.55 3.48
C VAL B 404 21.32 -2.21 4.64
N VAL B 405 20.13 -1.72 4.97
CA VAL B 405 19.36 -2.23 6.09
C VAL B 405 18.10 -2.87 5.56
N TYR B 406 17.87 -4.13 5.92
CA TYR B 406 16.60 -4.79 5.62
C TYR B 406 15.73 -4.85 6.86
N LYS B 407 14.48 -4.45 6.74
CA LYS B 407 13.54 -4.43 7.84
C LYS B 407 12.47 -5.47 7.54
N VAL B 408 12.23 -6.39 8.45
CA VAL B 408 11.24 -7.43 8.23
C VAL B 408 10.30 -7.51 9.42
N LYS B 409 9.11 -8.06 9.18
CA LYS B 409 8.19 -8.36 10.28
C LYS B 409 7.72 -9.81 10.23
N GLU B 410 8.06 -10.58 11.26
CA GLU B 410 7.80 -12.02 11.27
C GLU B 410 6.34 -12.39 11.42
N ARG B 411 5.90 -13.42 10.70
CA ARG B 411 4.58 -14.01 10.88
C ARG B 411 4.65 -15.35 11.61
N ASN B 412 3.65 -15.63 12.43
CA ASN B 412 3.47 -16.94 13.05
C ASN B 412 3.58 -18.05 12.03
N THR B 413 4.44 -19.03 12.28
CA THR B 413 4.80 -20.07 11.31
C THR B 413 4.60 -21.48 11.85
N GLY B 414 3.38 -22.01 11.72
CA GLY B 414 3.06 -23.33 12.22
C GLY B 414 2.43 -23.34 13.60
N CYS B 415 1.58 -24.33 13.84
CA CYS B 415 0.91 -24.43 15.14
C CYS B 415 0.87 -25.85 15.66
N PHE B 416 0.93 -25.96 16.98
CA PHE B 416 0.70 -27.22 17.68
C PHE B 416 -0.79 -27.47 17.86
N ASN B 417 -1.24 -28.70 17.61
CA ASN B 417 -2.64 -29.10 17.76
C ASN B 417 -2.73 -30.38 18.58
N PHE B 418 -3.59 -30.41 19.58
CA PHE B 418 -3.75 -31.62 20.39
C PHE B 418 -5.19 -31.76 20.82
N GLY B 419 -5.72 -32.99 20.82
CA GLY B 419 -7.05 -33.16 21.38
C GLY B 419 -7.44 -34.60 21.60
N ILE B 420 -8.41 -34.77 22.49
CA ILE B 420 -8.93 -36.07 22.91
C ILE B 420 -10.43 -36.12 22.68
N GLY B 421 -10.91 -37.25 22.19
CA GLY B 421 -12.32 -37.43 21.87
C GLY B 421 -12.90 -38.65 22.55
N TYR B 422 -12.59 -38.86 23.83
CA TYR B 422 -13.08 -40.03 24.53
C TYR B 422 -14.60 -40.05 24.63
N GLY B 423 -15.17 -41.24 24.47
CA GLY B 423 -16.59 -41.46 24.70
C GLY B 423 -16.87 -42.94 24.82
N THR B 424 -18.03 -43.26 25.40
CA THR B 424 -18.35 -44.66 25.66
C THR B 424 -18.71 -45.42 24.39
N GLU B 425 -19.14 -44.72 23.34
CA GLU B 425 -19.43 -45.36 22.07
C GLU B 425 -18.17 -45.86 21.37
N SER B 426 -17.06 -45.11 21.51
CA SER B 426 -15.81 -45.47 20.86
C SER B 426 -14.65 -45.68 21.82
N GLY B 427 -14.79 -45.30 23.09
CA GLY B 427 -13.67 -45.35 23.99
C GLY B 427 -12.64 -44.28 23.70
N VAL B 428 -11.37 -44.70 23.71
CA VAL B 428 -10.26 -43.77 23.57
C VAL B 428 -10.19 -43.24 22.14
N SER B 429 -10.04 -41.92 22.02
CA SER B 429 -9.89 -41.24 20.74
C SER B 429 -8.85 -40.16 20.94
N PHE B 430 -7.76 -40.23 20.19
CA PHE B 430 -6.59 -39.40 20.42
C PHE B 430 -6.13 -38.81 19.10
N GLN B 431 -5.77 -37.53 19.11
CA GLN B 431 -5.12 -36.93 17.96
C GLN B 431 -4.11 -35.90 18.41
N ALA B 432 -2.96 -35.83 17.73
CA ALA B 432 -1.98 -34.80 18.05
C ALA B 432 -1.11 -34.55 16.85
N GLY B 433 -0.51 -33.36 16.81
CA GLY B 433 0.50 -33.11 15.82
C GLY B 433 1.00 -31.68 15.86
N VAL B 434 2.07 -31.45 15.11
CA VAL B 434 2.70 -30.15 14.99
C VAL B 434 3.13 -29.98 13.55
N GLN B 435 3.02 -28.76 13.04
CA GLN B 435 3.53 -28.41 11.73
C GLN B 435 4.16 -27.04 11.77
N GLN B 436 5.44 -26.95 11.40
CA GLN B 436 6.13 -25.68 11.24
C GLN B 436 6.95 -25.68 9.96
N ASP B 437 6.95 -24.53 9.29
CA ASP B 437 7.77 -24.30 8.12
C ASP B 437 9.06 -23.64 8.50
N ASN B 438 9.24 -23.39 9.79
CA ASN B 438 10.43 -22.76 10.35
C ASN B 438 10.42 -23.26 11.78
N TRP B 439 11.44 -23.97 12.20
CA TRP B 439 11.39 -24.63 13.49
C TRP B 439 12.30 -23.88 14.44
N LEU B 440 11.70 -23.09 15.32
CA LEU B 440 12.44 -22.27 16.25
C LEU B 440 13.35 -21.29 15.54
N GLY B 441 13.10 -20.99 14.27
CA GLY B 441 13.99 -20.13 13.54
C GLY B 441 15.18 -20.81 12.92
N THR B 442 15.22 -22.14 12.90
CA THR B 442 16.39 -22.81 12.37
C THR B 442 16.29 -23.07 10.88
N GLY B 443 15.16 -22.80 10.25
CA GLY B 443 14.99 -23.05 8.83
C GLY B 443 14.49 -24.45 8.45
N TYR B 444 14.38 -25.36 9.41
CA TYR B 444 13.92 -26.70 9.09
C TYR B 444 12.42 -26.71 8.91
N ALA B 445 11.94 -27.54 7.99
CA ALA B 445 10.51 -27.78 7.83
C ALA B 445 10.16 -29.10 8.48
N VAL B 446 9.37 -29.05 9.54
CA VAL B 446 9.11 -30.23 10.37
C VAL B 446 7.61 -30.45 10.48
N GLY B 447 7.18 -31.68 10.20
CA GLY B 447 5.79 -32.07 10.36
C GLY B 447 5.67 -33.40 11.07
N ILE B 448 4.99 -33.43 12.21
CA ILE B 448 4.81 -34.64 13.00
C ILE B 448 3.33 -34.80 13.29
N ASN B 449 2.76 -35.95 12.95
CA ASN B 449 1.34 -36.16 13.18
C ASN B 449 1.09 -37.57 13.66
N GLY B 450 0.04 -37.73 14.45
CA GLY B 450 -0.38 -39.06 14.82
C GLY B 450 -1.78 -39.05 15.36
N THR B 451 -2.42 -40.22 15.27
CA THR B 451 -3.75 -40.38 15.82
C THR B 451 -4.03 -41.84 16.10
N LYS B 452 -4.92 -42.06 17.07
CA LYS B 452 -5.30 -43.40 17.50
C LYS B 452 -6.78 -43.43 17.84
N ASN B 453 -7.49 -44.42 17.33
CA ASN B 453 -8.86 -44.67 17.74
C ASN B 453 -9.08 -46.18 17.71
N ASP B 454 -10.34 -46.59 17.80
CA ASP B 454 -10.66 -48.01 17.93
C ASP B 454 -10.46 -48.77 16.63
N TYR B 455 -10.40 -48.07 15.49
CA TYR B 455 -10.37 -48.69 14.18
C TYR B 455 -9.18 -48.29 13.33
N GLN B 456 -8.46 -47.22 13.67
CA GLN B 456 -7.38 -46.71 12.84
C GLN B 456 -6.23 -46.26 13.72
N THR B 457 -5.02 -46.56 13.28
CA THR B 457 -3.81 -45.98 13.86
C THR B 457 -3.00 -45.32 12.77
N TYR B 458 -2.54 -44.10 12.99
CA TYR B 458 -1.79 -43.43 11.95
C TYR B 458 -0.63 -42.67 12.56
N ALA B 459 0.50 -42.65 11.87
CA ALA B 459 1.63 -41.84 12.27
C ALA B 459 2.37 -41.32 11.05
N GLU B 460 2.99 -40.15 11.21
CA GLU B 460 3.79 -39.51 10.19
C GLU B 460 4.91 -38.68 10.80
N LEU B 461 6.10 -38.78 10.22
CA LEU B 461 7.22 -37.95 10.61
C LEU B 461 7.89 -37.46 9.33
N SER B 462 8.05 -36.13 9.19
CA SER B 462 8.70 -35.56 8.02
C SER B 462 9.63 -34.42 8.39
N VAL B 463 10.89 -34.50 7.96
CA VAL B 463 11.88 -33.48 8.26
C VAL B 463 12.61 -33.10 6.98
N THR B 464 12.72 -31.79 6.72
CA THR B 464 13.51 -31.33 5.58
C THR B 464 14.43 -30.19 5.99
N ASN B 465 15.67 -30.28 5.51
CA ASN B 465 16.71 -29.27 5.64
C ASN B 465 16.84 -28.49 4.34
N PRO B 466 16.36 -27.26 4.25
CA PRO B 466 16.48 -26.53 2.99
C PRO B 466 17.89 -26.31 2.50
N TYR B 467 18.90 -26.32 3.38
CA TYR B 467 20.30 -26.07 3.00
C TYR B 467 21.20 -27.08 3.69
N PHE B 468 21.31 -28.25 3.09
CA PHE B 468 22.27 -29.23 3.56
C PHE B 468 23.68 -28.76 3.28
N THR B 469 23.88 -28.10 2.16
CA THR B 469 25.15 -27.49 1.83
C THR B 469 24.90 -26.02 1.57
N VAL B 470 25.98 -25.24 1.59
CA VAL B 470 25.88 -23.80 1.40
C VAL B 470 25.34 -23.39 0.05
N ASP B 471 25.43 -24.24 -0.97
CA ASP B 471 24.97 -23.85 -2.31
C ASP B 471 23.48 -24.00 -2.53
N GLY B 472 22.73 -24.48 -1.55
CA GLY B 472 21.30 -24.67 -1.69
C GLY B 472 20.79 -26.08 -1.89
N VAL B 473 21.62 -27.10 -1.71
CA VAL B 473 21.15 -28.47 -1.79
C VAL B 473 20.32 -28.77 -0.55
N SER B 474 19.12 -29.31 -0.74
CA SER B 474 18.24 -29.64 0.35
C SER B 474 18.16 -31.15 0.51
N LEU B 475 17.88 -31.58 1.73
CA LEU B 475 17.80 -32.99 2.04
C LEU B 475 16.71 -33.26 3.06
N GLY B 476 15.86 -34.24 2.81
CA GLY B 476 14.86 -34.56 3.82
C GLY B 476 14.19 -35.87 3.52
N GLY B 477 13.27 -36.24 4.40
CA GLY B 477 12.58 -37.49 4.21
C GLY B 477 11.53 -37.69 5.27
N ARG B 478 10.79 -38.80 5.12
CA ARG B 478 9.70 -39.09 6.03
C ARG B 478 9.55 -40.58 6.27
N LEU B 479 8.84 -40.89 7.35
CA LEU B 479 8.35 -42.22 7.65
C LEU B 479 6.86 -42.14 7.89
N PHE B 480 6.14 -43.18 7.50
CA PHE B 480 4.72 -43.23 7.75
C PHE B 480 4.29 -44.63 8.11
N TYR B 481 3.16 -44.69 8.83
CA TYR B 481 2.49 -45.91 9.22
C TYR B 481 1.00 -45.67 9.18
N ASN B 482 0.24 -46.57 8.56
CA ASN B 482 -1.21 -46.41 8.49
C ASN B 482 -1.86 -47.78 8.59
N ASP B 483 -2.67 -47.96 9.64
CA ASP B 483 -3.33 -49.24 9.93
C ASP B 483 -4.84 -49.02 10.08
N PHE B 484 -5.58 -49.40 9.04
CA PHE B 484 -7.02 -49.20 8.94
C PHE B 484 -7.71 -50.56 9.01
N GLN B 485 -8.51 -50.77 10.05
CA GLN B 485 -9.14 -52.07 10.28
C GLN B 485 -10.59 -52.10 9.84
N ALA B 486 -11.06 -51.07 9.15
CA ALA B 486 -12.44 -51.02 8.71
C ALA B 486 -13.40 -51.28 9.86
N TYR B 494 -12.69 -53.77 5.01
CA TYR B 494 -11.54 -54.63 4.85
C TYR B 494 -10.31 -54.12 5.57
N THR B 495 -9.37 -55.01 5.82
CA THR B 495 -8.12 -54.64 6.49
C THR B 495 -7.13 -54.07 5.50
N ASN B 496 -6.53 -52.94 5.87
CA ASN B 496 -5.58 -52.22 5.03
C ASN B 496 -4.43 -51.74 5.92
N LYS B 497 -3.29 -52.39 5.82
CA LYS B 497 -2.15 -52.07 6.67
C LYS B 497 -0.96 -51.74 5.79
N SER B 498 -0.33 -50.58 6.02
CA SER B 498 0.84 -50.27 5.22
C SER B 498 1.79 -49.40 6.00
N TYR B 499 3.03 -49.40 5.55
CA TYR B 499 4.04 -48.54 6.15
C TYR B 499 5.18 -48.33 5.17
N GLY B 500 5.97 -47.30 5.41
CA GLY B 500 7.10 -47.09 4.52
C GLY B 500 7.88 -45.83 4.82
N THR B 501 8.90 -45.61 3.99
CA THR B 501 9.79 -44.48 4.15
C THR B 501 10.14 -43.86 2.80
N ASP B 502 10.51 -42.59 2.83
CA ASP B 502 10.94 -41.89 1.62
C ASP B 502 12.12 -40.97 1.93
N VAL B 503 13.15 -41.00 1.10
CA VAL B 503 14.30 -40.12 1.24
C VAL B 503 14.48 -39.34 -0.06
N THR B 504 14.48 -38.01 0.03
CA THR B 504 14.56 -37.17 -1.15
C THR B 504 15.63 -36.09 -1.00
N LEU B 505 16.37 -35.90 -2.08
CA LEU B 505 17.42 -34.90 -2.20
C LEU B 505 17.07 -33.97 -3.35
N GLY B 506 17.38 -32.68 -3.25
CA GLY B 506 17.17 -31.82 -4.40
C GLY B 506 18.09 -30.64 -4.43
N PHE B 507 18.20 -30.03 -5.61
CA PHE B 507 19.18 -28.98 -5.81
C PHE B 507 18.75 -28.02 -6.89
N PRO B 508 19.11 -26.75 -6.79
CA PRO B 508 18.80 -25.80 -7.85
C PRO B 508 19.69 -25.96 -9.06
N ILE B 509 19.13 -25.63 -10.22
CA ILE B 509 19.90 -25.53 -11.46
C ILE B 509 19.88 -24.14 -12.05
N ASN B 510 19.00 -23.26 -11.56
CA ASN B 510 18.93 -21.89 -12.03
C ASN B 510 18.35 -21.05 -10.91
N GLU B 511 18.19 -19.76 -11.16
CA GLU B 511 17.59 -18.92 -10.15
C GLU B 511 16.16 -19.32 -9.86
N TYR B 512 15.44 -19.82 -10.85
CA TYR B 512 14.04 -20.17 -10.69
C TYR B 512 13.72 -21.66 -10.80
N ASN B 513 14.69 -22.53 -10.97
CA ASN B 513 14.41 -23.94 -11.21
C ASN B 513 15.16 -24.83 -10.24
N SER B 514 14.49 -25.88 -9.77
CA SER B 514 15.17 -26.86 -8.94
C SER B 514 14.74 -28.25 -9.36
N LEU B 515 15.59 -29.23 -9.13
CA LEU B 515 15.29 -30.62 -9.45
C LEU B 515 15.31 -31.43 -8.17
N ARG B 516 14.54 -32.50 -8.13
CA ARG B 516 14.53 -33.43 -7.01
C ARG B 516 14.63 -34.86 -7.49
N ALA B 517 15.26 -35.70 -6.67
CA ALA B 517 15.31 -37.14 -6.92
C ALA B 517 15.41 -37.85 -5.58
N GLY B 518 14.88 -39.06 -5.52
CA GLY B 518 14.99 -39.82 -4.27
C GLY B 518 14.44 -41.22 -4.39
N LEU B 519 14.46 -41.92 -3.26
CA LEU B 519 14.08 -43.32 -3.15
C LEU B 519 12.99 -43.52 -2.11
N GLY B 520 12.17 -44.56 -2.28
CA GLY B 520 11.22 -44.88 -1.24
C GLY B 520 10.83 -46.34 -1.24
N TYR B 521 10.21 -46.75 -0.13
CA TYR B 521 9.78 -48.11 0.08
C TYR B 521 8.40 -48.17 0.73
N VAL B 522 7.52 -49.03 0.20
CA VAL B 522 6.18 -49.19 0.75
C VAL B 522 5.83 -50.67 0.89
N HIS B 523 5.29 -51.03 2.06
CA HIS B 523 4.71 -52.35 2.28
C HIS B 523 3.21 -52.15 2.41
N ASN B 524 2.45 -52.91 1.64
CA ASN B 524 0.99 -52.77 1.62
C ASN B 524 0.32 -54.13 1.70
N SER B 525 -0.49 -54.36 2.73
CA SER B 525 -1.19 -55.63 2.90
C SER B 525 -2.68 -55.40 3.07
N LEU B 526 -3.47 -56.05 2.21
CA LEU B 526 -4.92 -55.94 2.19
C LEU B 526 -5.51 -57.31 2.48
N SER B 527 -6.64 -57.33 3.16
CA SER B 527 -7.35 -58.59 3.36
C SER B 527 -8.83 -58.33 3.60
N ASN B 528 -9.63 -59.38 3.40
CA ASN B 528 -11.08 -59.30 3.54
C ASN B 528 -11.72 -58.28 2.60
N MET B 529 -11.28 -58.28 1.35
CA MET B 529 -11.76 -57.33 0.35
C MET B 529 -13.11 -57.76 -0.21
N GLN B 530 -14.00 -56.81 -0.36
CA GLN B 530 -15.32 -57.07 -0.96
C GLN B 530 -15.16 -57.33 -2.45
N PRO B 531 -15.59 -58.48 -2.97
CA PRO B 531 -15.47 -58.77 -4.40
C PRO B 531 -16.13 -57.74 -5.32
N GLN B 532 -15.37 -57.29 -6.32
CA GLN B 532 -15.86 -56.28 -7.26
C GLN B 532 -15.00 -56.37 -8.52
N VAL B 533 -15.56 -55.84 -9.62
CA VAL B 533 -14.93 -55.97 -10.94
C VAL B 533 -13.65 -55.17 -11.08
N ALA B 534 -13.70 -53.88 -10.75
CA ALA B 534 -12.53 -53.03 -10.96
C ALA B 534 -11.33 -53.48 -10.16
N MET B 535 -11.55 -54.00 -8.96
CA MET B 535 -10.42 -54.47 -8.16
C MET B 535 -9.94 -55.84 -8.64
N TRP B 536 -10.85 -56.73 -8.98
CA TRP B 536 -10.39 -58.06 -9.37
C TRP B 536 -9.73 -58.05 -10.74
N ARG B 537 -10.10 -57.13 -11.62
CA ARG B 537 -9.38 -57.03 -12.88
C ARG B 537 -7.88 -56.95 -12.65
N TYR B 538 -7.49 -56.03 -11.77
CA TYR B 538 -6.10 -55.92 -11.34
C TYR B 538 -5.62 -57.21 -10.70
N LEU B 539 -6.39 -57.75 -9.74
CA LEU B 539 -5.90 -58.93 -9.04
C LEU B 539 -5.65 -60.08 -10.02
N TYR B 540 -6.51 -60.22 -11.03
CA TYR B 540 -6.26 -61.20 -12.07
C TYR B 540 -4.97 -60.88 -12.82
N SER B 541 -4.74 -59.60 -13.12
CA SER B 541 -3.49 -59.28 -13.79
C SER B 541 -2.27 -59.57 -12.92
N MET B 542 -2.40 -59.51 -11.61
CA MET B 542 -1.29 -59.90 -10.75
C MET B 542 -1.15 -61.40 -10.59
N GLY B 543 -2.06 -62.18 -11.16
CA GLY B 543 -2.00 -63.63 -11.03
C GLY B 543 -2.83 -64.19 -9.90
N GLU B 544 -3.74 -63.41 -9.34
CA GLU B 544 -4.60 -63.87 -8.26
C GLU B 544 -5.90 -64.44 -8.80
N HIS B 545 -6.44 -65.41 -8.08
CA HIS B 545 -7.69 -66.08 -8.47
C HIS B 545 -8.60 -66.24 -7.26
N PRO B 546 -9.11 -65.12 -6.73
CA PRO B 546 -10.02 -65.20 -5.60
C PRO B 546 -11.37 -65.76 -6.03
N SER B 547 -12.12 -66.27 -5.07
CA SER B 547 -13.44 -66.84 -5.32
C SER B 547 -14.55 -65.80 -5.20
N THR B 548 -15.26 -65.58 -6.29
CA THR B 548 -16.30 -64.56 -6.39
C THR B 548 -17.34 -64.70 -5.30
N SER B 549 -17.69 -63.57 -4.69
CA SER B 549 -18.65 -63.39 -3.60
C SER B 549 -18.22 -63.94 -2.23
N ASP B 550 -17.00 -64.46 -2.09
CA ASP B 550 -16.50 -64.81 -0.76
C ASP B 550 -15.43 -63.80 -0.40
N GLN B 551 -15.74 -62.94 0.55
CA GLN B 551 -14.84 -61.84 0.91
C GLN B 551 -13.58 -62.30 1.65
N ASP B 552 -13.46 -63.58 1.95
CA ASP B 552 -12.29 -64.12 2.65
C ASP B 552 -11.10 -64.30 1.72
N ASN B 553 -10.18 -63.33 1.74
CA ASN B 553 -9.07 -63.30 0.80
C ASN B 553 -7.94 -62.48 1.43
N SER B 554 -6.76 -62.51 0.79
CA SER B 554 -5.69 -61.63 1.20
C SER B 554 -4.72 -61.41 0.05
N PHE B 555 -4.01 -60.28 0.10
CA PHE B 555 -2.98 -59.98 -0.89
C PHE B 555 -2.05 -58.95 -0.28
N LYS B 556 -0.73 -59.14 -0.43
CA LYS B 556 0.21 -58.14 0.10
C LYS B 556 1.44 -58.04 -0.79
N THR B 557 1.99 -56.82 -0.88
CA THR B 557 3.18 -56.53 -1.67
C THR B 557 4.21 -55.68 -0.93
N ASP B 558 5.47 -55.86 -1.33
CA ASP B 558 6.62 -55.02 -0.96
C ASP B 558 7.19 -54.31 -2.19
N ASP B 559 7.06 -52.99 -2.27
CA ASP B 559 7.36 -52.23 -3.48
C ASP B 559 8.46 -51.22 -3.22
N PHE B 560 9.52 -51.22 -4.03
CA PHE B 560 10.56 -50.21 -3.97
C PHE B 560 10.39 -49.25 -5.13
N THR B 561 10.40 -47.94 -4.86
CA THR B 561 10.05 -46.95 -5.85
C THR B 561 11.15 -45.91 -6.01
N PHE B 562 11.36 -45.46 -7.25
CA PHE B 562 12.22 -44.31 -7.51
C PHE B 562 11.36 -43.08 -7.78
N ASN B 563 11.61 -42.00 -7.03
CA ASN B 563 10.83 -40.77 -7.08
C ASN B 563 11.63 -39.69 -7.78
N TYR B 564 10.97 -38.81 -8.54
CA TYR B 564 11.71 -37.69 -9.14
C TYR B 564 10.75 -36.53 -9.38
N GLY B 565 11.31 -35.35 -9.64
CA GLY B 565 10.46 -34.24 -10.05
C GLY B 565 11.25 -32.98 -10.30
N TRP B 566 10.54 -31.97 -10.78
CA TRP B 566 11.13 -30.66 -11.07
C TRP B 566 10.17 -29.55 -10.68
N THR B 567 10.71 -28.43 -10.21
CA THR B 567 9.90 -27.28 -9.82
C THR B 567 10.39 -25.97 -10.39
N TYR B 568 9.44 -25.15 -10.85
CA TYR B 568 9.63 -23.79 -11.33
C TYR B 568 8.83 -22.83 -10.49
N ASN B 569 9.45 -21.75 -10.02
CA ASN B 569 8.75 -20.82 -9.14
C ASN B 569 9.30 -19.41 -9.26
N LYS B 570 8.49 -18.47 -9.76
CA LYS B 570 8.84 -17.06 -9.74
C LYS B 570 7.74 -16.16 -9.17
N LEU B 571 6.98 -16.66 -8.20
CA LEU B 571 5.89 -15.88 -7.61
C LEU B 571 6.48 -14.77 -6.75
N ASP B 572 5.78 -13.65 -6.68
CA ASP B 572 6.33 -12.50 -5.94
C ASP B 572 6.14 -12.62 -4.44
N ARG B 573 5.20 -13.43 -3.97
CA ARG B 573 4.91 -13.57 -2.55
C ARG B 573 4.65 -15.01 -2.17
N GLY B 574 4.92 -15.32 -0.91
CA GLY B 574 4.59 -16.60 -0.34
C GLY B 574 3.13 -16.77 0.03
N TYR B 575 2.50 -15.75 0.62
CA TYR B 575 1.14 -15.89 1.13
C TYR B 575 0.05 -15.56 0.11
N PHE B 576 0.13 -14.41 -0.53
CA PHE B 576 -0.86 -13.96 -1.51
C PHE B 576 -0.11 -13.46 -2.74
N PRO B 577 0.37 -14.35 -3.57
CA PRO B 577 1.09 -13.94 -4.76
C PRO B 577 0.20 -13.18 -5.72
N THR B 578 0.83 -12.28 -6.48
CA THR B 578 0.14 -11.41 -7.40
C THR B 578 0.65 -11.54 -8.83
N ASP B 579 1.86 -12.06 -9.03
CA ASP B 579 2.41 -12.15 -10.37
C ASP B 579 3.23 -13.43 -10.47
N GLY B 580 3.79 -13.67 -11.64
CA GLY B 580 4.57 -14.87 -11.88
C GLY B 580 3.73 -16.12 -12.06
N SER B 581 4.41 -17.26 -12.01
CA SER B 581 3.77 -18.55 -12.21
C SER B 581 4.52 -19.63 -11.47
N ARG B 582 3.86 -20.77 -11.25
CA ARG B 582 4.49 -21.93 -10.63
C ARG B 582 4.12 -23.21 -11.34
N VAL B 583 5.10 -24.09 -11.55
CA VAL B 583 4.89 -25.41 -12.16
C VAL B 583 5.60 -26.46 -11.33
N ASN B 584 4.91 -27.56 -10.99
CA ASN B 584 5.51 -28.62 -10.17
C ASN B 584 5.37 -30.05 -10.71
N LEU B 585 6.18 -30.45 -11.68
CA LEU B 585 6.15 -31.81 -12.20
C LEU B 585 6.68 -32.84 -11.22
N THR B 586 5.93 -33.91 -10.96
CA THR B 586 6.42 -34.96 -10.05
C THR B 586 6.06 -36.33 -10.59
N GLY B 587 6.78 -37.36 -10.14
CA GLY B 587 6.36 -38.71 -10.50
C GLY B 587 7.13 -39.82 -9.81
N LYS B 588 6.66 -41.03 -10.08
CA LYS B 588 7.18 -42.28 -9.53
C LYS B 588 7.39 -43.29 -10.64
N VAL B 589 8.41 -44.13 -10.50
CA VAL B 589 8.51 -45.35 -11.28
C VAL B 589 8.91 -46.52 -10.39
N THR B 590 8.28 -47.67 -10.58
CA THR B 590 8.63 -48.83 -9.77
C THR B 590 10.04 -49.27 -10.10
N ILE B 591 10.79 -49.66 -9.08
CA ILE B 591 12.16 -50.15 -9.30
C ILE B 591 12.12 -51.63 -9.63
N PRO B 592 12.81 -52.07 -10.69
CA PRO B 592 12.81 -53.50 -11.02
C PRO B 592 13.14 -54.33 -9.79
N GLY B 593 12.39 -55.41 -9.63
CA GLY B 593 12.44 -56.24 -8.44
C GLY B 593 11.29 -56.02 -7.49
N SER B 594 10.53 -54.95 -7.67
CA SER B 594 9.34 -54.75 -6.85
C SER B 594 8.24 -55.69 -7.32
N ASP B 595 7.26 -55.88 -6.45
CA ASP B 595 6.12 -56.73 -6.81
C ASP B 595 5.21 -56.02 -7.81
N ASN B 596 4.97 -54.74 -7.61
CA ASN B 596 4.24 -53.92 -8.57
C ASN B 596 5.17 -53.30 -9.59
N GLU B 597 4.64 -53.11 -10.80
CA GLU B 597 5.37 -52.47 -11.88
C GLU B 597 4.49 -51.42 -12.54
N TYR B 598 4.80 -50.14 -12.35
CA TYR B 598 3.95 -49.08 -12.86
C TYR B 598 4.70 -47.77 -12.82
N TYR B 599 4.08 -46.74 -13.37
CA TYR B 599 4.59 -45.38 -13.25
C TYR B 599 3.43 -44.43 -13.03
N LYS B 600 3.73 -43.28 -12.42
CA LYS B 600 2.72 -42.26 -12.16
C LYS B 600 3.29 -40.88 -12.35
N VAL B 601 2.56 -39.99 -13.02
CA VAL B 601 3.01 -38.62 -13.29
C VAL B 601 1.93 -37.62 -12.92
N THR B 602 2.33 -36.53 -12.26
CA THR B 602 1.38 -35.44 -11.98
C THR B 602 1.98 -34.10 -12.35
N LEU B 603 1.11 -33.14 -12.61
CA LEU B 603 1.52 -31.79 -13.03
C LEU B 603 0.59 -30.74 -12.46
N ASP B 604 1.05 -29.97 -11.50
CA ASP B 604 0.31 -28.83 -10.95
C ASP B 604 0.82 -27.52 -11.54
N THR B 605 -0.08 -26.63 -11.92
CA THR B 605 0.37 -25.33 -12.41
C THR B 605 -0.52 -24.23 -11.86
N ALA B 606 0.03 -23.01 -11.78
CA ALA B 606 -0.80 -21.85 -11.51
C ALA B 606 -0.17 -20.60 -12.08
N THR B 607 -1.01 -19.69 -12.59
CA THR B 607 -0.56 -18.40 -13.11
C THR B 607 -1.43 -17.25 -12.64
N TYR B 608 -0.81 -16.19 -12.17
CA TYR B 608 -1.47 -14.97 -11.72
C TYR B 608 -1.19 -13.85 -12.71
N VAL B 609 -2.20 -13.04 -13.04
CA VAL B 609 -2.00 -11.84 -13.83
C VAL B 609 -2.74 -10.67 -13.20
N PRO B 610 -2.08 -9.57 -12.88
CA PRO B 610 -2.80 -8.42 -12.32
C PRO B 610 -3.67 -7.73 -13.36
N ILE B 611 -4.76 -7.15 -12.89
CA ILE B 611 -5.66 -6.36 -13.71
C ILE B 611 -5.35 -4.88 -13.57
N ASP B 612 -5.16 -4.43 -12.34
CA ASP B 612 -4.89 -3.04 -12.00
C ASP B 612 -3.48 -2.90 -11.47
N ASP B 613 -2.97 -1.67 -11.54
CA ASP B 613 -1.56 -1.43 -11.23
C ASP B 613 -1.28 -1.58 -9.74
N ASP B 614 -2.30 -1.49 -8.90
CA ASP B 614 -2.10 -1.68 -7.47
C ASP B 614 -2.18 -3.15 -7.09
N HIS B 615 -2.42 -4.03 -8.07
CA HIS B 615 -2.54 -5.46 -7.86
C HIS B 615 -3.67 -5.85 -6.92
N LYS B 616 -4.66 -4.97 -6.73
CA LYS B 616 -5.87 -5.34 -6.00
C LYS B 616 -6.83 -6.17 -6.84
N TRP B 617 -6.84 -5.99 -8.15
CA TRP B 617 -7.63 -6.82 -9.06
C TRP B 617 -6.70 -7.76 -9.81
N VAL B 618 -6.95 -9.07 -9.68
CA VAL B 618 -6.07 -10.09 -10.25
C VAL B 618 -6.91 -11.22 -10.81
N VAL B 619 -6.41 -11.85 -11.87
CA VAL B 619 -7.02 -13.05 -12.44
C VAL B 619 -6.05 -14.22 -12.30
N LEU B 620 -6.57 -15.36 -11.83
CA LEU B 620 -5.79 -16.55 -11.49
C LEU B 620 -6.25 -17.75 -12.30
N GLY B 621 -5.33 -18.42 -12.96
CA GLY B 621 -5.62 -19.71 -13.61
C GLY B 621 -4.89 -20.83 -12.90
N ARG B 622 -5.59 -21.94 -12.66
CA ARG B 622 -5.00 -23.09 -11.98
C ARG B 622 -5.29 -24.35 -12.77
N THR B 623 -4.31 -25.23 -12.92
CA THR B 623 -4.61 -26.51 -13.55
C THR B 623 -3.92 -27.64 -12.83
N ARG B 624 -4.48 -28.83 -12.96
CA ARG B 624 -3.86 -30.05 -12.51
C ARG B 624 -4.06 -31.12 -13.56
N TRP B 625 -3.05 -31.93 -13.79
CA TRP B 625 -3.10 -33.04 -14.71
C TRP B 625 -2.51 -34.24 -14.03
N GLY B 626 -2.95 -35.44 -14.39
CA GLY B 626 -2.22 -36.61 -13.94
C GLY B 626 -2.58 -37.87 -14.70
N TYR B 627 -1.62 -38.78 -14.77
CA TYR B 627 -1.80 -40.03 -15.46
C TYR B 627 -0.88 -41.07 -14.89
N GLY B 628 -1.39 -42.28 -14.66
CA GLY B 628 -0.55 -43.39 -14.30
C GLY B 628 -0.92 -44.63 -15.10
N ASP B 629 0.04 -45.54 -15.22
CA ASP B 629 -0.27 -46.76 -15.96
C ASP B 629 0.70 -47.86 -15.59
N GLY B 630 0.43 -49.03 -16.17
CA GLY B 630 1.19 -50.22 -15.90
C GLY B 630 2.39 -50.43 -16.80
N LEU B 631 3.26 -51.32 -16.34
CA LEU B 631 4.39 -51.81 -17.11
C LEU B 631 4.33 -53.32 -17.15
N GLY B 632 4.74 -53.89 -18.27
CA GLY B 632 4.94 -55.33 -18.35
C GLY B 632 3.68 -56.17 -18.31
N GLY B 633 2.52 -55.59 -18.61
CA GLY B 633 1.25 -56.29 -18.52
C GLY B 633 0.48 -56.11 -17.23
N LYS B 634 1.03 -55.44 -16.22
CA LYS B 634 0.32 -55.21 -14.98
C LYS B 634 -0.41 -53.88 -15.05
N GLU B 635 -1.30 -53.64 -14.09
CA GLU B 635 -1.98 -52.36 -13.95
C GLU B 635 -1.54 -51.64 -12.68
N MET B 636 -1.71 -50.33 -12.68
CA MET B 636 -1.37 -49.55 -11.50
C MET B 636 -2.25 -50.01 -10.34
N PRO B 637 -1.69 -50.27 -9.16
CA PRO B 637 -2.52 -50.69 -8.03
C PRO B 637 -3.61 -49.69 -7.72
N PHE B 638 -4.79 -50.21 -7.40
CA PHE B 638 -5.92 -49.34 -7.06
C PHE B 638 -5.70 -48.49 -5.81
N TYR B 639 -4.82 -48.88 -4.90
CA TYR B 639 -4.51 -47.98 -3.79
C TYR B 639 -3.70 -46.76 -4.19
N GLU B 640 -3.24 -46.67 -5.43
CA GLU B 640 -2.60 -45.46 -5.94
C GLU B 640 -3.46 -44.66 -6.92
N ASN B 641 -4.73 -44.97 -7.06
CA ASN B 641 -5.59 -44.27 -7.99
C ASN B 641 -5.73 -42.79 -7.64
N PHE B 642 -6.01 -41.99 -8.68
CA PHE B 642 -6.31 -40.57 -8.55
C PHE B 642 -7.76 -40.33 -8.17
N TYR B 643 -7.98 -39.34 -7.31
CA TYR B 643 -9.32 -38.95 -6.93
C TYR B 643 -9.47 -37.46 -7.17
N ALA B 644 -10.71 -37.02 -7.38
CA ALA B 644 -10.99 -35.60 -7.57
C ALA B 644 -12.30 -35.24 -6.89
N GLY B 645 -12.47 -33.95 -6.62
CA GLY B 645 -13.67 -33.48 -5.97
C GLY B 645 -13.36 -33.08 -4.55
N GLY B 646 -13.94 -31.98 -4.11
CA GLY B 646 -13.73 -31.47 -2.76
C GLY B 646 -13.19 -30.05 -2.77
N SER B 647 -13.06 -29.50 -1.57
CA SER B 647 -12.65 -28.11 -1.42
C SER B 647 -11.27 -27.81 -1.98
N SER B 648 -10.44 -28.80 -2.19
CA SER B 648 -9.11 -28.55 -2.74
C SER B 648 -9.05 -28.69 -4.26
N THR B 649 -10.04 -29.28 -4.89
CA THR B 649 -9.92 -29.69 -6.28
C THR B 649 -11.02 -29.07 -7.13
N VAL B 650 -12.25 -29.57 -7.01
CA VAL B 650 -13.43 -28.99 -7.65
C VAL B 650 -14.44 -28.75 -6.54
N ARG B 651 -14.75 -27.49 -6.28
CA ARG B 651 -15.57 -27.13 -5.13
C ARG B 651 -17.03 -27.44 -5.36
N GLY B 652 -17.71 -27.80 -4.28
CA GLY B 652 -19.12 -28.09 -4.32
C GLY B 652 -19.49 -29.55 -4.37
N PHE B 653 -18.52 -30.45 -4.49
CA PHE B 653 -18.76 -31.89 -4.49
C PHE B 653 -18.18 -32.50 -3.22
N GLN B 654 -18.77 -33.60 -2.77
CA GLN B 654 -18.18 -34.26 -1.61
C GLN B 654 -16.83 -34.85 -1.99
N SER B 655 -15.93 -34.85 -1.01
CA SER B 655 -14.55 -35.24 -1.26
C SER B 655 -14.45 -36.59 -1.94
N ASN B 656 -13.61 -36.64 -2.96
CA ASN B 656 -13.31 -37.88 -3.67
C ASN B 656 -14.56 -38.60 -4.19
N THR B 657 -15.51 -37.82 -4.70
CA THR B 657 -16.73 -38.41 -5.27
C THR B 657 -16.82 -38.32 -6.78
N ILE B 658 -15.93 -37.61 -7.46
CA ILE B 658 -15.95 -37.50 -8.90
C ILE B 658 -15.20 -38.67 -9.51
N GLY B 659 -15.80 -39.29 -10.52
CA GLY B 659 -15.20 -40.42 -11.18
C GLY B 659 -15.97 -41.71 -11.12
N PRO B 660 -15.32 -42.78 -11.54
CA PRO B 660 -15.97 -44.08 -11.62
C PRO B 660 -16.49 -44.57 -10.29
N LYS B 661 -17.58 -45.33 -10.35
CA LYS B 661 -18.15 -45.97 -9.18
C LYS B 661 -18.03 -47.48 -9.29
N ALA B 662 -17.93 -48.12 -8.13
CA ALA B 662 -17.78 -49.56 -8.04
C ALA B 662 -18.98 -50.33 -8.58
N VAL B 663 -18.71 -51.39 -9.32
CA VAL B 663 -19.73 -52.36 -9.73
C VAL B 663 -19.40 -53.67 -9.05
N TYR B 664 -20.32 -54.18 -8.22
CA TYR B 664 -20.05 -55.29 -7.32
C TYR B 664 -20.51 -56.62 -7.90
N PHE B 665 -19.80 -57.69 -7.53
CA PHE B 665 -20.26 -59.03 -7.84
C PHE B 665 -21.33 -59.44 -6.83
N PRO B 666 -22.13 -60.46 -7.15
CA PRO B 666 -23.22 -60.91 -6.28
C PRO B 666 -22.77 -61.14 -4.84
N ASP B 677 -24.75 -52.07 4.62
CA ASP B 677 -24.14 -53.02 3.70
C ASP B 677 -25.15 -53.48 2.66
N TYR B 678 -24.73 -53.56 1.40
CA TYR B 678 -25.66 -53.87 0.33
C TYR B 678 -25.77 -55.38 0.16
N GLU B 679 -27.02 -55.85 0.09
CA GLU B 679 -27.27 -57.28 -0.01
C GLU B 679 -26.60 -57.89 -1.24
N CYS B 680 -26.49 -57.14 -2.35
CA CYS B 680 -25.83 -57.71 -3.51
C CYS B 680 -24.37 -58.01 -3.27
N ALA B 681 -23.79 -57.54 -2.15
CA ALA B 681 -22.40 -57.83 -1.86
C ALA B 681 -22.16 -59.34 -1.75
N THR B 682 -23.17 -60.09 -1.35
CA THR B 682 -23.10 -61.53 -1.22
C THR B 682 -24.38 -62.17 -1.73
N GLN B 683 -24.39 -63.50 -1.74
CA GLN B 683 -25.48 -64.28 -2.31
C GLN B 683 -26.82 -64.04 -1.64
N ASP B 684 -26.84 -63.43 -0.44
CA ASP B 684 -28.10 -63.17 0.23
C ASP B 684 -28.92 -62.04 -0.41
N GLY B 685 -28.35 -61.29 -1.34
CA GLY B 685 -29.08 -60.23 -1.99
C GLY B 685 -29.46 -60.49 -3.43
N ALA B 686 -29.14 -59.53 -4.30
CA ALA B 686 -29.37 -59.67 -5.72
C ALA B 686 -28.49 -60.78 -6.28
N LYS B 687 -28.98 -61.40 -7.35
CA LYS B 687 -28.31 -62.51 -8.00
C LYS B 687 -27.50 -62.09 -9.22
N ASP B 688 -27.32 -60.79 -9.44
CA ASP B 688 -26.56 -60.31 -10.58
C ASP B 688 -25.75 -59.08 -10.18
N LEU B 689 -24.99 -58.57 -11.15
CA LEU B 689 -24.16 -57.39 -10.93
C LEU B 689 -25.02 -56.18 -10.57
N CYS B 690 -24.55 -55.42 -9.59
CA CYS B 690 -25.25 -54.24 -9.14
C CYS B 690 -24.28 -53.07 -9.13
N LYS B 691 -24.76 -51.90 -9.53
CA LYS B 691 -24.01 -50.65 -9.46
C LYS B 691 -24.24 -49.94 -8.13
N SER B 692 -23.36 -48.98 -7.84
CA SER B 692 -23.41 -48.24 -6.59
C SER B 692 -22.89 -46.84 -6.83
N ASP B 693 -23.01 -46.00 -5.81
CA ASP B 693 -22.45 -44.65 -5.78
C ASP B 693 -21.08 -44.53 -5.10
N ASP B 694 -20.37 -45.63 -4.84
CA ASP B 694 -19.08 -45.56 -4.16
C ASP B 694 -17.93 -45.24 -5.12
N ALA B 695 -17.39 -44.03 -4.97
CA ALA B 695 -16.29 -43.55 -5.81
C ALA B 695 -15.01 -44.35 -5.56
N VAL B 696 -14.34 -44.74 -6.64
CA VAL B 696 -13.09 -45.50 -6.55
C VAL B 696 -11.90 -44.80 -7.20
N GLY B 697 -12.11 -43.69 -7.90
CA GLY B 697 -11.06 -43.00 -8.61
C GLY B 697 -10.68 -43.68 -9.91
N GLY B 698 -9.60 -43.21 -10.51
CA GLY B 698 -9.19 -43.80 -11.77
C GLY B 698 -7.77 -43.46 -12.15
N ASN B 699 -7.36 -43.97 -13.31
CA ASN B 699 -5.99 -43.79 -13.73
C ASN B 699 -5.69 -42.37 -14.17
N ALA B 700 -6.66 -41.61 -14.66
CA ALA B 700 -6.31 -40.30 -15.19
C ALA B 700 -7.18 -39.21 -14.61
N MET B 701 -6.59 -38.03 -14.43
CA MET B 701 -7.30 -36.89 -13.88
C MET B 701 -6.99 -35.65 -14.68
N ALA B 702 -7.97 -34.76 -14.77
CA ALA B 702 -7.73 -33.42 -15.26
C ALA B 702 -8.66 -32.44 -14.56
N VAL B 703 -8.10 -31.36 -14.05
CA VAL B 703 -8.88 -30.36 -13.33
C VAL B 703 -8.39 -28.97 -13.72
N ALA B 704 -9.29 -28.01 -13.76
CA ALA B 704 -8.87 -26.65 -14.04
C ALA B 704 -9.82 -25.67 -13.40
N SER B 705 -9.33 -24.46 -13.09
CA SER B 705 -10.22 -23.44 -12.59
C SER B 705 -9.72 -22.07 -13.00
N LEU B 706 -10.64 -21.13 -13.06
CA LEU B 706 -10.34 -19.72 -13.26
C LEU B 706 -10.98 -18.92 -12.13
N GLU B 707 -10.20 -18.09 -11.46
CA GLU B 707 -10.68 -17.29 -10.34
C GLU B 707 -10.39 -15.81 -10.56
N PHE B 708 -11.32 -14.97 -10.15
CA PHE B 708 -11.17 -13.52 -10.22
C PHE B 708 -11.05 -13.03 -8.79
N ILE B 709 -9.89 -12.48 -8.46
CA ILE B 709 -9.52 -12.09 -7.10
C ILE B 709 -9.71 -10.59 -7.00
N THR B 710 -10.54 -10.17 -6.05
CA THR B 710 -10.94 -8.78 -5.90
C THR B 710 -10.67 -8.33 -4.48
N PRO B 711 -10.59 -7.02 -4.25
CA PRO B 711 -10.54 -6.53 -2.88
C PRO B 711 -11.85 -6.77 -2.17
N THR B 712 -11.77 -6.84 -0.85
CA THR B 712 -12.97 -6.96 -0.05
C THR B 712 -13.85 -5.74 -0.24
N PRO B 713 -15.13 -5.91 -0.58
CA PRO B 713 -15.97 -4.73 -0.83
C PRO B 713 -15.94 -3.71 0.30
N PHE B 714 -15.85 -4.17 1.55
CA PHE B 714 -15.78 -3.27 2.69
C PHE B 714 -15.18 -4.01 3.87
N ILE B 715 -14.10 -3.47 4.41
CA ILE B 715 -13.45 -4.04 5.60
C ILE B 715 -12.47 -3.02 6.13
N SER B 716 -12.20 -3.05 7.44
CA SER B 716 -11.23 -2.14 8.01
C SER B 716 -9.81 -2.52 7.59
N ASP B 717 -8.91 -1.54 7.75
CA ASP B 717 -7.53 -1.70 7.32
C ASP B 717 -6.80 -2.82 8.06
N LYS B 718 -7.24 -3.12 9.28
CA LYS B 718 -6.66 -4.25 10.01
C LYS B 718 -6.61 -5.53 9.20
N TYR B 719 -7.58 -5.74 8.30
CA TYR B 719 -7.64 -6.96 7.52
C TYR B 719 -7.19 -6.76 6.08
N ALA B 720 -6.70 -5.57 5.74
CA ALA B 720 -6.37 -5.26 4.34
C ALA B 720 -5.37 -6.23 3.74
N ASN B 721 -4.45 -6.76 4.54
CA ASN B 721 -3.43 -7.69 4.07
C ASN B 721 -3.66 -9.13 4.50
N SER B 722 -4.80 -9.45 5.09
CA SER B 722 -5.05 -10.80 5.57
C SER B 722 -6.30 -11.48 5.01
N VAL B 723 -7.25 -10.74 4.46
CA VAL B 723 -8.48 -11.31 3.93
C VAL B 723 -8.56 -10.99 2.45
N ARG B 724 -8.76 -12.03 1.63
CA ARG B 724 -8.90 -11.83 0.19
C ARG B 724 -9.99 -12.72 -0.39
N THR B 725 -10.82 -12.14 -1.24
CA THR B 725 -12.02 -12.76 -1.79
C THR B 725 -11.91 -12.97 -3.29
N SER B 726 -12.60 -14.00 -3.79
CA SER B 726 -12.61 -14.23 -5.23
C SER B 726 -13.88 -14.94 -5.66
N PHE B 727 -14.14 -14.85 -6.97
CA PHE B 727 -15.23 -15.54 -7.66
C PHE B 727 -14.60 -16.60 -8.54
N PHE B 728 -15.20 -17.79 -8.65
CA PHE B 728 -14.54 -18.79 -9.46
C PHE B 728 -15.49 -19.65 -10.29
N TRP B 729 -14.89 -20.24 -11.33
CA TRP B 729 -15.50 -21.23 -12.20
C TRP B 729 -14.49 -22.34 -12.42
N ASP B 730 -14.85 -23.58 -12.11
CA ASP B 730 -13.91 -24.68 -12.17
C ASP B 730 -14.57 -25.92 -12.76
N MET B 731 -13.74 -26.83 -13.27
CA MET B 731 -14.24 -28.03 -13.89
C MET B 731 -13.23 -29.15 -13.68
N GLY B 732 -13.68 -30.39 -13.88
CA GLY B 732 -12.73 -31.49 -13.91
C GLY B 732 -13.38 -32.81 -14.18
N THR B 733 -12.55 -33.81 -14.42
CA THR B 733 -13.01 -35.15 -14.72
C THR B 733 -11.93 -36.17 -14.38
N VAL B 734 -12.36 -37.40 -14.08
CA VAL B 734 -11.47 -38.52 -13.85
C VAL B 734 -11.95 -39.72 -14.66
N TRP B 735 -11.03 -40.44 -15.28
CA TRP B 735 -11.46 -41.59 -16.07
C TRP B 735 -10.51 -42.77 -15.95
N ASP B 736 -11.05 -43.94 -16.23
CA ASP B 736 -10.44 -45.23 -16.01
C ASP B 736 -10.12 -45.93 -17.31
N THR B 737 -8.89 -45.82 -17.78
CA THR B 737 -8.50 -46.55 -18.97
C THR B 737 -8.46 -48.03 -18.67
N ASN B 738 -8.53 -48.84 -19.70
CA ASN B 738 -8.71 -50.29 -19.61
C ASN B 738 -10.05 -50.72 -19.04
N TRP B 739 -11.00 -49.81 -18.87
CA TRP B 739 -12.35 -50.26 -18.53
C TRP B 739 -12.90 -51.08 -19.67
N ASP B 740 -13.49 -52.23 -19.35
CA ASP B 740 -14.02 -53.11 -20.39
C ASP B 740 -15.43 -52.67 -20.73
N SER B 741 -15.51 -51.70 -21.66
CA SER B 741 -16.79 -51.19 -22.12
C SER B 741 -17.61 -52.22 -22.88
N SER B 742 -17.00 -53.34 -23.25
CA SER B 742 -17.69 -54.39 -23.99
C SER B 742 -18.35 -55.43 -23.08
N GLN B 743 -17.56 -56.04 -22.21
CA GLN B 743 -18.11 -57.04 -21.30
C GLN B 743 -19.20 -56.47 -20.40
N TYR B 744 -19.11 -55.20 -20.03
CA TYR B 744 -20.10 -54.56 -19.17
C TYR B 744 -20.80 -53.43 -19.91
N SER B 745 -21.07 -53.66 -21.20
CA SER B 745 -21.71 -52.66 -22.05
C SER B 745 -23.08 -52.23 -21.53
N GLY B 746 -23.68 -52.98 -20.62
CA GLY B 746 -24.93 -52.60 -20.00
C GLY B 746 -24.81 -51.58 -18.90
N TYR B 747 -23.59 -51.16 -18.58
CA TYR B 747 -23.30 -50.21 -17.54
C TYR B 747 -22.56 -49.01 -18.13
N PRO B 748 -22.53 -47.89 -17.43
CA PRO B 748 -21.82 -46.71 -17.96
C PRO B 748 -20.40 -47.04 -18.36
N ASP B 749 -19.97 -46.50 -19.49
CA ASP B 749 -18.62 -46.72 -20.00
C ASP B 749 -17.66 -45.71 -19.38
N TYR B 750 -16.92 -46.16 -18.37
CA TYR B 750 -16.05 -45.27 -17.61
C TYR B 750 -14.78 -44.87 -18.36
N SER B 751 -14.55 -45.36 -19.57
CA SER B 751 -13.38 -44.91 -20.31
C SER B 751 -13.59 -43.57 -21.00
N ASP B 752 -14.81 -43.07 -21.07
CA ASP B 752 -15.08 -41.85 -21.80
C ASP B 752 -14.65 -40.63 -20.98
N PRO B 753 -13.64 -39.89 -21.43
CA PRO B 753 -13.16 -38.74 -20.66
C PRO B 753 -13.99 -37.49 -20.81
N SER B 754 -15.00 -37.48 -21.67
CA SER B 754 -15.76 -36.28 -21.99
C SER B 754 -16.77 -35.88 -20.93
N ASN B 755 -17.04 -36.74 -19.96
CA ASN B 755 -18.04 -36.48 -18.93
C ASN B 755 -17.50 -35.51 -17.88
N ILE B 756 -17.33 -34.28 -18.33
CA ILE B 756 -16.75 -33.23 -17.50
C ILE B 756 -17.77 -32.69 -16.51
N ARG B 757 -17.37 -32.57 -15.25
CA ARG B 757 -18.18 -31.99 -14.20
C ARG B 757 -17.76 -30.53 -14.07
N MET B 758 -18.69 -29.64 -13.77
CA MET B 758 -18.38 -28.22 -13.70
C MET B 758 -19.12 -27.59 -12.53
N SER B 759 -18.52 -26.56 -11.93
CA SER B 759 -19.19 -25.85 -10.86
C SER B 759 -18.72 -24.40 -10.85
N ALA B 760 -19.46 -23.56 -10.13
CA ALA B 760 -19.06 -22.18 -9.97
C ALA B 760 -19.61 -21.66 -8.66
N GLY B 761 -18.97 -20.60 -8.16
CA GLY B 761 -19.38 -20.05 -6.87
C GLY B 761 -18.42 -18.97 -6.41
N ILE B 762 -18.48 -18.69 -5.11
CA ILE B 762 -17.68 -17.61 -4.51
C ILE B 762 -16.94 -18.12 -3.28
N ALA B 763 -15.72 -17.63 -3.07
CA ALA B 763 -14.89 -18.08 -1.96
C ALA B 763 -14.14 -16.94 -1.30
N LEU B 764 -13.77 -17.16 -0.04
CA LEU B 764 -13.01 -16.23 0.76
C LEU B 764 -11.84 -16.95 1.42
N GLN B 765 -10.66 -16.32 1.41
CA GLN B 765 -9.48 -16.79 2.12
C GLN B 765 -9.09 -15.81 3.22
N TRP B 766 -8.70 -16.35 4.39
CA TRP B 766 -8.23 -15.51 5.49
C TRP B 766 -7.06 -16.16 6.22
N MET B 767 -5.96 -15.42 6.36
CA MET B 767 -4.80 -15.84 7.15
C MET B 767 -5.05 -15.53 8.63
N SER B 768 -5.97 -16.29 9.21
CA SER B 768 -6.27 -16.12 10.62
C SER B 768 -4.98 -16.25 11.41
N PRO B 769 -4.86 -15.57 12.55
CA PRO B 769 -3.65 -15.72 13.36
C PRO B 769 -3.31 -17.17 13.64
N LEU B 770 -4.30 -18.06 13.60
CA LEU B 770 -4.12 -19.47 13.88
C LEU B 770 -3.96 -20.32 12.63
N GLY B 771 -3.82 -19.70 11.45
CA GLY B 771 -3.63 -20.45 10.23
C GLY B 771 -4.55 -20.04 9.09
N PRO B 772 -4.13 -20.36 7.87
CA PRO B 772 -4.96 -20.02 6.70
C PRO B 772 -6.28 -20.78 6.71
N LEU B 773 -7.36 -20.08 6.40
CA LEU B 773 -8.69 -20.68 6.30
C LEU B 773 -9.26 -20.39 4.93
N VAL B 774 -10.03 -21.35 4.38
CA VAL B 774 -10.76 -21.13 3.14
C VAL B 774 -12.22 -21.50 3.32
N PHE B 775 -13.11 -20.61 2.85
CA PHE B 775 -14.56 -20.77 2.87
C PHE B 775 -15.04 -20.68 1.44
N SER B 776 -16.00 -21.52 1.06
CA SER B 776 -16.53 -21.41 -0.30
C SER B 776 -17.97 -21.88 -0.35
N TYR B 777 -18.66 -21.40 -1.37
CA TYR B 777 -19.98 -21.87 -1.75
C TYR B 777 -20.05 -22.01 -3.26
N ALA B 778 -20.61 -23.12 -3.73
CA ALA B 778 -20.73 -23.36 -5.16
C ALA B 778 -21.98 -24.18 -5.48
N GLN B 779 -22.45 -24.01 -6.71
CA GLN B 779 -23.61 -24.76 -7.23
C GLN B 779 -23.19 -25.64 -8.39
N PRO B 780 -23.12 -26.94 -8.23
CA PRO B 780 -22.64 -27.79 -9.33
C PRO B 780 -23.63 -27.90 -10.46
N PHE B 781 -23.73 -26.84 -11.26
CA PHE B 781 -24.77 -26.79 -12.28
C PHE B 781 -24.67 -27.90 -13.33
N LYS B 782 -23.50 -28.51 -13.54
CA LYS B 782 -23.39 -29.62 -14.48
C LYS B 782 -22.90 -30.85 -13.74
N LYS B 783 -23.76 -31.85 -13.58
CA LYS B 783 -23.42 -33.03 -12.82
C LYS B 783 -24.08 -34.27 -13.42
N TYR B 784 -23.57 -35.44 -13.06
CA TYR B 784 -24.05 -36.72 -13.57
C TYR B 784 -24.52 -37.65 -12.44
N ASP B 785 -24.95 -38.83 -12.86
CA ASP B 785 -25.46 -39.88 -12.01
C ASP B 785 -24.51 -40.29 -10.89
N GLY B 786 -24.98 -40.14 -9.65
CA GLY B 786 -24.20 -40.46 -8.47
C GLY B 786 -23.31 -39.37 -7.94
N ASP B 787 -23.35 -38.18 -8.51
CA ASP B 787 -22.52 -37.08 -8.04
C ASP B 787 -23.20 -36.48 -6.82
N LYS B 788 -22.59 -36.66 -5.65
CA LYS B 788 -23.21 -36.19 -4.42
C LYS B 788 -22.76 -34.76 -4.16
N ALA B 789 -23.69 -33.83 -4.16
CA ALA B 789 -23.31 -32.45 -4.02
C ALA B 789 -23.08 -32.09 -2.56
N GLU B 790 -22.29 -31.04 -2.36
CA GLU B 790 -22.09 -30.43 -1.06
C GLU B 790 -21.80 -28.97 -1.39
N GLN B 791 -22.63 -28.05 -0.93
CA GLN B 791 -22.56 -26.68 -1.42
C GLN B 791 -21.73 -25.75 -0.55
N PHE B 792 -21.74 -25.91 0.76
CA PHE B 792 -21.02 -25.03 1.66
C PHE B 792 -19.81 -25.81 2.19
N GLN B 793 -18.60 -25.32 1.86
CA GLN B 793 -17.40 -26.05 2.19
C GLN B 793 -16.39 -25.14 2.86
N PHE B 794 -15.65 -25.74 3.78
CA PHE B 794 -14.66 -25.03 4.59
C PHE B 794 -13.49 -25.94 4.93
N ASN B 795 -12.29 -25.40 4.88
CA ASN B 795 -11.19 -26.18 5.44
C ASN B 795 -10.04 -25.27 5.87
N ILE B 796 -9.16 -25.85 6.68
CA ILE B 796 -7.88 -25.27 7.03
C ILE B 796 -6.90 -25.49 5.89
N GLY B 797 -6.15 -24.45 5.55
CA GLY B 797 -5.20 -24.53 4.47
C GLY B 797 -4.08 -25.49 4.80
N VAL C 7 27.32 -28.16 -11.80
CA VAL C 7 25.94 -28.59 -11.94
C VAL C 7 25.03 -27.70 -11.10
N VAL C 8 25.28 -27.64 -9.80
CA VAL C 8 24.45 -26.85 -8.91
C VAL C 8 24.81 -25.38 -9.08
N TYR C 9 23.80 -24.55 -9.28
CA TYR C 9 24.00 -23.13 -9.52
C TYR C 9 24.69 -22.46 -8.34
N ARG C 10 25.70 -21.64 -8.62
CA ARG C 10 26.42 -20.88 -7.60
C ARG C 10 26.49 -19.43 -8.02
N PRO C 11 25.92 -18.48 -7.26
CA PRO C 11 25.97 -17.09 -7.70
C PRO C 11 27.39 -16.58 -7.81
N ASP C 12 27.58 -15.61 -8.70
CA ASP C 12 28.85 -14.91 -8.82
C ASP C 12 29.20 -14.17 -7.53
N ILE C 13 30.46 -14.25 -7.13
CA ILE C 13 30.92 -13.57 -5.92
C ILE C 13 31.96 -12.52 -6.32
N ASN C 14 31.75 -11.28 -5.90
CA ASN C 14 32.72 -10.22 -6.06
C ASN C 14 33.27 -9.81 -4.71
N GLN C 15 34.56 -9.49 -4.65
CA GLN C 15 35.11 -8.95 -3.42
C GLN C 15 36.12 -7.86 -3.72
N GLY C 16 36.16 -6.87 -2.85
CA GLY C 16 37.16 -5.83 -2.90
C GLY C 16 36.74 -4.66 -3.75
N ASN C 17 37.55 -3.62 -3.76
CA ASN C 17 37.17 -2.46 -4.56
C ASN C 17 37.50 -2.73 -6.03
N TYR C 18 36.85 -1.98 -6.90
CA TYR C 18 36.98 -2.12 -8.35
C TYR C 18 38.17 -1.34 -8.90
N LEU C 19 39.08 -2.03 -9.57
CA LEU C 19 40.25 -1.41 -10.19
C LEU C 19 40.16 -1.48 -11.70
N THR C 20 40.75 -0.50 -12.36
CA THR C 20 40.92 -0.55 -13.80
C THR C 20 42.26 0.04 -14.20
N ALA C 21 42.79 -0.47 -15.32
CA ALA C 21 44.09 -0.03 -15.81
C ALA C 21 44.15 1.48 -16.02
N ASN C 22 43.03 2.08 -16.41
CA ASN C 22 42.98 3.51 -16.64
C ASN C 22 43.22 4.30 -15.37
N ASP C 23 42.95 3.72 -14.22
CA ASP C 23 43.24 4.39 -12.96
C ASP C 23 44.50 3.88 -12.31
N VAL C 24 44.82 2.60 -12.45
CA VAL C 24 46.06 2.11 -11.86
C VAL C 24 47.24 2.83 -12.48
N SER C 25 47.21 3.08 -13.78
CA SER C 25 48.26 3.86 -14.41
C SER C 25 48.32 5.30 -13.92
N LYS C 26 47.31 5.78 -13.17
CA LYS C 26 47.31 7.15 -12.67
C LYS C 26 48.21 7.37 -11.45
N ILE C 27 48.57 6.32 -10.73
CA ILE C 27 49.29 6.47 -9.47
C ILE C 27 50.77 6.71 -9.72
N ARG C 28 51.34 7.69 -9.01
CA ARG C 28 52.75 8.03 -9.11
C ARG C 28 53.32 8.18 -7.71
N VAL C 29 54.61 7.89 -7.59
CA VAL C 29 55.31 8.11 -6.32
C VAL C 29 55.38 9.59 -5.98
N GLY C 30 55.05 9.92 -4.74
CA GLY C 30 54.93 11.31 -4.32
C GLY C 30 53.52 11.84 -4.12
N MET C 31 52.49 11.12 -4.51
CA MET C 31 51.14 11.59 -4.23
C MET C 31 50.80 11.44 -2.75
N THR C 32 49.93 12.32 -2.26
CA THR C 32 49.43 12.27 -0.91
C THR C 32 48.31 11.23 -0.79
N GLN C 33 47.97 10.91 0.46
CA GLN C 33 46.86 9.99 0.71
C GLN C 33 45.54 10.52 0.19
N GLN C 34 45.32 11.83 0.25
CA GLN C 34 44.08 12.38 -0.29
C GLN C 34 44.06 12.35 -1.81
N GLN C 35 45.20 12.55 -2.47
CA GLN C 35 45.24 12.45 -3.92
C GLN C 35 45.00 11.02 -4.38
N VAL C 36 45.56 10.04 -3.67
CA VAL C 36 45.34 8.66 -4.05
C VAL C 36 43.88 8.26 -3.79
N ALA C 37 43.37 8.62 -2.62
CA ALA C 37 41.98 8.28 -2.30
C ALA C 37 41.02 8.91 -3.30
N TYR C 38 41.29 10.14 -3.72
CA TYR C 38 40.49 10.75 -4.78
C TYR C 38 40.55 9.97 -6.08
N ALA C 39 41.76 9.62 -6.53
CA ALA C 39 41.87 8.92 -7.80
C ALA C 39 41.24 7.52 -7.79
N LEU C 40 41.48 6.73 -6.75
CA LEU C 40 41.00 5.36 -6.68
C LEU C 40 39.81 5.14 -5.76
N GLY C 41 39.60 5.99 -4.79
CA GLY C 41 38.56 5.82 -3.79
C GLY C 41 39.05 5.23 -2.49
N THR C 42 38.11 5.15 -1.57
CA THR C 42 38.39 4.66 -0.22
C THR C 42 38.75 3.18 -0.20
N PRO C 43 39.88 2.80 0.40
CA PRO C 43 40.21 1.39 0.51
C PRO C 43 39.18 0.64 1.34
N LEU C 44 38.92 -0.62 0.96
CA LEU C 44 38.16 -1.50 1.83
C LEU C 44 39.04 -2.33 2.75
N MET C 45 40.34 -2.42 2.51
CA MET C 45 41.25 -3.10 3.42
C MET C 45 42.46 -2.24 3.71
N SER C 46 42.91 -2.29 4.95
CA SER C 46 44.09 -1.58 5.41
C SER C 46 44.70 -2.45 6.49
N ASP C 47 45.98 -2.20 6.79
CA ASP C 47 46.64 -2.94 7.85
C ASP C 47 46.47 -2.26 9.20
N PRO C 48 45.71 -2.84 10.13
CA PRO C 48 45.43 -2.15 11.39
C PRO C 48 46.56 -2.22 12.40
N PHE C 49 47.55 -3.08 12.20
CA PHE C 49 48.49 -3.43 13.26
C PHE C 49 49.69 -2.49 13.28
N GLY C 50 49.41 -1.20 13.38
CA GLY C 50 50.48 -0.24 13.55
C GLY C 50 51.25 0.17 12.33
N THR C 51 50.68 0.07 11.14
CA THR C 51 51.38 0.52 9.95
C THR C 51 50.39 1.19 8.99
N ASN C 52 50.92 2.09 8.16
CA ASN C 52 50.11 2.89 7.24
C ASN C 52 50.18 2.27 5.85
N THR C 53 49.42 1.20 5.65
CA THR C 53 49.41 0.45 4.40
C THR C 53 47.99 0.26 3.88
N TRP C 54 47.77 0.53 2.61
CA TRP C 54 46.46 0.32 2.00
C TRP C 54 46.54 -0.86 1.03
N PHE C 55 45.48 -1.68 1.02
CA PHE C 55 45.35 -2.84 0.16
C PHE C 55 44.15 -2.66 -0.76
N TYR C 56 44.38 -2.62 -2.06
CA TYR C 56 43.33 -2.60 -3.06
C TYR C 56 43.20 -3.97 -3.69
N VAL C 57 42.19 -4.73 -3.28
CA VAL C 57 42.02 -6.11 -3.68
C VAL C 57 40.86 -6.16 -4.65
N PHE C 58 41.10 -6.72 -5.84
CA PHE C 58 40.07 -6.90 -6.85
C PHE C 58 39.93 -8.39 -7.12
N ARG C 59 38.91 -9.01 -6.56
CA ARG C 59 38.72 -10.45 -6.62
C ARG C 59 37.37 -10.76 -7.22
N GLN C 60 37.35 -11.67 -8.18
CA GLN C 60 36.12 -12.12 -8.82
C GLN C 60 36.10 -13.63 -8.89
N GLN C 61 34.92 -14.20 -8.62
CA GLN C 61 34.70 -15.64 -8.69
C GLN C 61 33.39 -15.91 -9.40
N PRO C 62 33.41 -15.91 -10.73
CA PRO C 62 32.21 -16.26 -11.50
C PRO C 62 31.79 -17.69 -11.20
N GLY C 63 30.50 -17.95 -11.35
CA GLY C 63 29.97 -19.27 -11.06
C GLY C 63 30.68 -20.41 -11.76
N HIS C 64 31.32 -21.27 -10.98
CA HIS C 64 32.02 -22.45 -11.50
C HIS C 64 33.14 -22.10 -12.48
N GLU C 65 33.68 -20.91 -12.36
CA GLU C 65 34.85 -20.49 -13.12
C GLU C 65 36.03 -20.39 -12.15
N GLY C 66 37.20 -20.11 -12.69
CA GLY C 66 38.34 -19.88 -11.83
C GLY C 66 38.29 -18.54 -11.12
N VAL C 67 38.92 -18.50 -9.96
CA VAL C 67 39.03 -17.28 -9.16
C VAL C 67 40.10 -16.41 -9.80
N THR C 68 39.80 -15.13 -9.97
CA THR C 68 40.77 -14.18 -10.49
C THR C 68 40.96 -13.02 -9.54
N GLN C 69 42.20 -12.57 -9.38
CA GLN C 69 42.50 -11.55 -8.40
C GLN C 69 43.69 -10.69 -8.81
N GLN C 70 43.52 -9.38 -8.67
CA GLN C 70 44.57 -8.39 -8.76
C GLN C 70 44.77 -7.75 -7.40
N THR C 71 46.01 -7.63 -6.94
CA THR C 71 46.30 -7.03 -5.64
C THR C 71 47.26 -5.86 -5.76
N LEU C 72 46.81 -4.67 -5.37
CA LEU C 72 47.65 -3.47 -5.40
C LEU C 72 47.91 -3.05 -3.97
N THR C 73 49.16 -3.09 -3.53
CA THR C 73 49.54 -2.71 -2.17
C THR C 73 50.29 -1.40 -2.19
N LEU C 74 49.86 -0.45 -1.37
CA LEU C 74 50.50 0.87 -1.29
C LEU C 74 51.01 1.09 0.12
N THR C 75 52.30 1.37 0.26
CA THR C 75 52.91 1.67 1.54
C THR C 75 53.23 3.15 1.62
N PHE C 76 52.76 3.79 2.68
CA PHE C 76 52.87 5.23 2.86
C PHE C 76 53.82 5.53 3.99
N ASN C 77 54.51 6.66 3.89
CA ASN C 77 55.26 7.15 5.02
C ASN C 77 54.32 7.74 6.05
N SER C 78 54.74 7.70 7.31
CA SER C 78 53.93 8.27 8.39
C SER C 78 53.64 9.75 8.17
N SER C 79 54.38 10.42 7.30
CA SER C 79 54.04 11.78 6.90
C SER C 79 52.84 11.86 5.99
N GLY C 80 52.34 10.74 5.48
CA GLY C 80 51.23 10.77 4.55
C GLY C 80 51.66 10.82 3.10
N VAL C 81 52.79 10.20 2.79
CA VAL C 81 53.39 10.24 1.47
C VAL C 81 53.56 8.81 0.98
N LEU C 82 53.20 8.56 -0.27
CA LEU C 82 53.33 7.23 -0.84
C LEU C 82 54.78 6.94 -1.16
N THR C 83 55.33 5.88 -0.56
CA THR C 83 56.72 5.54 -0.75
C THR C 83 56.94 4.22 -1.46
N ASN C 84 55.95 3.33 -1.51
CA ASN C 84 56.19 2.09 -2.24
C ASN C 84 54.91 1.52 -2.82
N ILE C 85 54.98 1.14 -4.10
CA ILE C 85 53.87 0.59 -4.86
C ILE C 85 54.24 -0.84 -5.23
N ASP C 86 53.37 -1.80 -4.92
CA ASP C 86 53.60 -3.19 -5.26
C ASP C 86 52.35 -3.80 -5.90
N ASN C 87 52.44 -4.08 -7.20
CA ASN C 87 51.29 -4.50 -8.00
C ASN C 87 51.43 -5.96 -8.41
N LYS C 88 50.54 -6.82 -7.90
CA LYS C 88 50.47 -8.23 -8.28
C LYS C 88 49.32 -8.40 -9.25
N PRO C 89 49.57 -8.63 -10.54
CA PRO C 89 48.47 -8.69 -11.50
C PRO C 89 47.67 -9.99 -11.48
N ALA C 90 48.14 -11.02 -10.79
CA ALA C 90 47.48 -12.32 -10.84
C ALA C 90 47.87 -13.14 -9.63
N LEU C 91 47.06 -14.14 -9.33
CA LEU C 91 47.38 -15.08 -8.27
C LEU C 91 48.45 -16.05 -8.73
N SER C 92 49.27 -16.49 -7.79
CA SER C 92 50.30 -17.48 -8.06
C SER C 92 49.71 -18.88 -8.05
N ASN D 14 -7.59 6.07 48.81
CA ASN D 14 -6.94 5.65 50.05
C ASN D 14 -7.02 4.14 50.19
N GLU D 15 -8.25 3.64 50.15
CA GLU D 15 -8.50 2.21 50.31
C GLU D 15 -7.89 1.44 49.15
N ILE D 16 -7.95 2.01 47.96
CA ILE D 16 -7.41 1.37 46.77
C ILE D 16 -5.90 1.24 46.85
N TYR D 17 -5.20 2.27 47.30
CA TYR D 17 -3.75 2.15 47.41
C TYR D 17 -3.33 1.15 48.48
N ALA D 18 -3.96 1.18 49.66
CA ALA D 18 -3.66 0.17 50.65
C ALA D 18 -3.91 -1.26 50.14
N THR D 19 -4.99 -1.44 49.39
CA THR D 19 -5.24 -2.74 48.76
C THR D 19 -4.18 -3.08 47.73
N ALA D 20 -3.80 -2.13 46.87
CA ALA D 20 -2.75 -2.38 45.90
C ALA D 20 -1.43 -2.76 46.59
N GLN D 21 -1.13 -2.12 47.72
CA GLN D 21 0.08 -2.45 48.44
C GLN D 21 0.03 -3.87 49.00
N GLN D 22 -1.12 -4.28 49.52
CA GLN D 22 -1.27 -5.66 49.96
C GLN D 22 -1.20 -6.65 48.80
N LYS D 23 -1.72 -6.29 47.63
CA LYS D 23 -1.62 -7.18 46.47
C LYS D 23 -0.21 -7.23 45.91
N LEU D 24 0.51 -6.11 45.96
CA LEU D 24 1.91 -6.10 45.55
C LEU D 24 2.74 -6.97 46.48
N GLN D 25 2.45 -6.92 47.78
CA GLN D 25 3.23 -7.70 48.72
C GLN D 25 2.80 -9.16 48.74
N ASP D 26 1.51 -9.40 48.96
CA ASP D 26 1.00 -10.76 49.13
C ASP D 26 0.07 -11.26 48.04
N GLY D 27 -0.71 -10.39 47.41
CA GLY D 27 -1.75 -10.83 46.49
C GLY D 27 -1.29 -11.02 45.05
N ASN D 28 -2.28 -11.20 44.18
CA ASN D 28 -2.03 -11.43 42.76
C ASN D 28 -1.57 -10.18 42.05
N TRP D 29 -0.64 -10.37 41.10
CA TRP D 29 -0.19 -9.24 40.30
C TRP D 29 -1.30 -8.71 39.41
N ARG D 30 -2.28 -9.56 39.08
CA ARG D 30 -3.44 -9.08 38.34
C ARG D 30 -4.33 -8.23 39.23
N GLN D 31 -4.46 -8.60 40.50
CA GLN D 31 -5.23 -7.78 41.42
C GLN D 31 -4.50 -6.51 41.75
N ALA D 32 -3.17 -6.58 41.87
CA ALA D 32 -2.38 -5.40 42.13
C ALA D 32 -2.49 -4.40 40.98
N ILE D 33 -2.40 -4.88 39.75
CA ILE D 33 -2.54 -3.98 38.61
C ILE D 33 -3.97 -3.47 38.47
N THR D 34 -4.97 -4.30 38.77
CA THR D 34 -6.34 -3.82 38.74
C THR D 34 -6.55 -2.67 39.73
N GLN D 35 -6.06 -2.82 40.95
CA GLN D 35 -6.20 -1.76 41.95
C GLN D 35 -5.37 -0.53 41.61
N LEU D 36 -4.16 -0.72 41.09
CA LEU D 36 -3.35 0.43 40.70
C LEU D 36 -3.94 1.18 39.53
N GLU D 37 -4.43 0.46 38.52
CA GLU D 37 -5.06 1.12 37.38
C GLU D 37 -6.35 1.80 37.79
N ALA D 38 -7.04 1.27 38.80
CA ALA D 38 -8.19 2.00 39.33
C ALA D 38 -7.80 3.40 39.79
N LEU D 39 -6.54 3.59 40.18
CA LEU D 39 -6.07 4.90 40.63
C LEU D 39 -5.79 5.87 39.50
N ASP D 40 -5.95 5.45 38.25
CA ASP D 40 -5.81 6.39 37.14
C ASP D 40 -6.85 7.50 37.20
N ASN D 41 -7.90 7.33 37.98
CA ASN D 41 -8.90 8.37 38.20
C ASN D 41 -8.49 9.35 39.30
N ARG D 42 -7.32 9.15 39.90
CA ARG D 42 -6.85 10.06 40.93
C ARG D 42 -6.20 11.30 40.33
N TYR D 43 -6.16 12.34 41.14
CA TYR D 43 -5.59 13.60 40.74
C TYR D 43 -4.11 13.42 40.37
N PRO D 44 -3.66 13.97 39.25
CA PRO D 44 -2.22 13.86 38.90
C PRO D 44 -1.31 14.42 39.97
N PHE D 45 -1.80 15.32 40.83
CA PHE D 45 -1.01 15.94 41.88
C PHE D 45 -1.25 15.31 43.26
N GLY D 46 -1.97 14.20 43.34
CA GLY D 46 -2.27 13.61 44.62
C GLY D 46 -1.04 13.11 45.35
N PRO D 47 -1.19 12.84 46.65
CA PRO D 47 -0.04 12.41 47.46
C PRO D 47 0.62 11.13 46.99
N TYR D 48 -0.08 10.28 46.24
CA TYR D 48 0.49 9.01 45.79
C TYR D 48 0.73 8.96 44.29
N SER D 49 0.54 10.07 43.58
CA SER D 49 0.62 10.05 42.12
C SER D 49 1.94 9.47 41.63
N GLN D 50 3.05 9.95 42.18
CA GLN D 50 4.33 9.43 41.75
C GLN D 50 4.57 8.03 42.30
N GLN D 51 4.11 7.77 43.51
CA GLN D 51 4.32 6.46 44.11
C GLN D 51 3.53 5.42 43.34
N VAL D 52 2.31 5.79 42.94
CA VAL D 52 1.48 4.92 42.13
C VAL D 52 2.11 4.69 40.76
N GLN D 53 2.66 5.73 40.14
CA GLN D 53 3.34 5.52 38.86
C GLN D 53 4.52 4.57 38.98
N LEU D 54 5.28 4.65 40.08
CA LEU D 54 6.37 3.70 40.28
C LEU D 54 5.85 2.30 40.55
N ASP D 55 4.76 2.20 41.29
CA ASP D 55 4.19 0.89 41.57
C ASP D 55 3.65 0.25 40.29
N LEU D 56 3.07 1.06 39.40
CA LEU D 56 2.63 0.57 38.11
C LEU D 56 3.78 0.08 37.25
N ILE D 57 4.89 0.81 37.24
CA ILE D 57 6.06 0.34 36.49
C ILE D 57 6.53 -1.01 37.00
N TYR D 58 6.58 -1.18 38.32
CA TYR D 58 6.98 -2.47 38.87
C TYR D 58 6.00 -3.58 38.50
N ALA D 59 4.70 -3.30 38.62
CA ALA D 59 3.69 -4.29 38.28
C ALA D 59 3.73 -4.65 36.80
N TYR D 60 3.93 -3.68 35.92
CA TYR D 60 4.05 -3.98 34.50
C TYR D 60 5.26 -4.84 34.18
N TYR D 61 6.40 -4.57 34.82
CA TYR D 61 7.54 -5.45 34.60
C TYR D 61 7.27 -6.87 35.09
N LYS D 62 6.78 -7.01 36.31
CA LYS D 62 6.57 -8.36 36.84
C LYS D 62 5.54 -9.14 36.04
N ASN D 63 4.53 -8.49 35.49
CA ASN D 63 3.55 -9.18 34.66
C ASN D 63 3.97 -9.36 33.21
N ALA D 64 5.17 -8.95 32.83
CA ALA D 64 5.64 -9.03 31.45
C ALA D 64 4.83 -8.15 30.48
N ASP D 65 4.29 -7.04 30.95
CA ASP D 65 3.61 -6.09 30.07
C ASP D 65 4.61 -5.02 29.62
N LEU D 66 5.72 -5.52 29.10
CA LEU D 66 6.89 -4.68 28.88
C LEU D 66 6.67 -3.44 28.02
N PRO D 67 5.89 -3.48 26.95
CA PRO D 67 5.61 -2.23 26.21
C PRO D 67 5.06 -1.12 27.07
N LEU D 68 4.30 -1.48 28.10
CA LEU D 68 3.73 -0.46 28.96
C LEU D 68 4.70 -0.03 30.03
N ALA D 69 5.56 -0.93 30.51
CA ALA D 69 6.60 -0.47 31.42
C ALA D 69 7.49 0.55 30.73
N GLN D 70 7.80 0.33 29.46
CA GLN D 70 8.61 1.31 28.72
C GLN D 70 7.87 2.64 28.55
N ALA D 71 6.60 2.60 28.15
CA ALA D 71 5.88 3.86 27.98
C ALA D 71 5.73 4.63 29.29
N ALA D 72 5.41 3.93 30.38
CA ALA D 72 5.27 4.58 31.67
C ALA D 72 6.60 5.11 32.20
N ILE D 73 7.70 4.41 31.96
CA ILE D 73 9.00 4.92 32.37
C ILE D 73 9.38 6.16 31.57
N ASP D 74 9.17 6.14 30.25
CA ASP D 74 9.49 7.33 29.48
C ASP D 74 8.67 8.52 29.94
N ARG D 75 7.41 8.30 30.26
CA ARG D 75 6.57 9.38 30.76
C ARG D 75 7.07 9.87 32.11
N PHE D 76 7.36 8.94 33.01
CA PHE D 76 7.83 9.31 34.34
C PHE D 76 9.09 10.16 34.27
N ILE D 77 10.07 9.74 33.47
CA ILE D 77 11.32 10.49 33.38
C ILE D 77 11.09 11.84 32.70
N ARG D 78 10.31 11.87 31.63
CA ARG D 78 10.05 13.14 30.96
C ARG D 78 9.38 14.16 31.88
N LEU D 79 8.42 13.71 32.69
CA LEU D 79 7.74 14.63 33.61
C LEU D 79 8.56 15.01 34.83
N ASN D 80 9.47 14.15 35.28
CA ASN D 80 10.31 14.43 36.46
C ASN D 80 11.77 14.20 36.13
N PRO D 81 12.36 15.09 35.34
CA PRO D 81 13.77 14.92 34.96
C PRO D 81 14.70 14.70 36.13
N THR D 82 14.39 15.24 37.30
CA THR D 82 15.17 14.97 38.50
C THR D 82 14.26 14.44 39.59
N HIS D 83 14.76 13.43 40.32
CA HIS D 83 13.97 12.77 41.34
C HIS D 83 14.93 12.00 42.24
N PRO D 84 14.70 11.96 43.55
CA PRO D 84 15.58 11.18 44.42
C PRO D 84 15.76 9.72 44.03
N ASN D 85 14.78 9.12 43.36
CA ASN D 85 14.84 7.73 42.93
C ASN D 85 14.93 7.55 41.42
N ILE D 86 15.42 8.55 40.70
CA ILE D 86 15.52 8.45 39.25
C ILE D 86 16.46 7.34 38.86
N ASP D 87 17.45 7.04 39.70
CA ASP D 87 18.38 5.97 39.39
C ASP D 87 17.72 4.60 39.48
N TYR D 88 16.78 4.43 40.40
CA TYR D 88 15.96 3.24 40.37
C TYR D 88 15.21 3.10 39.07
N VAL D 89 14.58 4.18 38.59
CA VAL D 89 13.86 4.09 37.33
C VAL D 89 14.79 3.75 36.17
N MET D 90 15.98 4.35 36.12
CA MET D 90 16.92 3.97 35.07
C MET D 90 17.32 2.51 35.15
N TYR D 91 17.59 2.00 36.35
CA TYR D 91 17.87 0.58 36.47
C TYR D 91 16.71 -0.25 35.94
N MET D 92 15.48 0.12 36.28
CA MET D 92 14.36 -0.62 35.73
C MET D 92 14.27 -0.47 34.22
N ARG D 93 14.74 0.63 33.67
CA ARG D 93 14.78 0.75 32.21
C ARG D 93 15.74 -0.27 31.62
N GLY D 94 16.90 -0.41 32.23
CA GLY D 94 17.84 -1.43 31.79
C GLY D 94 17.25 -2.83 31.85
N LEU D 95 16.61 -3.17 32.96
CA LEU D 95 15.99 -4.48 33.05
C LEU D 95 14.87 -4.65 32.04
N THR D 96 14.08 -3.61 31.81
CA THR D 96 13.00 -3.69 30.83
C THR D 96 13.51 -3.98 29.44
N ASN D 97 14.61 -3.35 29.01
CA ASN D 97 15.11 -3.68 27.68
C ASN D 97 15.76 -5.05 27.65
N MET D 98 16.54 -5.39 28.66
CA MET D 98 17.20 -6.69 28.62
C MET D 98 16.19 -7.84 28.64
N ALA D 99 15.08 -7.68 29.37
CA ALA D 99 14.04 -8.69 29.37
C ALA D 99 13.42 -8.99 28.02
N LEU D 100 13.49 -8.09 27.05
CA LEU D 100 12.92 -8.39 25.74
C LEU D 100 13.83 -9.26 24.89
N ASP D 101 15.07 -9.43 25.30
CA ASP D 101 16.03 -10.22 24.54
C ASP D 101 15.79 -11.71 24.72
N ASP D 102 15.23 -12.14 25.84
CA ASP D 102 15.00 -13.54 26.11
C ASP D 102 13.71 -14.03 25.43
N SER D 103 13.62 -15.34 25.23
CA SER D 103 12.40 -15.96 24.73
C SER D 103 12.25 -17.33 25.37
N ALA D 104 11.03 -17.63 25.85
CA ALA D 104 10.77 -18.89 26.56
C ALA D 104 10.98 -20.13 25.69
N LEU D 105 10.59 -20.08 24.42
CA LEU D 105 10.70 -21.28 23.58
C LEU D 105 12.14 -21.65 23.26
N GLN D 106 12.96 -20.68 22.90
CA GLN D 106 14.36 -20.99 22.63
C GLN D 106 15.10 -21.39 23.90
N GLY D 107 14.74 -20.79 25.03
CA GLY D 107 15.26 -21.25 26.32
C GLY D 107 14.89 -22.69 26.66
N PHE D 108 13.61 -23.03 26.54
CA PHE D 108 13.17 -24.38 26.91
C PHE D 108 13.96 -25.45 26.15
N PHE D 109 14.14 -25.28 24.86
CA PHE D 109 14.84 -26.28 24.05
C PHE D 109 16.35 -26.09 24.08
N GLY D 110 16.87 -25.13 24.84
CA GLY D 110 18.30 -24.96 24.91
C GLY D 110 18.93 -24.38 23.67
N VAL D 111 18.21 -23.54 22.95
CA VAL D 111 18.72 -22.97 21.71
C VAL D 111 19.65 -21.81 22.06
N ASP D 112 20.79 -21.76 21.39
CA ASP D 112 21.74 -20.66 21.58
C ASP D 112 21.22 -19.47 20.77
N ARG D 113 20.66 -18.50 21.49
CA ARG D 113 19.95 -17.34 20.96
C ARG D 113 20.83 -16.19 20.52
N SER D 114 22.14 -16.24 20.69
CA SER D 114 22.94 -15.05 20.39
C SER D 114 22.87 -14.58 18.94
N ASP D 115 22.50 -15.43 17.99
CA ASP D 115 22.38 -14.97 16.60
C ASP D 115 21.21 -14.03 16.34
N ARG D 116 20.23 -13.96 17.20
CA ARG D 116 19.06 -13.16 16.87
C ARG D 116 19.40 -11.68 16.99
N ASP D 117 18.44 -10.85 16.66
CA ASP D 117 18.62 -9.41 16.62
C ASP D 117 19.18 -8.86 17.94
N PRO D 118 20.23 -8.05 17.91
CA PRO D 118 20.85 -7.51 19.13
C PRO D 118 20.40 -6.12 19.51
N GLN D 119 19.46 -5.55 18.78
CA GLN D 119 19.00 -4.18 19.01
C GLN D 119 18.60 -3.92 20.45
N HIS D 120 17.93 -4.88 21.06
CA HIS D 120 17.51 -4.72 22.44
C HIS D 120 18.69 -4.78 23.40
N ALA D 121 19.65 -5.67 23.16
CA ALA D 121 20.83 -5.69 23.99
C ALA D 121 21.65 -4.41 23.88
N ARG D 122 21.76 -3.82 22.71
CA ARG D 122 22.49 -2.55 22.62
C ARG D 122 21.78 -1.45 23.41
N ALA D 123 20.46 -1.38 23.32
CA ALA D 123 19.75 -0.37 24.11
C ALA D 123 19.93 -0.58 25.61
N ALA D 124 19.83 -1.83 26.07
CA ALA D 124 20.04 -2.08 27.49
C ALA D 124 21.46 -1.78 27.91
N PHE D 125 22.46 -2.14 27.09
CA PHE D 125 23.83 -1.83 27.46
C PHE D 125 24.01 -0.34 27.65
N SER D 126 23.50 0.44 26.70
CA SER D 126 23.65 1.89 26.82
C SER D 126 23.00 2.44 28.09
N ASP D 127 21.79 1.99 28.42
CA ASP D 127 21.14 2.50 29.62
C ASP D 127 21.82 2.07 30.92
N PHE D 128 22.33 0.85 30.98
CA PHE D 128 23.11 0.48 32.16
C PHE D 128 24.40 1.27 32.24
N SER D 129 25.02 1.55 31.10
CA SER D 129 26.23 2.36 31.15
C SER D 129 25.92 3.73 31.74
N LYS D 130 24.81 4.34 31.31
CA LYS D 130 24.42 5.62 31.90
C LYS D 130 24.22 5.51 33.41
N LEU D 131 23.60 4.42 33.85
CA LEU D 131 23.44 4.22 35.29
C LEU D 131 24.77 4.13 36.03
N VAL D 132 25.69 3.31 35.53
CA VAL D 132 26.95 3.14 36.25
C VAL D 132 27.76 4.43 36.28
N ARG D 133 27.81 5.17 35.18
CA ARG D 133 28.58 6.40 35.19
C ARG D 133 27.89 7.52 35.96
N GLY D 134 26.58 7.65 35.83
CA GLY D 134 25.87 8.73 36.49
C GLY D 134 25.76 8.67 38.01
N TYR D 135 25.53 7.48 38.58
CA TYR D 135 25.34 7.34 40.02
C TYR D 135 26.22 6.27 40.62
N PRO D 136 27.53 6.48 40.63
CA PRO D 136 28.45 5.45 41.13
C PRO D 136 28.16 5.00 42.55
N ASN D 137 27.53 5.83 43.37
CA ASN D 137 27.24 5.46 44.76
C ASN D 137 25.96 4.65 44.92
N SER D 138 25.17 4.47 43.87
CA SER D 138 23.92 3.73 44.00
C SER D 138 24.17 2.25 44.26
N GLN D 139 23.29 1.66 45.08
CA GLN D 139 23.37 0.25 45.42
C GLN D 139 23.13 -0.67 44.23
N TYR D 140 22.68 -0.15 43.10
CA TYR D 140 22.40 -0.98 41.93
C TYR D 140 23.60 -1.17 41.01
N THR D 141 24.69 -0.43 41.20
CA THR D 141 25.77 -0.49 40.21
C THR D 141 26.56 -1.78 40.23
N THR D 142 26.57 -2.54 41.32
CA THR D 142 27.26 -3.83 41.26
C THR D 142 26.52 -4.82 40.36
N ASP D 143 25.20 -4.87 40.48
CA ASP D 143 24.42 -5.73 39.60
C ASP D 143 24.44 -5.21 38.17
N ALA D 144 24.39 -3.90 37.98
CA ALA D 144 24.51 -3.39 36.63
C ALA D 144 25.87 -3.74 36.04
N THR D 145 26.93 -3.70 36.83
CA THR D 145 28.24 -4.10 36.32
C THR D 145 28.23 -5.54 35.82
N LYS D 146 27.63 -6.44 36.60
CA LYS D 146 27.56 -7.82 36.12
C LYS D 146 26.75 -7.95 34.84
N ARG D 147 25.65 -7.22 34.74
CA ARG D 147 24.87 -7.30 33.50
C ARG D 147 25.57 -6.63 32.33
N LEU D 148 26.35 -5.59 32.57
CA LEU D 148 27.13 -5.00 31.50
C LEU D 148 28.14 -5.98 30.94
N VAL D 149 28.81 -6.73 31.80
CA VAL D 149 29.75 -7.72 31.29
C VAL D 149 29.04 -8.79 30.47
N PHE D 150 27.92 -9.27 30.97
CA PHE D 150 27.15 -10.23 30.18
C PHE D 150 26.75 -9.67 28.82
N LEU D 151 26.19 -8.46 28.77
CA LEU D 151 25.76 -7.94 27.48
C LEU D 151 26.91 -7.72 26.50
N LYS D 152 28.04 -7.23 26.99
CA LYS D 152 29.16 -7.02 26.08
C LYS D 152 29.53 -8.33 25.41
N ASP D 153 29.59 -9.41 26.19
CA ASP D 153 29.91 -10.68 25.56
C ASP D 153 28.81 -11.20 24.65
N ARG D 154 27.55 -11.00 25.03
CA ARG D 154 26.46 -11.39 24.15
C ARG D 154 26.51 -10.70 22.80
N LEU D 155 26.99 -9.47 22.73
CA LEU D 155 27.13 -8.80 21.43
C LEU D 155 28.32 -9.30 20.62
N ALA D 156 29.45 -9.54 21.28
CA ALA D 156 30.58 -10.08 20.56
C ALA D 156 30.27 -11.43 19.94
N LYS D 157 29.45 -12.24 20.59
CA LYS D 157 29.03 -13.50 19.95
C LYS D 157 28.29 -13.27 18.63
N TYR D 158 27.45 -12.25 18.55
CA TYR D 158 26.79 -11.95 17.28
C TYR D 158 27.78 -11.59 16.19
N GLU D 159 28.75 -10.73 16.49
CA GLU D 159 29.69 -10.38 15.42
C GLU D 159 30.48 -11.61 14.97
N TYR D 160 30.84 -12.46 15.91
CA TYR D 160 31.47 -13.72 15.52
C TYR D 160 30.58 -14.54 14.60
N SER D 161 29.32 -14.69 14.94
CA SER D 161 28.45 -15.50 14.08
C SER D 161 28.41 -14.99 12.65
N VAL D 162 28.37 -13.68 12.45
CA VAL D 162 28.41 -13.16 11.09
C VAL D 162 29.74 -13.45 10.40
N ALA D 163 30.86 -13.27 11.09
CA ALA D 163 32.13 -13.63 10.47
C ALA D 163 32.21 -15.10 10.10
N GLU D 164 31.68 -15.97 10.93
CA GLU D 164 31.65 -17.38 10.59
C GLU D 164 30.82 -17.69 9.35
N TYR D 165 29.63 -17.10 9.23
CA TYR D 165 28.89 -17.30 7.99
C TYR D 165 29.66 -16.83 6.78
N TYR D 166 30.22 -15.63 6.80
CA TYR D 166 30.94 -15.23 5.59
C TYR D 166 32.13 -16.10 5.31
N THR D 167 32.77 -16.67 6.33
CA THR D 167 33.83 -17.61 6.03
C THR D 167 33.29 -18.78 5.23
N GLU D 168 32.12 -19.28 5.63
CA GLU D 168 31.50 -20.39 4.91
C GLU D 168 31.09 -20.03 3.48
N ARG D 169 30.53 -18.84 3.25
CA ARG D 169 30.17 -18.44 1.88
C ARG D 169 31.39 -18.20 1.01
N GLY D 170 32.49 -17.75 1.59
CA GLY D 170 33.73 -17.45 0.88
C GLY D 170 34.00 -15.98 0.57
N ALA D 171 33.35 -15.07 1.28
CA ALA D 171 33.54 -13.63 1.11
C ALA D 171 34.70 -13.16 1.99
N TRP D 172 35.92 -13.36 1.54
CA TRP D 172 37.03 -13.19 2.46
C TRP D 172 37.24 -11.76 2.95
N VAL D 173 36.78 -10.75 2.23
CA VAL D 173 36.94 -9.39 2.72
C VAL D 173 35.92 -9.06 3.80
N ALA D 174 34.68 -9.49 3.64
CA ALA D 174 33.73 -9.29 4.73
C ALA D 174 34.24 -9.93 6.01
N VAL D 175 34.91 -11.07 5.92
CA VAL D 175 35.45 -11.70 7.12
C VAL D 175 36.56 -10.87 7.73
N VAL D 176 37.48 -10.36 6.92
CA VAL D 176 38.58 -9.58 7.47
C VAL D 176 38.07 -8.31 8.12
N ASN D 177 37.18 -7.58 7.46
CA ASN D 177 36.68 -6.34 8.05
C ASN D 177 35.80 -6.57 9.27
N ARG D 178 35.01 -7.64 9.27
CA ARG D 178 34.18 -7.90 10.42
C ARG D 178 35.01 -8.23 11.66
N VAL D 179 36.07 -9.03 11.51
CA VAL D 179 36.93 -9.31 12.65
C VAL D 179 37.75 -8.08 13.05
N GLU D 180 38.26 -7.32 12.10
CA GLU D 180 38.95 -6.11 12.47
C GLU D 180 38.05 -5.21 13.31
N GLY D 181 36.78 -5.09 12.95
CA GLY D 181 35.85 -4.36 13.81
C GLY D 181 35.75 -4.91 15.22
N MET D 182 35.65 -6.22 15.35
CA MET D 182 35.63 -6.80 16.70
C MET D 182 36.87 -6.43 17.50
N LEU D 183 38.03 -6.34 16.84
CA LEU D 183 39.22 -5.97 17.61
C LEU D 183 39.21 -4.53 18.10
N ARG D 184 38.33 -3.68 17.57
CA ARG D 184 38.23 -2.32 18.08
C ARG D 184 37.11 -2.15 19.09
N ASP D 185 35.98 -2.80 18.89
CA ASP D 185 34.88 -2.59 19.83
C ASP D 185 34.83 -3.55 21.01
N TYR D 186 35.30 -4.79 20.90
CA TYR D 186 35.22 -5.74 22.01
C TYR D 186 36.56 -6.42 22.24
N PRO D 187 37.60 -5.66 22.57
CA PRO D 187 38.95 -6.23 22.56
C PRO D 187 39.22 -7.37 23.52
N ASP D 188 38.51 -7.48 24.64
CA ASP D 188 38.92 -8.40 25.69
C ASP D 188 37.92 -9.50 26.00
N THR D 189 36.91 -9.69 25.17
CA THR D 189 35.94 -10.75 25.37
C THR D 189 36.44 -12.07 24.80
N GLN D 190 35.74 -13.14 25.18
CA GLN D 190 36.10 -14.48 24.72
C GLN D 190 35.82 -14.66 23.24
N ALA D 191 34.73 -14.12 22.73
CA ALA D 191 34.44 -14.27 21.31
C ALA D 191 35.55 -13.66 20.46
N THR D 192 36.16 -12.56 20.90
CA THR D 192 37.27 -12.00 20.14
C THR D 192 38.50 -12.89 20.15
N ARG D 193 38.89 -13.44 21.30
CA ARG D 193 40.06 -14.31 21.29
C ARG D 193 39.86 -15.51 20.38
N ASP D 194 38.64 -16.03 20.30
CA ASP D 194 38.41 -17.14 19.39
C ASP D 194 38.14 -16.73 17.95
N ALA D 195 38.04 -15.45 17.64
CA ALA D 195 37.75 -15.05 16.28
C ALA D 195 39.00 -14.95 15.42
N LEU D 196 40.16 -14.72 16.02
CA LEU D 196 41.39 -14.49 15.27
C LEU D 196 41.73 -15.55 14.24
N PRO D 197 41.58 -16.84 14.49
CA PRO D 197 41.81 -17.82 13.41
C PRO D 197 41.06 -17.56 12.12
N LEU D 198 39.89 -16.91 12.17
CA LEU D 198 39.17 -16.61 10.95
C LEU D 198 39.86 -15.52 10.13
N MET D 199 40.43 -14.52 10.80
CA MET D 199 41.24 -13.54 10.09
C MET D 199 42.53 -14.16 9.59
N GLU D 200 43.15 -15.01 10.40
CA GLU D 200 44.37 -15.67 9.97
C GLU D 200 44.15 -16.51 8.72
N ASN D 201 42.99 -17.17 8.61
CA ASN D 201 42.67 -17.90 7.40
C ASN D 201 42.33 -16.96 6.23
N ALA D 202 41.50 -15.96 6.48
CA ALA D 202 41.10 -15.05 5.40
C ALA D 202 42.29 -14.38 4.75
N TYR D 203 43.31 -14.04 5.53
CA TYR D 203 44.53 -13.52 4.92
C TYR D 203 45.39 -14.56 4.22
N ARG D 204 45.09 -15.84 4.31
CA ARG D 204 45.80 -16.81 3.49
C ARG D 204 45.05 -17.23 2.24
N GLN D 205 43.72 -17.24 2.26
CA GLN D 205 43.01 -17.49 1.02
C GLN D 205 43.24 -16.36 0.04
N MET D 206 43.33 -15.14 0.52
CA MET D 206 43.96 -14.10 -0.26
C MET D 206 45.44 -14.22 0.05
N GLN D 207 46.27 -13.98 -0.96
CA GLN D 207 47.72 -14.10 -0.82
C GLN D 207 48.32 -12.88 -0.14
N MET D 208 48.07 -12.77 1.17
CA MET D 208 48.50 -11.62 1.97
C MET D 208 49.30 -12.14 3.17
N ASN D 209 50.36 -12.86 2.86
CA ASN D 209 51.13 -13.62 3.83
C ASN D 209 51.69 -12.79 4.99
N ALA D 210 52.09 -11.54 4.72
CA ALA D 210 52.61 -10.71 5.81
C ALA D 210 51.62 -10.52 6.95
N GLN D 211 50.33 -10.45 6.64
CA GLN D 211 49.37 -10.23 7.71
C GLN D 211 48.91 -11.53 8.32
N ALA D 212 48.91 -12.61 7.54
CA ALA D 212 48.66 -13.88 8.18
C ALA D 212 49.74 -14.17 9.21
N GLU D 213 50.99 -13.79 8.92
CA GLU D 213 52.04 -13.98 9.91
C GLU D 213 51.89 -13.06 11.10
N LYS D 214 51.48 -11.80 10.89
CA LYS D 214 51.22 -10.92 12.03
C LYS D 214 50.13 -11.48 12.93
N VAL D 215 49.05 -11.96 12.35
CA VAL D 215 47.96 -12.51 13.14
C VAL D 215 48.41 -13.79 13.85
N ALA D 216 49.17 -14.65 13.16
CA ALA D 216 49.69 -15.83 13.84
C ALA D 216 50.55 -15.47 15.05
N LYS D 217 51.34 -14.40 14.96
CA LYS D 217 52.07 -13.96 16.14
C LYS D 217 51.14 -13.50 17.26
N ILE D 218 50.05 -12.81 16.91
CA ILE D 218 49.12 -12.44 17.98
C ILE D 218 48.47 -13.67 18.60
N ILE D 219 48.08 -14.64 17.78
CA ILE D 219 47.45 -15.85 18.29
C ILE D 219 48.39 -16.60 19.22
N ALA D 220 49.64 -16.80 18.81
CA ALA D 220 50.58 -17.50 19.68
C ALA D 220 50.89 -16.72 20.95
N ALA D 221 51.13 -15.41 20.83
CA ALA D 221 51.44 -14.62 22.01
C ALA D 221 50.33 -14.63 23.06
N ASN D 222 49.08 -14.72 22.63
CA ASN D 222 47.94 -14.73 23.55
C ASN D 222 47.37 -16.11 23.78
N SER D 223 48.09 -17.15 23.41
CA SER D 223 47.60 -18.51 23.62
C SER D 223 47.57 -18.84 25.10
N SER D 224 46.61 -19.67 25.48
CA SER D 224 46.65 -20.33 26.77
C SER D 224 47.85 -21.26 26.85
N ASP E 14 17.10 -14.63 35.37
CA ASP E 14 17.64 -15.53 36.37
C ASP E 14 19.07 -15.15 36.69
N GLU E 15 19.82 -16.09 37.25
CA GLU E 15 21.22 -15.86 37.59
C GLU E 15 22.18 -16.13 36.44
N ALA E 16 21.68 -16.51 35.26
CA ALA E 16 22.59 -16.90 34.18
C ALA E 16 23.61 -15.82 33.88
N TYR E 17 23.22 -14.56 33.98
CA TYR E 17 24.17 -13.48 33.78
C TYR E 17 25.31 -13.52 34.78
N LEU E 18 25.09 -14.12 35.94
CA LEU E 18 26.15 -14.22 36.94
C LEU E 18 27.21 -15.26 36.60
N GLU E 19 26.99 -16.11 35.60
CA GLU E 19 28.00 -17.07 35.16
C GLU E 19 28.92 -16.55 34.06
N ALA E 20 28.77 -15.31 33.60
CA ALA E 20 29.59 -14.82 32.50
C ALA E 20 31.07 -14.87 32.85
N ALA E 21 31.87 -15.25 31.85
CA ALA E 21 33.31 -15.32 31.99
C ALA E 21 33.92 -13.96 32.31
N PRO E 22 34.99 -13.92 33.11
CA PRO E 22 35.67 -12.65 33.35
C PRO E 22 36.40 -12.15 32.12
N LEU E 23 36.51 -10.83 32.04
CA LEU E 23 37.19 -10.16 30.94
C LEU E 23 38.70 -10.21 31.09
N ALA E 24 39.41 -10.30 29.97
CA ALA E 24 40.87 -10.33 29.98
C ALA E 24 41.36 -9.80 28.63
N GLU E 25 42.26 -8.83 28.66
CA GLU E 25 42.79 -8.21 27.47
C GLU E 25 43.85 -9.08 26.78
N LEU E 26 44.04 -8.81 25.50
CA LEU E 26 45.09 -9.42 24.70
C LEU E 26 46.43 -8.74 24.93
N HIS E 27 47.50 -9.54 24.92
CA HIS E 27 48.84 -8.99 24.97
C HIS E 27 49.29 -8.62 23.56
N ALA E 28 50.03 -7.52 23.45
CA ALA E 28 50.59 -7.13 22.17
C ALA E 28 51.90 -7.87 21.89
N PRO E 29 52.03 -8.59 20.79
CA PRO E 29 53.32 -9.22 20.49
C PRO E 29 54.35 -8.18 20.11
N ALA E 30 55.62 -8.51 20.35
CA ALA E 30 56.71 -7.58 20.09
C ALA E 30 56.68 -7.09 18.64
N GLY E 31 56.83 -5.78 18.46
CA GLY E 31 56.87 -5.16 17.16
C GLY E 31 55.53 -4.83 16.54
N MET E 32 54.43 -5.12 17.22
CA MET E 32 53.09 -4.84 16.72
C MET E 32 52.35 -4.00 17.73
N ILE E 33 51.37 -3.23 17.26
CA ILE E 33 50.41 -2.57 18.13
C ILE E 33 49.02 -3.01 17.74
N LEU E 34 48.23 -3.43 18.73
CA LEU E 34 46.87 -3.82 18.45
C LEU E 34 46.07 -2.60 18.06
N PRO E 35 44.96 -2.77 17.36
CA PRO E 35 44.18 -1.62 16.92
C PRO E 35 43.79 -0.75 18.10
N VAL E 36 43.77 0.56 17.87
CA VAL E 36 43.32 1.48 18.90
C VAL E 36 41.82 1.32 19.05
N THR E 37 41.36 1.15 20.28
CA THR E 37 39.97 0.82 20.52
C THR E 37 39.08 2.05 20.42
N SER E 38 37.79 1.80 20.29
CA SER E 38 36.83 2.89 20.26
C SER E 38 36.48 3.28 21.69
N GLY E 39 35.84 4.43 21.82
CA GLY E 39 35.44 4.93 23.13
C GLY E 39 34.26 4.24 23.77
N ASP E 40 33.44 3.53 23.00
CA ASP E 40 32.24 2.95 23.58
C ASP E 40 32.52 1.56 24.13
N TYR E 41 31.49 0.95 24.73
CA TYR E 41 31.58 -0.40 25.27
C TYR E 41 32.73 -0.55 26.26
N ALA E 42 33.11 0.55 26.89
CA ALA E 42 34.12 0.58 27.94
C ALA E 42 33.40 0.54 29.29
N ILE E 43 33.59 -0.53 30.05
CA ILE E 43 32.93 -0.68 31.34
C ILE E 43 33.82 -0.04 32.42
N PRO E 44 33.33 0.97 33.14
CA PRO E 44 34.17 1.61 34.16
C PRO E 44 34.32 0.73 35.39
N VAL E 45 35.35 1.04 36.17
CA VAL E 45 35.59 0.36 37.45
C VAL E 45 34.62 0.86 38.51
N THR E 46 33.96 -0.09 39.18
CA THR E 46 33.01 0.21 40.25
C THR E 46 33.42 -0.52 41.52
N ASN E 47 32.85 -0.07 42.65
CA ASN E 47 33.20 -0.64 43.95
C ASN E 47 32.70 -2.07 44.14
N GLY E 48 31.55 -2.43 43.56
CA GLY E 48 31.05 -3.78 43.72
C GLY E 48 30.50 -4.11 45.10
N SER E 49 30.12 -3.09 45.87
CA SER E 49 29.69 -3.26 47.25
C SER E 49 28.24 -3.73 47.40
N GLY E 50 27.42 -3.70 46.35
CA GLY E 50 26.02 -4.03 46.47
C GLY E 50 25.68 -5.51 46.35
N ALA E 51 24.38 -5.78 46.45
CA ALA E 51 23.82 -7.11 46.32
C ALA E 51 23.69 -7.50 44.85
N VAL E 52 23.66 -8.80 44.58
CA VAL E 52 23.47 -9.32 43.24
C VAL E 52 22.36 -10.36 43.19
N GLY E 53 21.77 -10.49 42.01
CA GLY E 53 20.75 -11.49 41.74
C GLY E 53 19.52 -11.42 42.62
N LYS E 54 19.14 -12.57 43.18
CA LYS E 54 17.96 -12.65 44.03
C LYS E 54 18.13 -11.89 45.33
N ALA E 55 19.35 -11.52 45.68
CA ALA E 55 19.62 -10.80 46.92
C ALA E 55 19.21 -9.34 46.82
N LEU E 56 18.97 -8.82 45.62
CA LEU E 56 18.71 -7.42 45.42
C LEU E 56 17.23 -7.08 45.59
N ASP E 57 16.97 -6.04 46.38
CA ASP E 57 15.65 -5.51 46.74
C ASP E 57 15.06 -4.71 45.59
N ILE E 58 14.52 -5.41 44.61
CA ILE E 58 13.98 -4.75 43.41
C ILE E 58 12.53 -4.42 43.71
N ARG E 59 12.27 -3.17 44.06
CA ARG E 59 10.91 -2.72 44.33
C ARG E 59 10.92 -1.21 44.49
N PRO E 60 9.76 -0.56 44.43
CA PRO E 60 9.67 0.87 44.70
C PRO E 60 10.28 1.22 46.05
N PRO E 61 11.26 2.14 46.08
CA PRO E 61 11.91 2.56 47.33
C PRO E 61 10.90 3.01 48.38
N ASP F 195 -6.86 -8.71 29.17
CA ASP F 195 -6.33 -9.70 28.23
C ASP F 195 -7.18 -10.97 28.22
N TRP F 196 -7.22 -11.69 29.33
CA TRP F 196 -7.97 -12.93 29.36
C TRP F 196 -9.47 -12.71 29.29
N LYS F 197 -10.13 -13.55 28.49
CA LYS F 197 -11.57 -13.53 28.34
C LYS F 197 -12.05 -14.97 28.26
N VAL F 198 -13.30 -15.21 28.69
CA VAL F 198 -13.88 -16.54 28.57
C VAL F 198 -14.12 -16.82 27.09
N LEU F 241 -17.23 -22.84 29.37
CA LEU F 241 -16.73 -24.18 29.12
C LEU F 241 -15.51 -24.16 28.20
N ASN F 242 -15.11 -22.95 27.80
CA ASN F 242 -13.94 -22.76 26.96
C ASN F 242 -13.41 -21.37 27.24
N ALA F 243 -12.20 -21.10 26.74
CA ALA F 243 -11.62 -19.77 26.92
C ALA F 243 -10.48 -19.57 25.94
N GLU F 244 -10.13 -18.30 25.74
CA GLU F 244 -8.95 -17.92 24.98
C GLU F 244 -8.01 -17.16 25.90
N ILE F 245 -6.71 -17.40 25.72
CA ILE F 245 -5.69 -16.84 26.59
C ILE F 245 -5.22 -15.53 25.99
N ARG F 246 -4.68 -15.61 24.79
CA ARG F 246 -4.25 -14.43 24.06
C ARG F 246 -4.23 -14.81 22.59
N ASP F 247 -3.50 -14.05 21.79
CA ASP F 247 -3.15 -14.53 20.47
C ASP F 247 -2.31 -15.79 20.60
N ASN F 248 -2.46 -16.69 19.65
CA ASN F 248 -1.70 -17.92 19.49
C ASN F 248 -2.18 -19.08 20.36
N VAL F 249 -3.17 -18.91 21.24
CA VAL F 249 -3.49 -19.94 22.21
C VAL F 249 -5.00 -19.99 22.42
N ARG F 250 -5.58 -21.14 22.18
CA ARG F 250 -7.01 -21.33 22.43
C ARG F 250 -7.19 -22.66 23.13
N PHE F 251 -8.13 -22.72 24.05
CA PHE F 251 -8.42 -23.94 24.77
C PHE F 251 -9.92 -24.14 24.83
N GLY F 252 -10.36 -25.38 24.72
CA GLY F 252 -11.76 -25.70 24.91
C GLY F 252 -11.90 -27.00 25.67
N LEU F 253 -12.81 -27.04 26.63
CA LEU F 253 -13.07 -28.24 27.40
C LEU F 253 -14.33 -28.97 26.95
N GLU F 254 -15.44 -28.24 26.80
CA GLU F 254 -16.70 -28.83 26.37
C GLU F 254 -16.96 -30.17 27.05
N ALA F 268 -17.42 -38.45 24.86
CA ALA F 268 -17.72 -37.97 26.20
C ALA F 268 -17.10 -36.59 26.43
N VAL F 269 -15.87 -36.41 25.97
CA VAL F 269 -15.17 -35.13 26.08
C VAL F 269 -14.57 -34.77 24.73
N ASN F 270 -14.37 -33.46 24.53
CA ASN F 270 -13.69 -32.94 23.36
C ASN F 270 -12.57 -31.98 23.74
N ALA F 271 -11.98 -32.15 24.91
CA ALA F 271 -10.98 -31.19 25.37
C ALA F 271 -9.83 -31.11 24.39
N ASN F 272 -9.44 -29.89 24.02
CA ASN F 272 -8.35 -29.68 23.07
C ASN F 272 -7.81 -28.27 23.26
N PHE F 273 -6.64 -28.02 22.69
CA PHE F 273 -6.16 -26.65 22.63
C PHE F 273 -5.19 -26.53 21.48
N ARG F 274 -4.91 -25.29 21.12
CA ARG F 274 -3.98 -24.98 20.06
C ARG F 274 -3.00 -23.98 20.62
N TYR F 275 -1.75 -24.11 20.18
CA TYR F 275 -0.69 -23.17 20.51
C TYR F 275 0.18 -22.96 19.29
N CYS F 276 0.09 -21.77 18.73
CA CYS F 276 0.82 -21.37 17.54
C CYS F 276 2.16 -20.78 17.93
N PHE F 277 3.15 -20.96 17.07
CA PHE F 277 4.50 -20.56 17.39
C PHE F 277 4.70 -19.30 16.61
#